data_6C51
# 
_entry.id   6C51 
# 
_audit_conform.dict_name       mmcif_pdbx.dic 
_audit_conform.dict_version    5.398 
_audit_conform.dict_location   http://mmcif.pdb.org/dictionaries/ascii/mmcif_pdbx.dic 
# 
loop_
_database_2.database_id 
_database_2.database_code 
_database_2.pdbx_database_accession 
_database_2.pdbx_DOI 
PDB   6C51         pdb_00006c51 10.2210/pdb6c51/pdb 
WWPDB D_1000232047 ?            ?                   
# 
loop_
_pdbx_audit_revision_history.ordinal 
_pdbx_audit_revision_history.data_content_type 
_pdbx_audit_revision_history.major_revision 
_pdbx_audit_revision_history.minor_revision 
_pdbx_audit_revision_history.revision_date 
1 'Structure model' 1 0 2018-08-15 
2 'Structure model' 1 1 2018-08-29 
3 'Structure model' 1 2 2019-12-18 
4 'Structure model' 1 3 2024-11-06 
# 
_pdbx_audit_revision_details.ordinal             1 
_pdbx_audit_revision_details.revision_ordinal    1 
_pdbx_audit_revision_details.data_content_type   'Structure model' 
_pdbx_audit_revision_details.provider            repository 
_pdbx_audit_revision_details.type                'Initial release' 
_pdbx_audit_revision_details.description         ? 
_pdbx_audit_revision_details.details             ? 
# 
loop_
_pdbx_audit_revision_group.ordinal 
_pdbx_audit_revision_group.revision_ordinal 
_pdbx_audit_revision_group.data_content_type 
_pdbx_audit_revision_group.group 
1 2 'Structure model' 'Data collection'            
2 2 'Structure model' 'Database references'        
3 3 'Structure model' 'Author supporting evidence' 
4 4 'Structure model' 'Data collection'            
5 4 'Structure model' 'Database references'        
6 4 'Structure model' 'Structure summary'          
# 
loop_
_pdbx_audit_revision_category.ordinal 
_pdbx_audit_revision_category.revision_ordinal 
_pdbx_audit_revision_category.data_content_type 
_pdbx_audit_revision_category.category 
1 2 'Structure model' citation                  
2 3 'Structure model' pdbx_audit_support        
3 4 'Structure model' chem_comp_atom            
4 4 'Structure model' chem_comp_bond            
5 4 'Structure model' database_2                
6 4 'Structure model' pdbx_entry_details        
7 4 'Structure model' pdbx_modification_feature 
# 
loop_
_pdbx_audit_revision_item.ordinal 
_pdbx_audit_revision_item.revision_ordinal 
_pdbx_audit_revision_item.data_content_type 
_pdbx_audit_revision_item.item 
1 2 'Structure model' '_citation.journal_volume'                 
2 2 'Structure model' '_citation.page_first'                     
3 2 'Structure model' '_citation.page_last'                      
4 3 'Structure model' '_pdbx_audit_support.funding_organization' 
5 4 'Structure model' '_database_2.pdbx_DOI'                     
6 4 'Structure model' '_database_2.pdbx_database_accession'      
# 
_pdbx_database_status.status_code                     REL 
_pdbx_database_status.status_code_sf                  REL 
_pdbx_database_status.status_code_mr                  ? 
_pdbx_database_status.entry_id                        6C51 
_pdbx_database_status.recvd_initial_deposition_date   2018-01-13 
_pdbx_database_status.SG_entry                        N 
_pdbx_database_status.deposit_site                    RCSB 
_pdbx_database_status.process_site                    RCSB 
_pdbx_database_status.status_code_cs                  ? 
_pdbx_database_status.methods_development_category    ? 
_pdbx_database_status.pdb_format_compatible           Y 
_pdbx_database_status.status_code_nmr_data            ? 
# 
loop_
_audit_author.name 
_audit_author.pdbx_ordinal 
_audit_author.identifier_ORCID 
'Liu, L.'     1 ? 
'Zhang, S.Q.' 2 ? 
# 
_citation.abstract                  ? 
_citation.abstract_id_CAS           ? 
_citation.book_id_ISBN              ? 
_citation.book_publisher            ? 
_citation.book_publisher_city       ? 
_citation.book_title                ? 
_citation.coordinate_linkage        ? 
_citation.country                   US 
_citation.database_id_Medline       ? 
_citation.details                   ? 
_citation.id                        primary 
_citation.journal_abbrev            'Nat. Chem. Biol.' 
_citation.journal_id_ASTM           ? 
_citation.journal_id_CSD            ? 
_citation.journal_id_ISSN           1552-4469 
_citation.journal_full              ? 
_citation.journal_issue             ? 
_citation.journal_volume            14 
_citation.language                  ? 
_citation.page_first                870 
_citation.page_last                 875 
_citation.title                     'Designed peptides that assemble into cross-alpha amyloid-like structures.' 
_citation.year                      2018 
_citation.database_id_CSD           ? 
_citation.pdbx_database_id_DOI      10.1038/s41589-018-0105-5 
_citation.pdbx_database_id_PubMed   30061717 
_citation.unpublished_flag          ? 
# 
loop_
_citation_author.citation_id 
_citation_author.name 
_citation_author.ordinal 
_citation_author.identifier_ORCID 
primary 'Zhang, S.Q.'      1 0000-0001-5853-592X 
primary 'Huang, H.'        2 0000-0003-2331-6238 
primary 'Yang, J.'         3 0000-0003-4844-2492 
primary 'Kratochvil, H.T.' 4 0000-0001-8039-6823 
primary 'Lolicato, M.'     5 0000-0002-2022-7961 
primary 'Liu, Y.'          6 0000-0002-2253-3698 
primary 'Shu, X.'          7 ?                   
primary 'Liu, L.'          8 0000-0003-0514-281X 
primary 'DeGrado, W.F.'    9 0000-0003-4745-263X 
# 
loop_
_entity.id 
_entity.type 
_entity.src_method 
_entity.pdbx_description 
_entity.formula_weight 
_entity.pdbx_number_of_molecules 
_entity.pdbx_ec 
_entity.pdbx_mutation 
_entity.pdbx_fragment 
_entity.details 
1 polymer     syn 'Cross-alpha Amyloid-like Structure alphaAmL' 2974.649 4  ? ? ? ? 
2 non-polymer syn 'PHOSPHATE ION'                               94.971   6  ? ? ? ? 
3 non-polymer syn '(4S)-2-METHYL-2,4-PENTANEDIOL'               118.174  1  ? ? ? ? 
4 water       nat water                                         18.015   15 ? ? ? ? 
# 
_entity_poly.entity_id                      1 
_entity_poly.type                           'polypeptide(L)' 
_entity_poly.nstd_linkage                   no 
_entity_poly.nstd_monomer                   yes 
_entity_poly.pdbx_seq_one_letter_code       '(ACE)SKLLELLRKLLEALHKAIELLEKWG(NH2)' 
_entity_poly.pdbx_seq_one_letter_code_can   XSKLLELLRKLLEALHKAIELLEKWGX 
_entity_poly.pdbx_strand_id                 A,C,B,D 
_entity_poly.pdbx_target_identifier         ? 
# 
loop_
_pdbx_entity_nonpoly.entity_id 
_pdbx_entity_nonpoly.name 
_pdbx_entity_nonpoly.comp_id 
2 'PHOSPHATE ION'                 PO4 
3 '(4S)-2-METHYL-2,4-PENTANEDIOL' MPD 
4 water                           HOH 
# 
loop_
_entity_poly_seq.entity_id 
_entity_poly_seq.num 
_entity_poly_seq.mon_id 
_entity_poly_seq.hetero 
1 1  ACE n 
1 2  SER n 
1 3  LYS n 
1 4  LEU n 
1 5  LEU n 
1 6  GLU n 
1 7  LEU n 
1 8  LEU n 
1 9  ARG n 
1 10 LYS n 
1 11 LEU n 
1 12 LEU n 
1 13 GLU n 
1 14 ALA n 
1 15 LEU n 
1 16 HIS n 
1 17 LYS n 
1 18 ALA n 
1 19 ILE n 
1 20 GLU n 
1 21 LEU n 
1 22 LEU n 
1 23 GLU n 
1 24 LYS n 
1 25 TRP n 
1 26 GLY n 
1 27 NH2 n 
# 
_pdbx_entity_src_syn.entity_id              1 
_pdbx_entity_src_syn.pdbx_src_id            1 
_pdbx_entity_src_syn.pdbx_alt_source_flag   sample 
_pdbx_entity_src_syn.pdbx_beg_seq_num       ? 
_pdbx_entity_src_syn.pdbx_end_seq_num       ? 
_pdbx_entity_src_syn.organism_scientific    'synthetic construct' 
_pdbx_entity_src_syn.organism_common_name   ? 
_pdbx_entity_src_syn.ncbi_taxonomy_id       32630 
_pdbx_entity_src_syn.details                ? 
# 
loop_
_chem_comp.id 
_chem_comp.type 
_chem_comp.mon_nstd_flag 
_chem_comp.name 
_chem_comp.pdbx_synonyms 
_chem_comp.formula 
_chem_comp.formula_weight 
ACE non-polymer         . 'ACETYL GROUP'                  ? 'C2 H4 O'        44.053  
ALA 'L-peptide linking' y ALANINE                         ? 'C3 H7 N O2'     89.093  
ARG 'L-peptide linking' y ARGININE                        ? 'C6 H15 N4 O2 1' 175.209 
GLU 'L-peptide linking' y 'GLUTAMIC ACID'                 ? 'C5 H9 N O4'     147.129 
GLY 'peptide linking'   y GLYCINE                         ? 'C2 H5 N O2'     75.067  
HIS 'L-peptide linking' y HISTIDINE                       ? 'C6 H10 N3 O2 1' 156.162 
HOH non-polymer         . WATER                           ? 'H2 O'           18.015  
ILE 'L-peptide linking' y ISOLEUCINE                      ? 'C6 H13 N O2'    131.173 
LEU 'L-peptide linking' y LEUCINE                         ? 'C6 H13 N O2'    131.173 
LYS 'L-peptide linking' y LYSINE                          ? 'C6 H15 N2 O2 1' 147.195 
MPD non-polymer         . '(4S)-2-METHYL-2,4-PENTANEDIOL' ? 'C6 H14 O2'      118.174 
NH2 non-polymer         . 'AMINO GROUP'                   ? 'H2 N'           16.023  
PO4 non-polymer         . 'PHOSPHATE ION'                 ? 'O4 P -3'        94.971  
SER 'L-peptide linking' y SERINE                          ? 'C3 H7 N O3'     105.093 
TRP 'L-peptide linking' y TRYPTOPHAN                      ? 'C11 H12 N2 O2'  204.225 
# 
loop_
_pdbx_poly_seq_scheme.asym_id 
_pdbx_poly_seq_scheme.entity_id 
_pdbx_poly_seq_scheme.seq_id 
_pdbx_poly_seq_scheme.mon_id 
_pdbx_poly_seq_scheme.ndb_seq_num 
_pdbx_poly_seq_scheme.pdb_seq_num 
_pdbx_poly_seq_scheme.auth_seq_num 
_pdbx_poly_seq_scheme.pdb_mon_id 
_pdbx_poly_seq_scheme.auth_mon_id 
_pdbx_poly_seq_scheme.pdb_strand_id 
_pdbx_poly_seq_scheme.pdb_ins_code 
_pdbx_poly_seq_scheme.hetero 
A 1 1  ACE 1  0  0  ACE ACE A . n 
A 1 2  SER 2  1  1  SER SER A . n 
A 1 3  LYS 3  2  2  LYS LYS A . n 
A 1 4  LEU 4  3  3  LEU LEU A . n 
A 1 5  LEU 5  4  4  LEU LEU A . n 
A 1 6  GLU 6  5  5  GLU GLU A . n 
A 1 7  LEU 7  6  6  LEU LEU A . n 
A 1 8  LEU 8  7  7  LEU LEU A . n 
A 1 9  ARG 9  8  8  ARG ARG A . n 
A 1 10 LYS 10 9  9  LYS LYS A . n 
A 1 11 LEU 11 10 10 LEU LEU A . n 
A 1 12 LEU 12 11 11 LEU LEU A . n 
A 1 13 GLU 13 12 12 GLU GLU A . n 
A 1 14 ALA 14 13 13 ALA ALA A . n 
A 1 15 LEU 15 14 14 LEU LEU A . n 
A 1 16 HIS 16 15 15 HIS HIS A . n 
A 1 17 LYS 17 16 16 LYS LYS A . n 
A 1 18 ALA 18 17 17 ALA ALA A . n 
A 1 19 ILE 19 18 18 ILE ILE A . n 
A 1 20 GLU 20 19 19 GLU GLU A . n 
A 1 21 LEU 21 20 20 LEU LEU A . n 
A 1 22 LEU 22 21 21 LEU LEU A . n 
A 1 23 GLU 23 22 22 GLU GLU A . n 
A 1 24 LYS 24 23 23 LYS LYS A . n 
A 1 25 TRP 25 24 24 TRP TRP A . n 
A 1 26 GLY 26 25 25 GLY GLY A . n 
A 1 27 NH2 27 26 26 NH2 NH2 A . n 
B 1 1  ACE 1  0  0  ACE ACE C . n 
B 1 2  SER 2  1  1  SER SER C . n 
B 1 3  LYS 3  2  2  LYS LYS C . n 
B 1 4  LEU 4  3  3  LEU LEU C . n 
B 1 5  LEU 5  4  4  LEU LEU C . n 
B 1 6  GLU 6  5  5  GLU GLU C . n 
B 1 7  LEU 7  6  6  LEU LEU C . n 
B 1 8  LEU 8  7  7  LEU LEU C . n 
B 1 9  ARG 9  8  8  ARG ARG C . n 
B 1 10 LYS 10 9  9  LYS LYS C . n 
B 1 11 LEU 11 10 10 LEU LEU C . n 
B 1 12 LEU 12 11 11 LEU LEU C . n 
B 1 13 GLU 13 12 12 GLU GLU C . n 
B 1 14 ALA 14 13 13 ALA ALA C . n 
B 1 15 LEU 15 14 14 LEU LEU C . n 
B 1 16 HIS 16 15 15 HIS HIS C . n 
B 1 17 LYS 17 16 16 LYS LYS C . n 
B 1 18 ALA 18 17 17 ALA ALA C . n 
B 1 19 ILE 19 18 18 ILE ILE C . n 
B 1 20 GLU 20 19 19 GLU GLU C . n 
B 1 21 LEU 21 20 20 LEU LEU C . n 
B 1 22 LEU 22 21 21 LEU LEU C . n 
B 1 23 GLU 23 22 22 GLU GLU C . n 
B 1 24 LYS 24 23 23 LYS LYS C . n 
B 1 25 TRP 25 24 24 TRP TRP C . n 
B 1 26 GLY 26 25 25 GLY GLY C . n 
B 1 27 NH2 27 26 26 NH2 NH2 C . n 
C 1 1  ACE 1  0  0  ACE ACE B . n 
C 1 2  SER 2  1  1  SER SER B . n 
C 1 3  LYS 3  2  2  LYS LYS B . n 
C 1 4  LEU 4  3  3  LEU LEU B . n 
C 1 5  LEU 5  4  4  LEU LEU B . n 
C 1 6  GLU 6  5  5  GLU GLU B . n 
C 1 7  LEU 7  6  6  LEU LEU B . n 
C 1 8  LEU 8  7  7  LEU LEU B . n 
C 1 9  ARG 9  8  8  ARG ARG B . n 
C 1 10 LYS 10 9  9  LYS LYS B . n 
C 1 11 LEU 11 10 10 LEU LEU B . n 
C 1 12 LEU 12 11 11 LEU LEU B . n 
C 1 13 GLU 13 12 12 GLU GLU B . n 
C 1 14 ALA 14 13 13 ALA ALA B . n 
C 1 15 LEU 15 14 14 LEU LEU B . n 
C 1 16 HIS 16 15 15 HIS HIS B . n 
C 1 17 LYS 17 16 16 LYS LYS B . n 
C 1 18 ALA 18 17 17 ALA ALA B . n 
C 1 19 ILE 19 18 18 ILE ILE B . n 
C 1 20 GLU 20 19 19 GLU GLU B . n 
C 1 21 LEU 21 20 20 LEU LEU B . n 
C 1 22 LEU 22 21 21 LEU LEU B . n 
C 1 23 GLU 23 22 22 GLU GLU B . n 
C 1 24 LYS 24 23 23 LYS LYS B . n 
C 1 25 TRP 25 24 24 TRP TRP B . n 
C 1 26 GLY 26 25 25 GLY GLY B . n 
C 1 27 NH2 27 26 26 NH2 NH2 B . n 
D 1 1  ACE 1  0  0  ACE ACE D . n 
D 1 2  SER 2  1  1  SER SER D . n 
D 1 3  LYS 3  2  2  LYS LYS D . n 
D 1 4  LEU 4  3  3  LEU LEU D . n 
D 1 5  LEU 5  4  4  LEU LEU D . n 
D 1 6  GLU 6  5  5  GLU GLU D . n 
D 1 7  LEU 7  6  6  LEU LEU D . n 
D 1 8  LEU 8  7  7  LEU LEU D . n 
D 1 9  ARG 9  8  8  ARG ARG D . n 
D 1 10 LYS 10 9  9  LYS LYS D . n 
D 1 11 LEU 11 10 10 LEU LEU D . n 
D 1 12 LEU 12 11 11 LEU LEU D . n 
D 1 13 GLU 13 12 12 GLU GLU D . n 
D 1 14 ALA 14 13 13 ALA ALA D . n 
D 1 15 LEU 15 14 14 LEU LEU D . n 
D 1 16 HIS 16 15 15 HIS HIS D . n 
D 1 17 LYS 17 16 16 LYS LYS D . n 
D 1 18 ALA 18 17 17 ALA ALA D . n 
D 1 19 ILE 19 18 18 ILE ILE D . n 
D 1 20 GLU 20 19 19 GLU GLU D . n 
D 1 21 LEU 21 20 20 LEU LEU D . n 
D 1 22 LEU 22 21 21 LEU LEU D . n 
D 1 23 GLU 23 22 22 GLU GLU D . n 
D 1 24 LYS 24 23 23 LYS LYS D . n 
D 1 25 TRP 25 24 24 TRP TRP D . n 
D 1 26 GLY 26 25 ?  ?   ?   D . n 
D 1 27 NH2 27 26 ?  ?   ?   D . n 
# 
loop_
_pdbx_nonpoly_scheme.asym_id 
_pdbx_nonpoly_scheme.entity_id 
_pdbx_nonpoly_scheme.mon_id 
_pdbx_nonpoly_scheme.ndb_seq_num 
_pdbx_nonpoly_scheme.pdb_seq_num 
_pdbx_nonpoly_scheme.auth_seq_num 
_pdbx_nonpoly_scheme.pdb_mon_id 
_pdbx_nonpoly_scheme.auth_mon_id 
_pdbx_nonpoly_scheme.pdb_strand_id 
_pdbx_nonpoly_scheme.pdb_ins_code 
E 2 PO4 1 101 1  PO4 PO4 A . 
F 2 PO4 1 102 2  PO4 PO4 A . 
G 2 PO4 1 103 3  PO4 PO4 A . 
H 2 PO4 1 101 4  PO4 PO4 B . 
I 2 PO4 1 101 5  PO4 PO4 D . 
J 2 PO4 1 102 6  PO4 PO4 D . 
K 3 MPD 1 103 1  MPD MPD D . 
L 4 HOH 1 201 12 HOH HOH A . 
L 4 HOH 2 202 11 HOH HOH A . 
L 4 HOH 3 203 4  HOH HOH A . 
L 4 HOH 4 204 1  HOH HOH A . 
M 4 HOH 1 101 2  HOH HOH C . 
M 4 HOH 2 102 9  HOH HOH C . 
M 4 HOH 3 103 5  HOH HOH C . 
M 4 HOH 4 104 3  HOH HOH C . 
N 4 HOH 1 201 6  HOH HOH B . 
N 4 HOH 2 202 14 HOH HOH B . 
O 4 HOH 1 201 10 HOH HOH D . 
O 4 HOH 2 202 13 HOH HOH D . 
O 4 HOH 3 203 8  HOH HOH D . 
O 4 HOH 4 204 7  HOH HOH D . 
O 4 HOH 5 205 15 HOH HOH D . 
# 
loop_
_pdbx_unobs_or_zero_occ_atoms.id 
_pdbx_unobs_or_zero_occ_atoms.PDB_model_num 
_pdbx_unobs_or_zero_occ_atoms.polymer_flag 
_pdbx_unobs_or_zero_occ_atoms.occupancy_flag 
_pdbx_unobs_or_zero_occ_atoms.auth_asym_id 
_pdbx_unobs_or_zero_occ_atoms.auth_comp_id 
_pdbx_unobs_or_zero_occ_atoms.auth_seq_id 
_pdbx_unobs_or_zero_occ_atoms.PDB_ins_code 
_pdbx_unobs_or_zero_occ_atoms.auth_atom_id 
_pdbx_unobs_or_zero_occ_atoms.label_alt_id 
_pdbx_unobs_or_zero_occ_atoms.label_asym_id 
_pdbx_unobs_or_zero_occ_atoms.label_comp_id 
_pdbx_unobs_or_zero_occ_atoms.label_seq_id 
_pdbx_unobs_or_zero_occ_atoms.label_atom_id 
1  1 Y 1 A GLU 5  ? CD  ? A GLU 6  CD  
2  1 Y 1 A GLU 5  ? OE1 ? A GLU 6  OE1 
3  1 Y 1 A GLU 5  ? OE2 ? A GLU 6  OE2 
4  1 Y 1 B GLU 5  ? CG  ? C GLU 6  CG  
5  1 Y 1 B GLU 5  ? CD  ? C GLU 6  CD  
6  1 Y 1 B GLU 5  ? OE1 ? C GLU 6  OE1 
7  1 Y 1 B GLU 5  ? OE2 ? C GLU 6  OE2 
8  1 Y 1 B ARG 8  ? CD  ? C ARG 9  CD  
9  1 Y 1 B ARG 8  ? NE  ? C ARG 9  NE  
10 1 Y 1 B ARG 8  ? CZ  ? C ARG 9  CZ  
11 1 Y 1 B ARG 8  ? NH1 ? C ARG 9  NH1 
12 1 Y 1 B ARG 8  ? NH2 ? C ARG 9  NH2 
13 1 Y 1 D LYS 2  ? CD  ? D LYS 3  CD  
14 1 Y 1 D LYS 2  ? CE  ? D LYS 3  CE  
15 1 Y 1 D LYS 2  ? NZ  ? D LYS 3  NZ  
16 1 Y 1 D GLU 5  ? CD  ? D GLU 6  CD  
17 1 Y 1 D GLU 5  ? OE1 ? D GLU 6  OE1 
18 1 Y 1 D GLU 5  ? OE2 ? D GLU 6  OE2 
19 1 Y 1 D TRP 24 ? CG  ? D TRP 25 CG  
20 1 Y 1 D TRP 24 ? CD1 ? D TRP 25 CD1 
21 1 Y 1 D TRP 24 ? CD2 ? D TRP 25 CD2 
22 1 Y 1 D TRP 24 ? NE1 ? D TRP 25 NE1 
23 1 Y 1 D TRP 24 ? CE2 ? D TRP 25 CE2 
24 1 Y 1 D TRP 24 ? CE3 ? D TRP 25 CE3 
25 1 Y 1 D TRP 24 ? CZ2 ? D TRP 25 CZ2 
26 1 Y 1 D TRP 24 ? CZ3 ? D TRP 25 CZ3 
27 1 Y 1 D TRP 24 ? CH2 ? D TRP 25 CH2 
# 
loop_
_software.citation_id 
_software.classification 
_software.compiler_name 
_software.compiler_version 
_software.contact_author 
_software.contact_author_email 
_software.date 
_software.description 
_software.dependencies 
_software.hardware 
_software.language 
_software.location 
_software.mods 
_software.name 
_software.os 
_software.os_version 
_software.type 
_software.version 
_software.pdbx_ordinal 
? refinement       ? ? ? ? ? ? ? ? ? ? ? REFMAC ? ? ? 5.8.0158 1 
? 'data reduction' ? ? ? ? ? ? ? ? ? ? ? XDS    ? ? ? .        2 
? 'data scaling'   ? ? ? ? ? ? ? ? ? ? ? XDS    ? ? ? .        3 
? phasing          ? ? ? ? ? ? ? ? ? ? ? MOLREP ? ? ? .        4 
# 
_cell.angle_alpha                  90.00 
_cell.angle_alpha_esd              ? 
_cell.angle_beta                   90.00 
_cell.angle_beta_esd               ? 
_cell.angle_gamma                  120.00 
_cell.angle_gamma_esd              ? 
_cell.entry_id                     6C51 
_cell.details                      ? 
_cell.formula_units_Z              ? 
_cell.length_a                     53.210 
_cell.length_a_esd                 ? 
_cell.length_b                     53.210 
_cell.length_b_esd                 ? 
_cell.length_c                     134.775 
_cell.length_c_esd                 ? 
_cell.volume                       ? 
_cell.volume_esd                   ? 
_cell.Z_PDB                        48 
_cell.reciprocal_angle_alpha       ? 
_cell.reciprocal_angle_beta        ? 
_cell.reciprocal_angle_gamma       ? 
_cell.reciprocal_angle_alpha_esd   ? 
_cell.reciprocal_angle_beta_esd    ? 
_cell.reciprocal_angle_gamma_esd   ? 
_cell.reciprocal_length_a          ? 
_cell.reciprocal_length_b          ? 
_cell.reciprocal_length_c          ? 
_cell.reciprocal_length_a_esd      ? 
_cell.reciprocal_length_b_esd      ? 
_cell.reciprocal_length_c_esd      ? 
_cell.pdbx_unique_axis             ? 
# 
_symmetry.entry_id                         6C51 
_symmetry.cell_setting                     ? 
_symmetry.Int_Tables_number                179 
_symmetry.space_group_name_Hall            ? 
_symmetry.space_group_name_H-M             'P 65 2 2' 
_symmetry.pdbx_full_space_group_name_H-M   ? 
# 
_exptl.absorpt_coefficient_mu     ? 
_exptl.absorpt_correction_T_max   ? 
_exptl.absorpt_correction_T_min   ? 
_exptl.absorpt_correction_type    ? 
_exptl.absorpt_process_details    ? 
_exptl.entry_id                   6C51 
_exptl.crystals_number            1 
_exptl.details                    ? 
_exptl.method                     'X-RAY DIFFRACTION' 
_exptl.method_details             ? 
# 
_exptl_crystal.colour                      ? 
_exptl_crystal.density_diffrn              ? 
_exptl_crystal.density_Matthews            2.31 
_exptl_crystal.density_method              ? 
_exptl_crystal.density_percent_sol         46.86 
_exptl_crystal.description                 ? 
_exptl_crystal.F_000                       ? 
_exptl_crystal.id                          1 
_exptl_crystal.preparation                 ? 
_exptl_crystal.size_max                    ? 
_exptl_crystal.size_mid                    ? 
_exptl_crystal.size_min                    ? 
_exptl_crystal.size_rad                    ? 
_exptl_crystal.colour_lustre               ? 
_exptl_crystal.colour_modifier             ? 
_exptl_crystal.colour_primary              ? 
_exptl_crystal.density_meas                ? 
_exptl_crystal.density_meas_esd            ? 
_exptl_crystal.density_meas_gt             ? 
_exptl_crystal.density_meas_lt             ? 
_exptl_crystal.density_meas_temp           ? 
_exptl_crystal.density_meas_temp_esd       ? 
_exptl_crystal.density_meas_temp_gt        ? 
_exptl_crystal.density_meas_temp_lt        ? 
_exptl_crystal.pdbx_crystal_image_url      ? 
_exptl_crystal.pdbx_crystal_image_format   ? 
_exptl_crystal.pdbx_mosaicity              ? 
_exptl_crystal.pdbx_mosaicity_esd          ? 
# 
_exptl_crystal_grow.apparatus       ? 
_exptl_crystal_grow.atmosphere      ? 
_exptl_crystal_grow.crystal_id      1 
_exptl_crystal_grow.details         ? 
_exptl_crystal_grow.method          'VAPOR DIFFUSION, HANGING DROP' 
_exptl_crystal_grow.method_ref      ? 
_exptl_crystal_grow.pH              ? 
_exptl_crystal_grow.pressure        ? 
_exptl_crystal_grow.pressure_esd    ? 
_exptl_crystal_grow.seeding         ? 
_exptl_crystal_grow.seeding_ref     ? 
_exptl_crystal_grow.temp            298 
_exptl_crystal_grow.temp_details    ? 
_exptl_crystal_grow.temp_esd        ? 
_exptl_crystal_grow.time            ? 
_exptl_crystal_grow.pdbx_details    '45% MPD, 0.6 M NaH2PO4' 
_exptl_crystal_grow.pdbx_pH_range   ? 
# 
_diffrn.ambient_environment    ? 
_diffrn.ambient_temp           100 
_diffrn.ambient_temp_details   ? 
_diffrn.ambient_temp_esd       ? 
_diffrn.crystal_id             1 
_diffrn.crystal_support        ? 
_diffrn.crystal_treatment      ? 
_diffrn.details                ? 
_diffrn.id                     1 
_diffrn.ambient_pressure       ? 
_diffrn.ambient_pressure_esd   ? 
_diffrn.ambient_pressure_gt    ? 
_diffrn.ambient_pressure_lt    ? 
_diffrn.ambient_temp_gt        ? 
_diffrn.ambient_temp_lt        ? 
# 
_diffrn_detector.details                      ? 
_diffrn_detector.detector                     PIXEL 
_diffrn_detector.diffrn_id                    1 
_diffrn_detector.type                         'DECTRIS PILATUS3 S 6M' 
_diffrn_detector.area_resol_mean              ? 
_diffrn_detector.dtime                        ? 
_diffrn_detector.pdbx_frames_total            ? 
_diffrn_detector.pdbx_collection_time_total   ? 
_diffrn_detector.pdbx_collection_date         2017-05-05 
# 
_diffrn_radiation.collimation                      ? 
_diffrn_radiation.diffrn_id                        1 
_diffrn_radiation.filter_edge                      ? 
_diffrn_radiation.inhomogeneity                    ? 
_diffrn_radiation.monochromator                    ? 
_diffrn_radiation.polarisn_norm                    ? 
_diffrn_radiation.polarisn_ratio                   ? 
_diffrn_radiation.probe                            ? 
_diffrn_radiation.type                             ? 
_diffrn_radiation.xray_symbol                      ? 
_diffrn_radiation.wavelength_id                    1 
_diffrn_radiation.pdbx_monochromatic_or_laue_m_l   M 
_diffrn_radiation.pdbx_wavelength_list             ? 
_diffrn_radiation.pdbx_wavelength                  ? 
_diffrn_radiation.pdbx_diffrn_protocol             'SINGLE WAVELENGTH' 
_diffrn_radiation.pdbx_analyzer                    ? 
_diffrn_radiation.pdbx_scattering_type             x-ray 
# 
_diffrn_radiation_wavelength.id           1 
_diffrn_radiation_wavelength.wavelength   1.11584 
_diffrn_radiation_wavelength.wt           1.0 
# 
_diffrn_source.current                     ? 
_diffrn_source.details                     ? 
_diffrn_source.diffrn_id                   1 
_diffrn_source.power                       ? 
_diffrn_source.size                        ? 
_diffrn_source.source                      SYNCHROTRON 
_diffrn_source.target                      ? 
_diffrn_source.type                        'ALS BEAMLINE 8.3.1' 
_diffrn_source.voltage                     ? 
_diffrn_source.take-off_angle              ? 
_diffrn_source.pdbx_wavelength_list        1.11584 
_diffrn_source.pdbx_wavelength             ? 
_diffrn_source.pdbx_synchrotron_beamline   8.3.1 
_diffrn_source.pdbx_synchrotron_site       ALS 
# 
_reflns.B_iso_Wilson_estimate            ? 
_reflns.entry_id                         6C51 
_reflns.data_reduction_details           ? 
_reflns.data_reduction_method            ? 
_reflns.d_resolution_high                2.00 
_reflns.d_resolution_low                 46.3 
_reflns.details                          ? 
_reflns.limit_h_max                      ? 
_reflns.limit_h_min                      ? 
_reflns.limit_k_max                      ? 
_reflns.limit_k_min                      ? 
_reflns.limit_l_max                      ? 
_reflns.limit_l_min                      ? 
_reflns.number_all                       ? 
_reflns.number_obs                       14468 
_reflns.observed_criterion               ? 
_reflns.observed_criterion_F_max         ? 
_reflns.observed_criterion_F_min         ? 
_reflns.observed_criterion_I_max         ? 
_reflns.observed_criterion_I_min         ? 
_reflns.observed_criterion_sigma_F       ? 
_reflns.observed_criterion_sigma_I       ? 
_reflns.percent_possible_obs             99.9 
_reflns.R_free_details                   ? 
_reflns.Rmerge_F_all                     ? 
_reflns.Rmerge_F_obs                     ? 
_reflns.Friedel_coverage                 ? 
_reflns.number_gt                        ? 
_reflns.threshold_expression             ? 
_reflns.pdbx_redundancy                  19.7 
_reflns.pdbx_Rmerge_I_obs                ? 
_reflns.pdbx_Rmerge_I_all                ? 
_reflns.pdbx_Rsym_value                  ? 
_reflns.pdbx_netI_over_av_sigmaI         ? 
_reflns.pdbx_netI_over_sigmaI            31.8 
_reflns.pdbx_res_netI_over_av_sigmaI_2   ? 
_reflns.pdbx_res_netI_over_sigmaI_2      ? 
_reflns.pdbx_chi_squared                 ? 
_reflns.pdbx_scaling_rejects             ? 
_reflns.pdbx_d_res_high_opt              ? 
_reflns.pdbx_d_res_low_opt               ? 
_reflns.pdbx_d_res_opt_method            ? 
_reflns.phase_calculation_details        ? 
_reflns.pdbx_Rrim_I_all                  ? 
_reflns.pdbx_Rpim_I_all                  ? 
_reflns.pdbx_d_opt                       ? 
_reflns.pdbx_number_measured_all         ? 
_reflns.pdbx_diffrn_id                   1 
_reflns.pdbx_ordinal                     1 
_reflns.pdbx_CC_half                     ? 
_reflns.pdbx_R_split                     ? 
# 
_reflns_shell.d_res_high                  2.00 
_reflns_shell.d_res_low                   2.05 
_reflns_shell.meanI_over_sigI_all         ? 
_reflns_shell.meanI_over_sigI_obs         ? 
_reflns_shell.number_measured_all         ? 
_reflns_shell.number_measured_obs         ? 
_reflns_shell.number_possible             ? 
_reflns_shell.number_unique_all           ? 
_reflns_shell.number_unique_obs           ? 
_reflns_shell.percent_possible_all        ? 
_reflns_shell.percent_possible_obs        ? 
_reflns_shell.Rmerge_F_all                ? 
_reflns_shell.Rmerge_F_obs                ? 
_reflns_shell.Rmerge_I_all                ? 
_reflns_shell.Rmerge_I_obs                ? 
_reflns_shell.meanI_over_sigI_gt          ? 
_reflns_shell.meanI_over_uI_all           ? 
_reflns_shell.meanI_over_uI_gt            ? 
_reflns_shell.number_measured_gt          ? 
_reflns_shell.number_unique_gt            ? 
_reflns_shell.percent_possible_gt         ? 
_reflns_shell.Rmerge_F_gt                 ? 
_reflns_shell.Rmerge_I_gt                 ? 
_reflns_shell.pdbx_redundancy             ? 
_reflns_shell.pdbx_Rsym_value             ? 
_reflns_shell.pdbx_chi_squared            ? 
_reflns_shell.pdbx_netI_over_sigmaI_all   ? 
_reflns_shell.pdbx_netI_over_sigmaI_obs   ? 
_reflns_shell.pdbx_Rrim_I_all             ? 
_reflns_shell.pdbx_Rpim_I_all             ? 
_reflns_shell.pdbx_rejects                ? 
_reflns_shell.pdbx_ordinal                1 
_reflns_shell.pdbx_diffrn_id              1 
_reflns_shell.pdbx_CC_half                ? 
_reflns_shell.pdbx_R_split                ? 
# 
_refine.aniso_B[1][1]                            -0.45 
_refine.aniso_B[1][2]                            -0.23 
_refine.aniso_B[1][3]                            -0.00 
_refine.aniso_B[2][2]                            -0.45 
_refine.aniso_B[2][3]                            0.00 
_refine.aniso_B[3][3]                            1.47 
_refine.B_iso_max                                ? 
_refine.B_iso_mean                               53.599 
_refine.B_iso_min                                ? 
_refine.correlation_coeff_Fo_to_Fc               0.933 
_refine.correlation_coeff_Fo_to_Fc_free          0.908 
_refine.details                                  'HYDROGENS HAVE BEEN ADDED IN THE RIDING POSITIONS' 
_refine.diff_density_max                         ? 
_refine.diff_density_max_esd                     ? 
_refine.diff_density_min                         ? 
_refine.diff_density_min_esd                     ? 
_refine.diff_density_rms                         ? 
_refine.diff_density_rms_esd                     ? 
_refine.entry_id                                 6C51 
_refine.pdbx_refine_id                           'X-RAY DIFFRACTION' 
_refine.ls_abs_structure_details                 ? 
_refine.ls_abs_structure_Flack                   ? 
_refine.ls_abs_structure_Flack_esd               ? 
_refine.ls_abs_structure_Rogers                  ? 
_refine.ls_abs_structure_Rogers_esd              ? 
_refine.ls_d_res_high                            2.00 
_refine.ls_d_res_low                             46.08 
_refine.ls_extinction_coef                       ? 
_refine.ls_extinction_coef_esd                   ? 
_refine.ls_extinction_expression                 ? 
_refine.ls_extinction_method                     ? 
_refine.ls_goodness_of_fit_all                   ? 
_refine.ls_goodness_of_fit_all_esd               ? 
_refine.ls_goodness_of_fit_obs                   ? 
_refine.ls_goodness_of_fit_obs_esd               ? 
_refine.ls_hydrogen_treatment                    ? 
_refine.ls_matrix_type                           ? 
_refine.ls_number_constraints                    ? 
_refine.ls_number_parameters                     ? 
_refine.ls_number_reflns_all                     ? 
_refine.ls_number_reflns_obs                     7841 
_refine.ls_number_reflns_R_free                  409 
_refine.ls_number_reflns_R_work                  ? 
_refine.ls_number_restraints                     ? 
_refine.ls_percent_reflns_obs                    99.93 
_refine.ls_percent_reflns_R_free                 5.0 
_refine.ls_R_factor_all                          ? 
_refine.ls_R_factor_obs                          0.23659 
_refine.ls_R_factor_R_free                       0.26186 
_refine.ls_R_factor_R_free_error                 ? 
_refine.ls_R_factor_R_free_error_details         ? 
_refine.ls_R_factor_R_work                       0.23530 
_refine.ls_R_Fsqd_factor_obs                     ? 
_refine.ls_R_I_factor_obs                        ? 
_refine.ls_redundancy_reflns_all                 ? 
_refine.ls_redundancy_reflns_obs                 ? 
_refine.ls_restrained_S_all                      ? 
_refine.ls_restrained_S_obs                      ? 
_refine.ls_shift_over_esd_max                    ? 
_refine.ls_shift_over_esd_mean                   ? 
_refine.ls_structure_factor_coef                 ? 
_refine.ls_weighting_details                     ? 
_refine.ls_weighting_scheme                      ? 
_refine.ls_wR_factor_all                         ? 
_refine.ls_wR_factor_obs                         ? 
_refine.ls_wR_factor_R_free                      ? 
_refine.ls_wR_factor_R_work                      ? 
_refine.occupancy_max                            ? 
_refine.occupancy_min                            ? 
_refine.solvent_model_details                    ? 
_refine.solvent_model_param_bsol                 ? 
_refine.solvent_model_param_ksol                 ? 
_refine.ls_R_factor_gt                           ? 
_refine.ls_goodness_of_fit_gt                    ? 
_refine.ls_goodness_of_fit_ref                   ? 
_refine.ls_shift_over_su_max                     ? 
_refine.ls_shift_over_su_max_lt                  ? 
_refine.ls_shift_over_su_mean                    ? 
_refine.ls_shift_over_su_mean_lt                 ? 
_refine.pdbx_ls_sigma_I                          ? 
_refine.pdbx_ls_sigma_F                          ? 
_refine.pdbx_ls_sigma_Fsqd                       ? 
_refine.pdbx_data_cutoff_high_absF               ? 
_refine.pdbx_data_cutoff_high_rms_absF           ? 
_refine.pdbx_data_cutoff_low_absF                ? 
_refine.pdbx_isotropic_thermal_model             ? 
_refine.pdbx_ls_cross_valid_method               THROUGHOUT 
_refine.pdbx_method_to_determine_struct          ? 
_refine.pdbx_starting_model                      ? 
_refine.pdbx_stereochemistry_target_values       ? 
_refine.pdbx_R_Free_selection_details            RANDOM 
_refine.pdbx_stereochem_target_val_spec_case     ? 
_refine.pdbx_overall_ESU_R                       0.215 
_refine.pdbx_overall_ESU_R_Free                  0.178 
_refine.pdbx_solvent_vdw_probe_radii             1.20 
_refine.pdbx_solvent_ion_probe_radii             0.80 
_refine.pdbx_solvent_shrinkage_radii             0.80 
_refine.pdbx_real_space_R                        ? 
_refine.pdbx_density_correlation                 ? 
_refine.pdbx_pd_number_of_powder_patterns        ? 
_refine.pdbx_pd_number_of_points                 ? 
_refine.pdbx_pd_meas_number_of_points            ? 
_refine.pdbx_pd_proc_ls_prof_R_factor            ? 
_refine.pdbx_pd_proc_ls_prof_wR_factor           ? 
_refine.pdbx_pd_Marquardt_correlation_coeff      ? 
_refine.pdbx_pd_Fsqrd_R_factor                   ? 
_refine.pdbx_pd_ls_matrix_band_width             ? 
_refine.pdbx_overall_phase_error                 ? 
_refine.pdbx_overall_SU_R_free_Cruickshank_DPI   ? 
_refine.pdbx_overall_SU_R_free_Blow_DPI          ? 
_refine.pdbx_overall_SU_R_Blow_DPI               ? 
_refine.pdbx_TLS_residual_ADP_flag               ? 
_refine.pdbx_diffrn_id                           1 
_refine.overall_SU_B                             8.941 
_refine.overall_SU_ML                            0.115 
_refine.overall_SU_R_Cruickshank_DPI             ? 
_refine.overall_SU_R_free                        ? 
_refine.overall_FOM_free_R_set                   ? 
_refine.overall_FOM_work_R_set                   ? 
_refine.pdbx_average_fsc_overall                 ? 
_refine.pdbx_average_fsc_work                    ? 
_refine.pdbx_average_fsc_free                    ? 
# 
_refine_hist.pdbx_refine_id                   'X-RAY DIFFRACTION' 
_refine_hist.cycle_id                         1 
_refine_hist.pdbx_number_atoms_protein        812 
_refine_hist.pdbx_number_atoms_nucleic_acid   0 
_refine_hist.pdbx_number_atoms_ligand         38 
_refine_hist.number_atoms_solvent             15 
_refine_hist.number_atoms_total               865 
_refine_hist.d_res_high                       2.00 
_refine_hist.d_res_low                        46.08 
# 
loop_
_refine_ls_restr.pdbx_refine_id 
_refine_ls_restr.criterion 
_refine_ls_restr.dev_ideal 
_refine_ls_restr.dev_ideal_target 
_refine_ls_restr.number 
_refine_ls_restr.rejects 
_refine_ls_restr.type 
_refine_ls_restr.weight 
_refine_ls_restr.pdbx_restraint_function 
'X-RAY DIFFRACTION' ? 0.006  0.019  861  ? r_bond_refined_d             ? ? 
'X-RAY DIFFRACTION' ? 0.001  0.020  942  ? r_bond_other_d               ? ? 
'X-RAY DIFFRACTION' ? 0.954  2.124  1157 ? r_angle_refined_deg          ? ? 
'X-RAY DIFFRACTION' ? 0.769  3.000  2170 ? r_angle_other_deg            ? ? 
'X-RAY DIFFRACTION' ? 3.822  5.000  99   ? r_dihedral_angle_1_deg       ? ? 
'X-RAY DIFFRACTION' ? 23.701 21.481 27   ? r_dihedral_angle_2_deg       ? ? 
'X-RAY DIFFRACTION' ? 13.824 15.000 194  ? r_dihedral_angle_3_deg       ? ? 
'X-RAY DIFFRACTION' ? 10.392 15.000 3    ? r_dihedral_angle_4_deg       ? ? 
'X-RAY DIFFRACTION' ? 0.041  0.200  142  ? r_chiral_restr               ? ? 
'X-RAY DIFFRACTION' ? 0.003  0.020  840  ? r_gen_planes_refined         ? ? 
'X-RAY DIFFRACTION' ? 0.001  0.020  139  ? r_gen_planes_other           ? ? 
'X-RAY DIFFRACTION' ? ?      ?      ?    ? r_nbd_refined                ? ? 
'X-RAY DIFFRACTION' ? ?      ?      ?    ? r_nbd_other                  ? ? 
'X-RAY DIFFRACTION' ? ?      ?      ?    ? r_nbtor_refined              ? ? 
'X-RAY DIFFRACTION' ? ?      ?      ?    ? r_nbtor_other                ? ? 
'X-RAY DIFFRACTION' ? ?      ?      ?    ? r_xyhbond_nbd_refined        ? ? 
'X-RAY DIFFRACTION' ? ?      ?      ?    ? r_xyhbond_nbd_other          ? ? 
'X-RAY DIFFRACTION' ? ?      ?      ?    ? r_metal_ion_refined          ? ? 
'X-RAY DIFFRACTION' ? ?      ?      ?    ? r_metal_ion_other            ? ? 
'X-RAY DIFFRACTION' ? ?      ?      ?    ? r_symmetry_vdw_refined       ? ? 
'X-RAY DIFFRACTION' ? ?      ?      ?    ? r_symmetry_vdw_other         ? ? 
'X-RAY DIFFRACTION' ? ?      ?      ?    ? r_symmetry_hbond_refined     ? ? 
'X-RAY DIFFRACTION' ? ?      ?      ?    ? r_symmetry_hbond_other       ? ? 
'X-RAY DIFFRACTION' ? ?      ?      ?    ? r_symmetry_metal_ion_refined ? ? 
'X-RAY DIFFRACTION' ? ?      ?      ?    ? r_symmetry_metal_ion_other   ? ? 
'X-RAY DIFFRACTION' ? 1.211  4.094  404  ? r_mcbond_it                  ? ? 
'X-RAY DIFFRACTION' ? 1.212  4.088  403  ? r_mcbond_other               ? ? 
'X-RAY DIFFRACTION' ? 2.082  6.082  497  ? r_mcangle_it                 ? ? 
'X-RAY DIFFRACTION' ? 2.080  6.089  498  ? r_mcangle_other              ? ? 
'X-RAY DIFFRACTION' ? 1.093  4.681  457  ? r_scbond_it                  ? ? 
'X-RAY DIFFRACTION' ? 1.092  4.689  458  ? r_scbond_other               ? ? 
'X-RAY DIFFRACTION' ? ?      ?      ?    ? r_scangle_it                 ? ? 
'X-RAY DIFFRACTION' ? 1.813  6.998  659  ? r_scangle_other              ? ? 
'X-RAY DIFFRACTION' ? 6.321  74.104 3052 ? r_long_range_B_refined       ? ? 
'X-RAY DIFFRACTION' ? 6.320  74.116 3053 ? r_long_range_B_other         ? ? 
'X-RAY DIFFRACTION' ? ?      ?      ?    ? r_rigid_bond_restr           ? ? 
'X-RAY DIFFRACTION' ? ?      ?      ?    ? r_sphericity_free            ? ? 
'X-RAY DIFFRACTION' ? ?      ?      ?    ? r_sphericity_bonded          ? ? 
# 
_refine_ls_shell.pdbx_refine_id                   'X-RAY DIFFRACTION' 
_refine_ls_shell.d_res_high                       1.998 
_refine_ls_shell.d_res_low                        2.050 
_refine_ls_shell.number_reflns_all                ? 
_refine_ls_shell.number_reflns_obs                ? 
_refine_ls_shell.number_reflns_R_free             23 
_refine_ls_shell.number_reflns_R_work             571 
_refine_ls_shell.percent_reflns_obs               99.66 
_refine_ls_shell.percent_reflns_R_free            ? 
_refine_ls_shell.R_factor_all                     ? 
_refine_ls_shell.R_factor_obs                     ? 
_refine_ls_shell.R_factor_R_free                  0.236 
_refine_ls_shell.R_factor_R_free_error            ? 
_refine_ls_shell.R_factor_R_work                  0.275 
_refine_ls_shell.redundancy_reflns_all            ? 
_refine_ls_shell.redundancy_reflns_obs            ? 
_refine_ls_shell.wR_factor_all                    ? 
_refine_ls_shell.wR_factor_obs                    ? 
_refine_ls_shell.wR_factor_R_free                 ? 
_refine_ls_shell.wR_factor_R_work                 ? 
_refine_ls_shell.pdbx_total_number_of_bins_used   20 
_refine_ls_shell.pdbx_phase_error                 ? 
_refine_ls_shell.pdbx_fsc_work                    ? 
_refine_ls_shell.pdbx_fsc_free                    ? 
# 
_struct.entry_id                     6C51 
_struct.title                        'Cross-alpha Amyloid-like Structure alphaAmL' 
_struct.pdbx_model_details           ? 
_struct.pdbx_formula_weight          ? 
_struct.pdbx_formula_weight_method   ? 
_struct.pdbx_model_type_details      ? 
_struct.pdbx_CASP_flag               N 
# 
_struct_keywords.entry_id        6C51 
_struct_keywords.text            'Protein Design, Cross-alpha Amyloid, DE NOVO PROTEIN' 
_struct_keywords.pdbx_keywords   'DE NOVO PROTEIN' 
# 
loop_
_struct_asym.id 
_struct_asym.pdbx_blank_PDB_chainid_flag 
_struct_asym.pdbx_modified 
_struct_asym.entity_id 
_struct_asym.details 
A N N 1 ? 
B N N 1 ? 
C N N 1 ? 
D N N 1 ? 
E N N 2 ? 
F N N 2 ? 
G N N 2 ? 
H N N 2 ? 
I N N 2 ? 
J N N 2 ? 
K N N 3 ? 
L N N 4 ? 
M N N 4 ? 
N N N 4 ? 
O N N 4 ? 
# 
_struct_ref.id                         1 
_struct_ref.db_name                    PDB 
_struct_ref.db_code                    6C51 
_struct_ref.pdbx_db_accession          6C51 
_struct_ref.pdbx_db_isoform            ? 
_struct_ref.entity_id                  1 
_struct_ref.pdbx_seq_one_letter_code   ? 
_struct_ref.pdbx_align_begin           1 
# 
loop_
_struct_ref_seq.align_id 
_struct_ref_seq.ref_id 
_struct_ref_seq.pdbx_PDB_id_code 
_struct_ref_seq.pdbx_strand_id 
_struct_ref_seq.seq_align_beg 
_struct_ref_seq.pdbx_seq_align_beg_ins_code 
_struct_ref_seq.seq_align_end 
_struct_ref_seq.pdbx_seq_align_end_ins_code 
_struct_ref_seq.pdbx_db_accession 
_struct_ref_seq.db_align_beg 
_struct_ref_seq.pdbx_db_align_beg_ins_code 
_struct_ref_seq.db_align_end 
_struct_ref_seq.pdbx_db_align_end_ins_code 
_struct_ref_seq.pdbx_auth_seq_align_beg 
_struct_ref_seq.pdbx_auth_seq_align_end 
1 1 6C51 A 1 ? 27 ? 6C51 0 ? 26 ? 0 26 
2 1 6C51 C 1 ? 27 ? 6C51 0 ? 26 ? 0 26 
3 1 6C51 B 1 ? 27 ? 6C51 0 ? 26 ? 0 26 
4 1 6C51 D 1 ? 27 ? 6C51 0 ? 26 ? 0 26 
# 
_pdbx_struct_assembly.id                   1 
_pdbx_struct_assembly.details              author_and_software_defined_assembly 
_pdbx_struct_assembly.method_details       PISA 
_pdbx_struct_assembly.oligomeric_details   tetrameric 
_pdbx_struct_assembly.oligomeric_count     4 
# 
loop_
_pdbx_struct_assembly_prop.biol_id 
_pdbx_struct_assembly_prop.type 
_pdbx_struct_assembly_prop.value 
_pdbx_struct_assembly_prop.details 
1 'ABSA (A^2)' 5540 ? 
1 MORE         -81  ? 
1 'SSA (A^2)'  7580 ? 
# 
_pdbx_struct_assembly_gen.assembly_id       1 
_pdbx_struct_assembly_gen.oper_expression   1 
_pdbx_struct_assembly_gen.asym_id_list      A,B,C,D,E,F,G,H,I,J,K,L,M,N,O 
# 
_pdbx_struct_assembly_auth_evidence.id                     1 
_pdbx_struct_assembly_auth_evidence.assembly_id            1 
_pdbx_struct_assembly_auth_evidence.experimental_support   none 
_pdbx_struct_assembly_auth_evidence.details                ? 
# 
_pdbx_struct_oper_list.id                   1 
_pdbx_struct_oper_list.type                 'identity operation' 
_pdbx_struct_oper_list.name                 1_555 
_pdbx_struct_oper_list.symmetry_operation   x,y,z 
_pdbx_struct_oper_list.matrix[1][1]         1.0000000000 
_pdbx_struct_oper_list.matrix[1][2]         0.0000000000 
_pdbx_struct_oper_list.matrix[1][3]         0.0000000000 
_pdbx_struct_oper_list.vector[1]            0.0000000000 
_pdbx_struct_oper_list.matrix[2][1]         0.0000000000 
_pdbx_struct_oper_list.matrix[2][2]         1.0000000000 
_pdbx_struct_oper_list.matrix[2][3]         0.0000000000 
_pdbx_struct_oper_list.vector[2]            0.0000000000 
_pdbx_struct_oper_list.matrix[3][1]         0.0000000000 
_pdbx_struct_oper_list.matrix[3][2]         0.0000000000 
_pdbx_struct_oper_list.matrix[3][3]         1.0000000000 
_pdbx_struct_oper_list.vector[3]            0.0000000000 
# 
loop_
_struct_conf.conf_type_id 
_struct_conf.id 
_struct_conf.pdbx_PDB_helix_id 
_struct_conf.beg_label_comp_id 
_struct_conf.beg_label_asym_id 
_struct_conf.beg_label_seq_id 
_struct_conf.pdbx_beg_PDB_ins_code 
_struct_conf.end_label_comp_id 
_struct_conf.end_label_asym_id 
_struct_conf.end_label_seq_id 
_struct_conf.pdbx_end_PDB_ins_code 
_struct_conf.beg_auth_comp_id 
_struct_conf.beg_auth_asym_id 
_struct_conf.beg_auth_seq_id 
_struct_conf.end_auth_comp_id 
_struct_conf.end_auth_asym_id 
_struct_conf.end_auth_seq_id 
_struct_conf.pdbx_PDB_helix_class 
_struct_conf.details 
_struct_conf.pdbx_PDB_helix_length 
HELX_P HELX_P1 AA1 SER A 2 ? TRP A 25 ? SER A 1 TRP A 24 1 ? 24 
HELX_P HELX_P2 AA2 SER B 2 ? TRP B 25 ? SER C 1 TRP C 24 1 ? 24 
HELX_P HELX_P3 AA3 SER C 2 ? TRP C 25 ? SER B 1 TRP B 24 1 ? 24 
HELX_P HELX_P4 AA4 SER D 2 ? TRP D 25 ? SER D 1 TRP D 24 1 ? 24 
# 
_struct_conf_type.id          HELX_P 
_struct_conf_type.criteria    ? 
_struct_conf_type.reference   ? 
# 
loop_
_struct_conn.id 
_struct_conn.conn_type_id 
_struct_conn.pdbx_leaving_atom_flag 
_struct_conn.pdbx_PDB_id 
_struct_conn.ptnr1_label_asym_id 
_struct_conn.ptnr1_label_comp_id 
_struct_conn.ptnr1_label_seq_id 
_struct_conn.ptnr1_label_atom_id 
_struct_conn.pdbx_ptnr1_label_alt_id 
_struct_conn.pdbx_ptnr1_PDB_ins_code 
_struct_conn.pdbx_ptnr1_standard_comp_id 
_struct_conn.ptnr1_symmetry 
_struct_conn.ptnr2_label_asym_id 
_struct_conn.ptnr2_label_comp_id 
_struct_conn.ptnr2_label_seq_id 
_struct_conn.ptnr2_label_atom_id 
_struct_conn.pdbx_ptnr2_label_alt_id 
_struct_conn.pdbx_ptnr2_PDB_ins_code 
_struct_conn.ptnr1_auth_asym_id 
_struct_conn.ptnr1_auth_comp_id 
_struct_conn.ptnr1_auth_seq_id 
_struct_conn.ptnr2_auth_asym_id 
_struct_conn.ptnr2_auth_comp_id 
_struct_conn.ptnr2_auth_seq_id 
_struct_conn.ptnr2_symmetry 
_struct_conn.pdbx_ptnr3_label_atom_id 
_struct_conn.pdbx_ptnr3_label_seq_id 
_struct_conn.pdbx_ptnr3_label_comp_id 
_struct_conn.pdbx_ptnr3_label_asym_id 
_struct_conn.pdbx_ptnr3_label_alt_id 
_struct_conn.pdbx_ptnr3_PDB_ins_code 
_struct_conn.details 
_struct_conn.pdbx_dist_value 
_struct_conn.pdbx_value_order 
_struct_conn.pdbx_role 
covale1 covale both ? A ACE 1  C ? ? ? 1_555 A SER 2  N ? ? A ACE 0  A SER 1  1_555 ? ? ? ? ? ? ? 1.331 ? ? 
covale2 covale both ? A GLY 26 C ? ? ? 1_555 A NH2 27 N ? ? A GLY 25 A NH2 26 1_555 ? ? ? ? ? ? ? 1.230 ? ? 
covale3 covale both ? B ACE 1  C ? ? ? 1_555 B SER 2  N ? ? C ACE 0  C SER 1  1_555 ? ? ? ? ? ? ? 1.332 ? ? 
covale4 covale both ? B GLY 26 C ? ? ? 1_555 B NH2 27 N ? ? C GLY 25 C NH2 26 1_555 ? ? ? ? ? ? ? 1.231 ? ? 
covale5 covale both ? C ACE 1  C ? ? ? 1_555 C SER 2  N ? ? B ACE 0  B SER 1  1_555 ? ? ? ? ? ? ? 1.333 ? ? 
covale6 covale both ? C GLY 26 C ? ? ? 1_555 C NH2 27 N ? ? B GLY 25 B NH2 26 1_555 ? ? ? ? ? ? ? 1.232 ? ? 
covale7 covale both ? D ACE 1  C ? ? ? 1_555 D SER 2  N ? ? D ACE 0  D SER 1  1_555 ? ? ? ? ? ? ? 1.340 ? ? 
# 
_struct_conn_type.id          covale 
_struct_conn_type.criteria    ? 
_struct_conn_type.reference   ? 
# 
loop_
_pdbx_modification_feature.ordinal 
_pdbx_modification_feature.label_comp_id 
_pdbx_modification_feature.label_asym_id 
_pdbx_modification_feature.label_seq_id 
_pdbx_modification_feature.label_alt_id 
_pdbx_modification_feature.modified_residue_label_comp_id 
_pdbx_modification_feature.modified_residue_label_asym_id 
_pdbx_modification_feature.modified_residue_label_seq_id 
_pdbx_modification_feature.modified_residue_label_alt_id 
_pdbx_modification_feature.auth_comp_id 
_pdbx_modification_feature.auth_asym_id 
_pdbx_modification_feature.auth_seq_id 
_pdbx_modification_feature.PDB_ins_code 
_pdbx_modification_feature.symmetry 
_pdbx_modification_feature.modified_residue_auth_comp_id 
_pdbx_modification_feature.modified_residue_auth_asym_id 
_pdbx_modification_feature.modified_residue_auth_seq_id 
_pdbx_modification_feature.modified_residue_PDB_ins_code 
_pdbx_modification_feature.modified_residue_symmetry 
_pdbx_modification_feature.comp_id_linking_atom 
_pdbx_modification_feature.modified_residue_id_linking_atom 
_pdbx_modification_feature.modified_residue_id 
_pdbx_modification_feature.ref_pcm_id 
_pdbx_modification_feature.ref_comp_id 
_pdbx_modification_feature.type 
_pdbx_modification_feature.category 
1 ACE A 1  ? SER A 2  ? ACE A 0  ? 1_555 SER A 1  ? 1_555 . . SER 6  ACE None 'Terminal acetylation' 
2 ACE B 1  ? SER B 2  ? ACE C 0  ? 1_555 SER C 1  ? 1_555 . . SER 6  ACE None 'Terminal acetylation' 
3 ACE C 1  ? SER C 2  ? ACE B 0  ? 1_555 SER B 1  ? 1_555 . . SER 6  ACE None 'Terminal acetylation' 
4 ACE D 1  ? SER D 2  ? ACE D 0  ? 1_555 SER D 1  ? 1_555 . . SER 6  ACE None 'Terminal acetylation' 
5 NH2 A 27 ? GLY A 26 ? NH2 A 26 ? 1_555 GLY A 25 ? 1_555 . . GLY 12 NH2 None 'Terminal amidation'   
6 NH2 B 27 ? GLY B 26 ? NH2 C 26 ? 1_555 GLY C 25 ? 1_555 . . GLY 12 NH2 None 'Terminal amidation'   
7 NH2 C 27 ? GLY C 26 ? NH2 B 26 ? 1_555 GLY B 25 ? 1_555 . . GLY 12 NH2 None 'Terminal amidation'   
# 
loop_
_struct_site.id 
_struct_site.pdbx_evidence_code 
_struct_site.pdbx_auth_asym_id 
_struct_site.pdbx_auth_comp_id 
_struct_site.pdbx_auth_seq_id 
_struct_site.pdbx_auth_ins_code 
_struct_site.pdbx_num_residues 
_struct_site.details 
AC1 Software A PO4 101 ? 6 'binding site for residue PO4 A 101' 
AC2 Software A PO4 102 ? 6 'binding site for residue PO4 A 102' 
AC3 Software A PO4 103 ? 8 'binding site for residue PO4 A 103' 
AC4 Software B PO4 101 ? 5 'binding site for residue PO4 B 101' 
AC5 Software D PO4 101 ? 6 'binding site for residue PO4 D 101' 
AC6 Software D PO4 102 ? 8 'binding site for residue PO4 D 102' 
AC7 Software D MPD 103 ? 6 'binding site for residue MPD D 103' 
# 
loop_
_struct_site_gen.id 
_struct_site_gen.site_id 
_struct_site_gen.pdbx_num_res 
_struct_site_gen.label_comp_id 
_struct_site_gen.label_asym_id 
_struct_site_gen.label_seq_id 
_struct_site_gen.pdbx_auth_ins_code 
_struct_site_gen.auth_comp_id 
_struct_site_gen.auth_asym_id 
_struct_site_gen.auth_seq_id 
_struct_site_gen.label_atom_id 
_struct_site_gen.label_alt_id 
_struct_site_gen.symmetry 
_struct_site_gen.details 
1  AC1 6 SER A 2  ? SER A 1   . ? 1_555  ? 
2  AC1 6 LYS A 3  ? LYS A 2   . ? 1_555  ? 
3  AC1 6 LEU A 21 ? LEU A 20  . ? 12_544 ? 
4  AC1 6 LYS A 24 ? LYS A 23  . ? 12_544 ? 
5  AC1 6 TRP A 25 ? TRP A 24  . ? 12_544 ? 
6  AC1 6 HOH L .  ? HOH A 202 . ? 1_555  ? 
7  AC2 6 LEU A 12 ? LEU A 11  . ? 1_555  ? 
8  AC2 6 LEU A 15 ? LEU A 14  . ? 1_555  ? 
9  AC2 6 HIS A 16 ? HIS A 15  . ? 1_555  ? 
10 AC2 6 LEU B 5  ? LEU C 4   . ? 1_555  ? 
11 AC2 6 GLU B 6  ? GLU C 5   . ? 1_555  ? 
12 AC2 6 ARG B 9  ? ARG C 8   . ? 1_555  ? 
13 AC3 8 SER A 2  ? SER A 1   . ? 1_555  ? 
14 AC3 8 LEU A 5  ? LEU A 4   . ? 1_555  ? 
15 AC3 8 GLU A 6  ? GLU A 5   . ? 1_555  ? 
16 AC3 8 ARG A 9  ? ARG A 8   . ? 1_555  ? 
17 AC3 8 HOH L .  ? HOH A 201 . ? 1_555  ? 
18 AC3 8 LEU B 12 ? LEU C 11  . ? 1_555  ? 
19 AC3 8 LEU B 15 ? LEU C 14  . ? 1_555  ? 
20 AC3 8 HIS B 16 ? HIS C 15  . ? 1_555  ? 
21 AC4 5 LYS A 3  ? LYS A 2   . ? 7_544  ? 
22 AC4 5 HIS C 16 ? HIS B 15  . ? 1_555  ? 
23 AC4 5 LYS C 17 ? LYS B 16  . ? 1_555  ? 
24 AC4 5 GLU C 20 ? GLU B 19  . ? 1_555  ? 
25 AC4 5 HOH N .  ? HOH B 201 . ? 1_555  ? 
26 AC5 6 HIS A 16 ? HIS A 15  . ? 7_644  ? 
27 AC5 6 LYS C 24 ? LYS B 23  . ? 11_654 ? 
28 AC5 6 ARG B 9  ? ARG C 8   . ? 7_644  ? 
29 AC5 6 LYS B 10 ? LYS C 9   . ? 7_644  ? 
30 AC5 6 LYS D 17 ? LYS D 16  . ? 1_555  ? 
31 AC5 6 HOH O .  ? HOH D 201 . ? 1_555  ? 
32 AC6 8 GLY C 26 ? GLY B 25  . ? 1_555  ? 
33 AC6 8 GLY C 26 ? GLY B 25  . ? 11_654 ? 
34 AC6 8 HIS D 16 ? HIS D 15  . ? 1_555  ? 
35 AC6 8 HIS D 16 ? HIS D 15  . ? 11_654 ? 
36 AC6 8 GLU D 20 ? GLU D 19  . ? 1_555  ? 
37 AC6 8 GLU D 20 ? GLU D 19  . ? 11_654 ? 
38 AC6 8 GLU D 23 ? GLU D 22  . ? 1_555  ? 
39 AC6 8 GLU D 23 ? GLU D 22  . ? 11_654 ? 
40 AC7 6 LYS C 24 ? LYS B 23  . ? 11_654 ? 
41 AC7 6 LYS B 10 ? LYS C 9   . ? 7_644  ? 
42 AC7 6 ARG D 9  ? ARG D 8   . ? 1_555  ? 
43 AC7 6 LYS D 10 ? LYS D 9   . ? 1_555  ? 
44 AC7 6 GLU D 13 ? GLU D 12  . ? 1_555  ? 
45 AC7 6 HOH O .  ? HOH D 201 . ? 1_555  ? 
# 
_pdbx_entry_details.entry_id                   6C51 
_pdbx_entry_details.compound_details           ? 
_pdbx_entry_details.source_details             ? 
_pdbx_entry_details.nonpolymer_details         ? 
_pdbx_entry_details.sequence_details           ? 
_pdbx_entry_details.has_ligand_of_interest     ? 
_pdbx_entry_details.has_protein_modification   Y 
# 
_pdbx_validate_torsion.id              1 
_pdbx_validate_torsion.PDB_model_num   1 
_pdbx_validate_torsion.auth_comp_id    LYS 
_pdbx_validate_torsion.auth_asym_id    C 
_pdbx_validate_torsion.auth_seq_id     23 
_pdbx_validate_torsion.PDB_ins_code    ? 
_pdbx_validate_torsion.label_alt_id    ? 
_pdbx_validate_torsion.phi             -67.09 
_pdbx_validate_torsion.psi             -73.84 
# 
loop_
_pdbx_struct_special_symmetry.id 
_pdbx_struct_special_symmetry.PDB_model_num 
_pdbx_struct_special_symmetry.auth_asym_id 
_pdbx_struct_special_symmetry.auth_comp_id 
_pdbx_struct_special_symmetry.auth_seq_id 
_pdbx_struct_special_symmetry.PDB_ins_code 
_pdbx_struct_special_symmetry.label_asym_id 
_pdbx_struct_special_symmetry.label_comp_id 
_pdbx_struct_special_symmetry.label_seq_id 
1 1 D PO4 102 ? J PO4 . 
2 1 D HOH 204 ? O HOH . 
3 1 D HOH 205 ? O HOH . 
# 
loop_
_pdbx_refine_tls.pdbx_refine_id 
_pdbx_refine_tls.id 
_pdbx_refine_tls.details 
_pdbx_refine_tls.method 
_pdbx_refine_tls.origin_x 
_pdbx_refine_tls.origin_y 
_pdbx_refine_tls.origin_z 
_pdbx_refine_tls.T[1][1] 
_pdbx_refine_tls.T[2][2] 
_pdbx_refine_tls.T[3][3] 
_pdbx_refine_tls.T[1][2] 
_pdbx_refine_tls.T[1][3] 
_pdbx_refine_tls.T[2][3] 
_pdbx_refine_tls.L[1][1] 
_pdbx_refine_tls.L[2][2] 
_pdbx_refine_tls.L[3][3] 
_pdbx_refine_tls.L[1][2] 
_pdbx_refine_tls.L[1][3] 
_pdbx_refine_tls.L[2][3] 
_pdbx_refine_tls.S[1][1] 
_pdbx_refine_tls.S[1][2] 
_pdbx_refine_tls.S[1][3] 
_pdbx_refine_tls.S[2][1] 
_pdbx_refine_tls.S[2][2] 
_pdbx_refine_tls.S[2][3] 
_pdbx_refine_tls.S[3][1] 
_pdbx_refine_tls.S[3][2] 
_pdbx_refine_tls.S[3][3] 
'X-RAY DIFFRACTION' 1 ? refined -6.9658 3.6149  2.0435  0.0058 0.0542 0.0118 -0.0080 -0.0024 0.0054  4.7756 13.9822 4.3056  -4.6425 -1.5066 2.8198 0.0399  -0.0406 0.2031  0.0155  -0.0510 -0.2289 -0.1188 -0.0621 0.0111  
'X-RAY DIFFRACTION' 2 ? refined 1.1710  0.2274  -7.9084 0.0146 0.0534 0.0874 -0.0020 0.0221  0.0169  2.5718 6.5391  12.7285 0.4438  1.6320  5.4244 -0.0312 0.0322  0.0231  -0.1576 0.0633  0.0855  -0.0133 0.0048  -0.0321 
'X-RAY DIFFRACTION' 3 ? refined -4.3747 -0.5982 10.9443 0.0866 0.1189 0.0244 -0.0418 -0.0282 -0.0006 5.3086 4.7581  2.5276  -2.9259 -0.7270 0.7034 0.0119  -0.2172 -0.0528 0.2780  -0.0316 -0.1359 0.0106  0.1127  0.0197  
'X-RAY DIFFRACTION' 4 ? refined 10.6254 -3.7657 -5.8780 0.0156 0.0501 0.1413 -0.0137 0.0312  -0.0122 2.6374 2.9967  12.3298 0.0592  1.2721  1.5741 -0.0231 -0.1124 -0.1134 0.0701  -0.0624 -0.0953 0.2513  0.0054  0.0854 
# 
loop_
_pdbx_refine_tls_group.pdbx_refine_id 
_pdbx_refine_tls_group.id 
_pdbx_refine_tls_group.refine_tls_id 
_pdbx_refine_tls_group.beg_auth_asym_id 
_pdbx_refine_tls_group.beg_auth_seq_id 
_pdbx_refine_tls_group.beg_label_asym_id 
_pdbx_refine_tls_group.beg_label_seq_id 
_pdbx_refine_tls_group.end_auth_asym_id 
_pdbx_refine_tls_group.end_auth_seq_id 
_pdbx_refine_tls_group.end_label_asym_id 
_pdbx_refine_tls_group.end_label_seq_id 
_pdbx_refine_tls_group.selection 
_pdbx_refine_tls_group.selection_details 
'X-RAY DIFFRACTION' 1 1 A 0 ? ? A 26 ? ? ? ? 
'X-RAY DIFFRACTION' 2 2 B 0 ? ? B 26 ? ? ? ? 
'X-RAY DIFFRACTION' 3 3 C 0 ? ? C 26 ? ? ? ? 
'X-RAY DIFFRACTION' 4 4 D 0 ? ? D 24 ? ? ? ? 
# 
loop_
_pdbx_unobs_or_zero_occ_residues.id 
_pdbx_unobs_or_zero_occ_residues.PDB_model_num 
_pdbx_unobs_or_zero_occ_residues.polymer_flag 
_pdbx_unobs_or_zero_occ_residues.occupancy_flag 
_pdbx_unobs_or_zero_occ_residues.auth_asym_id 
_pdbx_unobs_or_zero_occ_residues.auth_comp_id 
_pdbx_unobs_or_zero_occ_residues.auth_seq_id 
_pdbx_unobs_or_zero_occ_residues.PDB_ins_code 
_pdbx_unobs_or_zero_occ_residues.label_asym_id 
_pdbx_unobs_or_zero_occ_residues.label_comp_id 
_pdbx_unobs_or_zero_occ_residues.label_seq_id 
1 1 Y 1 D GLY 25 ? D GLY 26 
2 1 Y 1 D NH2 26 ? D NH2 27 
# 
loop_
_chem_comp_atom.comp_id 
_chem_comp_atom.atom_id 
_chem_comp_atom.type_symbol 
_chem_comp_atom.pdbx_aromatic_flag 
_chem_comp_atom.pdbx_stereo_config 
_chem_comp_atom.pdbx_ordinal 
ACE C    C N N 1   
ACE O    O N N 2   
ACE CH3  C N N 3   
ACE H    H N N 4   
ACE H1   H N N 5   
ACE H2   H N N 6   
ACE H3   H N N 7   
ALA N    N N N 8   
ALA CA   C N S 9   
ALA C    C N N 10  
ALA O    O N N 11  
ALA CB   C N N 12  
ALA OXT  O N N 13  
ALA H    H N N 14  
ALA H2   H N N 15  
ALA HA   H N N 16  
ALA HB1  H N N 17  
ALA HB2  H N N 18  
ALA HB3  H N N 19  
ALA HXT  H N N 20  
ARG N    N N N 21  
ARG CA   C N S 22  
ARG C    C N N 23  
ARG O    O N N 24  
ARG CB   C N N 25  
ARG CG   C N N 26  
ARG CD   C N N 27  
ARG NE   N N N 28  
ARG CZ   C N N 29  
ARG NH1  N N N 30  
ARG NH2  N N N 31  
ARG OXT  O N N 32  
ARG H    H N N 33  
ARG H2   H N N 34  
ARG HA   H N N 35  
ARG HB2  H N N 36  
ARG HB3  H N N 37  
ARG HG2  H N N 38  
ARG HG3  H N N 39  
ARG HD2  H N N 40  
ARG HD3  H N N 41  
ARG HE   H N N 42  
ARG HH11 H N N 43  
ARG HH12 H N N 44  
ARG HH21 H N N 45  
ARG HH22 H N N 46  
ARG HXT  H N N 47  
GLU N    N N N 48  
GLU CA   C N S 49  
GLU C    C N N 50  
GLU O    O N N 51  
GLU CB   C N N 52  
GLU CG   C N N 53  
GLU CD   C N N 54  
GLU OE1  O N N 55  
GLU OE2  O N N 56  
GLU OXT  O N N 57  
GLU H    H N N 58  
GLU H2   H N N 59  
GLU HA   H N N 60  
GLU HB2  H N N 61  
GLU HB3  H N N 62  
GLU HG2  H N N 63  
GLU HG3  H N N 64  
GLU HE2  H N N 65  
GLU HXT  H N N 66  
GLY N    N N N 67  
GLY CA   C N N 68  
GLY C    C N N 69  
GLY O    O N N 70  
GLY OXT  O N N 71  
GLY H    H N N 72  
GLY H2   H N N 73  
GLY HA2  H N N 74  
GLY HA3  H N N 75  
GLY HXT  H N N 76  
HIS N    N N N 77  
HIS CA   C N S 78  
HIS C    C N N 79  
HIS O    O N N 80  
HIS CB   C N N 81  
HIS CG   C Y N 82  
HIS ND1  N Y N 83  
HIS CD2  C Y N 84  
HIS CE1  C Y N 85  
HIS NE2  N Y N 86  
HIS OXT  O N N 87  
HIS H    H N N 88  
HIS H2   H N N 89  
HIS HA   H N N 90  
HIS HB2  H N N 91  
HIS HB3  H N N 92  
HIS HD1  H N N 93  
HIS HD2  H N N 94  
HIS HE1  H N N 95  
HIS HE2  H N N 96  
HIS HXT  H N N 97  
HOH O    O N N 98  
HOH H1   H N N 99  
HOH H2   H N N 100 
ILE N    N N N 101 
ILE CA   C N S 102 
ILE C    C N N 103 
ILE O    O N N 104 
ILE CB   C N S 105 
ILE CG1  C N N 106 
ILE CG2  C N N 107 
ILE CD1  C N N 108 
ILE OXT  O N N 109 
ILE H    H N N 110 
ILE H2   H N N 111 
ILE HA   H N N 112 
ILE HB   H N N 113 
ILE HG12 H N N 114 
ILE HG13 H N N 115 
ILE HG21 H N N 116 
ILE HG22 H N N 117 
ILE HG23 H N N 118 
ILE HD11 H N N 119 
ILE HD12 H N N 120 
ILE HD13 H N N 121 
ILE HXT  H N N 122 
LEU N    N N N 123 
LEU CA   C N S 124 
LEU C    C N N 125 
LEU O    O N N 126 
LEU CB   C N N 127 
LEU CG   C N N 128 
LEU CD1  C N N 129 
LEU CD2  C N N 130 
LEU OXT  O N N 131 
LEU H    H N N 132 
LEU H2   H N N 133 
LEU HA   H N N 134 
LEU HB2  H N N 135 
LEU HB3  H N N 136 
LEU HG   H N N 137 
LEU HD11 H N N 138 
LEU HD12 H N N 139 
LEU HD13 H N N 140 
LEU HD21 H N N 141 
LEU HD22 H N N 142 
LEU HD23 H N N 143 
LEU HXT  H N N 144 
LYS N    N N N 145 
LYS CA   C N S 146 
LYS C    C N N 147 
LYS O    O N N 148 
LYS CB   C N N 149 
LYS CG   C N N 150 
LYS CD   C N N 151 
LYS CE   C N N 152 
LYS NZ   N N N 153 
LYS OXT  O N N 154 
LYS H    H N N 155 
LYS H2   H N N 156 
LYS HA   H N N 157 
LYS HB2  H N N 158 
LYS HB3  H N N 159 
LYS HG2  H N N 160 
LYS HG3  H N N 161 
LYS HD2  H N N 162 
LYS HD3  H N N 163 
LYS HE2  H N N 164 
LYS HE3  H N N 165 
LYS HZ1  H N N 166 
LYS HZ2  H N N 167 
LYS HZ3  H N N 168 
LYS HXT  H N N 169 
MPD C1   C N N 170 
MPD C2   C N N 171 
MPD O2   O N N 172 
MPD CM   C N N 173 
MPD C3   C N N 174 
MPD C4   C N S 175 
MPD O4   O N N 176 
MPD C5   C N N 177 
MPD H11  H N N 178 
MPD H12  H N N 179 
MPD H13  H N N 180 
MPD HO2  H N N 181 
MPD HM1  H N N 182 
MPD HM2  H N N 183 
MPD HM3  H N N 184 
MPD H31  H N N 185 
MPD H32  H N N 186 
MPD H4   H N N 187 
MPD HO4  H N N 188 
MPD H51  H N N 189 
MPD H52  H N N 190 
MPD H53  H N N 191 
NH2 N    N N N 192 
NH2 HN1  H N N 193 
NH2 HN2  H N N 194 
PO4 P    P N N 195 
PO4 O1   O N N 196 
PO4 O2   O N N 197 
PO4 O3   O N N 198 
PO4 O4   O N N 199 
SER N    N N N 200 
SER CA   C N S 201 
SER C    C N N 202 
SER O    O N N 203 
SER CB   C N N 204 
SER OG   O N N 205 
SER OXT  O N N 206 
SER H    H N N 207 
SER H2   H N N 208 
SER HA   H N N 209 
SER HB2  H N N 210 
SER HB3  H N N 211 
SER HG   H N N 212 
SER HXT  H N N 213 
TRP N    N N N 214 
TRP CA   C N S 215 
TRP C    C N N 216 
TRP O    O N N 217 
TRP CB   C N N 218 
TRP CG   C Y N 219 
TRP CD1  C Y N 220 
TRP CD2  C Y N 221 
TRP NE1  N Y N 222 
TRP CE2  C Y N 223 
TRP CE3  C Y N 224 
TRP CZ2  C Y N 225 
TRP CZ3  C Y N 226 
TRP CH2  C Y N 227 
TRP OXT  O N N 228 
TRP H    H N N 229 
TRP H2   H N N 230 
TRP HA   H N N 231 
TRP HB2  H N N 232 
TRP HB3  H N N 233 
TRP HD1  H N N 234 
TRP HE1  H N N 235 
TRP HE3  H N N 236 
TRP HZ2  H N N 237 
TRP HZ3  H N N 238 
TRP HH2  H N N 239 
TRP HXT  H N N 240 
# 
loop_
_chem_comp_bond.comp_id 
_chem_comp_bond.atom_id_1 
_chem_comp_bond.atom_id_2 
_chem_comp_bond.value_order 
_chem_comp_bond.pdbx_aromatic_flag 
_chem_comp_bond.pdbx_stereo_config 
_chem_comp_bond.pdbx_ordinal 
ACE C   O    doub N N 1   
ACE C   CH3  sing N N 2   
ACE C   H    sing N N 3   
ACE CH3 H1   sing N N 4   
ACE CH3 H2   sing N N 5   
ACE CH3 H3   sing N N 6   
ALA N   CA   sing N N 7   
ALA N   H    sing N N 8   
ALA N   H2   sing N N 9   
ALA CA  C    sing N N 10  
ALA CA  CB   sing N N 11  
ALA CA  HA   sing N N 12  
ALA C   O    doub N N 13  
ALA C   OXT  sing N N 14  
ALA CB  HB1  sing N N 15  
ALA CB  HB2  sing N N 16  
ALA CB  HB3  sing N N 17  
ALA OXT HXT  sing N N 18  
ARG N   CA   sing N N 19  
ARG N   H    sing N N 20  
ARG N   H2   sing N N 21  
ARG CA  C    sing N N 22  
ARG CA  CB   sing N N 23  
ARG CA  HA   sing N N 24  
ARG C   O    doub N N 25  
ARG C   OXT  sing N N 26  
ARG CB  CG   sing N N 27  
ARG CB  HB2  sing N N 28  
ARG CB  HB3  sing N N 29  
ARG CG  CD   sing N N 30  
ARG CG  HG2  sing N N 31  
ARG CG  HG3  sing N N 32  
ARG CD  NE   sing N N 33  
ARG CD  HD2  sing N N 34  
ARG CD  HD3  sing N N 35  
ARG NE  CZ   sing N N 36  
ARG NE  HE   sing N N 37  
ARG CZ  NH1  sing N N 38  
ARG CZ  NH2  doub N N 39  
ARG NH1 HH11 sing N N 40  
ARG NH1 HH12 sing N N 41  
ARG NH2 HH21 sing N N 42  
ARG NH2 HH22 sing N N 43  
ARG OXT HXT  sing N N 44  
GLU N   CA   sing N N 45  
GLU N   H    sing N N 46  
GLU N   H2   sing N N 47  
GLU CA  C    sing N N 48  
GLU CA  CB   sing N N 49  
GLU CA  HA   sing N N 50  
GLU C   O    doub N N 51  
GLU C   OXT  sing N N 52  
GLU CB  CG   sing N N 53  
GLU CB  HB2  sing N N 54  
GLU CB  HB3  sing N N 55  
GLU CG  CD   sing N N 56  
GLU CG  HG2  sing N N 57  
GLU CG  HG3  sing N N 58  
GLU CD  OE1  doub N N 59  
GLU CD  OE2  sing N N 60  
GLU OE2 HE2  sing N N 61  
GLU OXT HXT  sing N N 62  
GLY N   CA   sing N N 63  
GLY N   H    sing N N 64  
GLY N   H2   sing N N 65  
GLY CA  C    sing N N 66  
GLY CA  HA2  sing N N 67  
GLY CA  HA3  sing N N 68  
GLY C   O    doub N N 69  
GLY C   OXT  sing N N 70  
GLY OXT HXT  sing N N 71  
HIS N   CA   sing N N 72  
HIS N   H    sing N N 73  
HIS N   H2   sing N N 74  
HIS CA  C    sing N N 75  
HIS CA  CB   sing N N 76  
HIS CA  HA   sing N N 77  
HIS C   O    doub N N 78  
HIS C   OXT  sing N N 79  
HIS CB  CG   sing N N 80  
HIS CB  HB2  sing N N 81  
HIS CB  HB3  sing N N 82  
HIS CG  ND1  sing Y N 83  
HIS CG  CD2  doub Y N 84  
HIS ND1 CE1  doub Y N 85  
HIS ND1 HD1  sing N N 86  
HIS CD2 NE2  sing Y N 87  
HIS CD2 HD2  sing N N 88  
HIS CE1 NE2  sing Y N 89  
HIS CE1 HE1  sing N N 90  
HIS NE2 HE2  sing N N 91  
HIS OXT HXT  sing N N 92  
HOH O   H1   sing N N 93  
HOH O   H2   sing N N 94  
ILE N   CA   sing N N 95  
ILE N   H    sing N N 96  
ILE N   H2   sing N N 97  
ILE CA  C    sing N N 98  
ILE CA  CB   sing N N 99  
ILE CA  HA   sing N N 100 
ILE C   O    doub N N 101 
ILE C   OXT  sing N N 102 
ILE CB  CG1  sing N N 103 
ILE CB  CG2  sing N N 104 
ILE CB  HB   sing N N 105 
ILE CG1 CD1  sing N N 106 
ILE CG1 HG12 sing N N 107 
ILE CG1 HG13 sing N N 108 
ILE CG2 HG21 sing N N 109 
ILE CG2 HG22 sing N N 110 
ILE CG2 HG23 sing N N 111 
ILE CD1 HD11 sing N N 112 
ILE CD1 HD12 sing N N 113 
ILE CD1 HD13 sing N N 114 
ILE OXT HXT  sing N N 115 
LEU N   CA   sing N N 116 
LEU N   H    sing N N 117 
LEU N   H2   sing N N 118 
LEU CA  C    sing N N 119 
LEU CA  CB   sing N N 120 
LEU CA  HA   sing N N 121 
LEU C   O    doub N N 122 
LEU C   OXT  sing N N 123 
LEU CB  CG   sing N N 124 
LEU CB  HB2  sing N N 125 
LEU CB  HB3  sing N N 126 
LEU CG  CD1  sing N N 127 
LEU CG  CD2  sing N N 128 
LEU CG  HG   sing N N 129 
LEU CD1 HD11 sing N N 130 
LEU CD1 HD12 sing N N 131 
LEU CD1 HD13 sing N N 132 
LEU CD2 HD21 sing N N 133 
LEU CD2 HD22 sing N N 134 
LEU CD2 HD23 sing N N 135 
LEU OXT HXT  sing N N 136 
LYS N   CA   sing N N 137 
LYS N   H    sing N N 138 
LYS N   H2   sing N N 139 
LYS CA  C    sing N N 140 
LYS CA  CB   sing N N 141 
LYS CA  HA   sing N N 142 
LYS C   O    doub N N 143 
LYS C   OXT  sing N N 144 
LYS CB  CG   sing N N 145 
LYS CB  HB2  sing N N 146 
LYS CB  HB3  sing N N 147 
LYS CG  CD   sing N N 148 
LYS CG  HG2  sing N N 149 
LYS CG  HG3  sing N N 150 
LYS CD  CE   sing N N 151 
LYS CD  HD2  sing N N 152 
LYS CD  HD3  sing N N 153 
LYS CE  NZ   sing N N 154 
LYS CE  HE2  sing N N 155 
LYS CE  HE3  sing N N 156 
LYS NZ  HZ1  sing N N 157 
LYS NZ  HZ2  sing N N 158 
LYS NZ  HZ3  sing N N 159 
LYS OXT HXT  sing N N 160 
MPD C1  C2   sing N N 161 
MPD C1  H11  sing N N 162 
MPD C1  H12  sing N N 163 
MPD C1  H13  sing N N 164 
MPD C2  O2   sing N N 165 
MPD C2  CM   sing N N 166 
MPD C2  C3   sing N N 167 
MPD O2  HO2  sing N N 168 
MPD CM  HM1  sing N N 169 
MPD CM  HM2  sing N N 170 
MPD CM  HM3  sing N N 171 
MPD C3  C4   sing N N 172 
MPD C3  H31  sing N N 173 
MPD C3  H32  sing N N 174 
MPD C4  O4   sing N N 175 
MPD C4  C5   sing N N 176 
MPD C4  H4   sing N N 177 
MPD O4  HO4  sing N N 178 
MPD C5  H51  sing N N 179 
MPD C5  H52  sing N N 180 
MPD C5  H53  sing N N 181 
NH2 N   HN1  sing N N 182 
NH2 N   HN2  sing N N 183 
PO4 P   O1   doub N N 184 
PO4 P   O2   sing N N 185 
PO4 P   O3   sing N N 186 
PO4 P   O4   sing N N 187 
SER N   CA   sing N N 188 
SER N   H    sing N N 189 
SER N   H2   sing N N 190 
SER CA  C    sing N N 191 
SER CA  CB   sing N N 192 
SER CA  HA   sing N N 193 
SER C   O    doub N N 194 
SER C   OXT  sing N N 195 
SER CB  OG   sing N N 196 
SER CB  HB2  sing N N 197 
SER CB  HB3  sing N N 198 
SER OG  HG   sing N N 199 
SER OXT HXT  sing N N 200 
TRP N   CA   sing N N 201 
TRP N   H    sing N N 202 
TRP N   H2   sing N N 203 
TRP CA  C    sing N N 204 
TRP CA  CB   sing N N 205 
TRP CA  HA   sing N N 206 
TRP C   O    doub N N 207 
TRP C   OXT  sing N N 208 
TRP CB  CG   sing N N 209 
TRP CB  HB2  sing N N 210 
TRP CB  HB3  sing N N 211 
TRP CG  CD1  doub Y N 212 
TRP CG  CD2  sing Y N 213 
TRP CD1 NE1  sing Y N 214 
TRP CD1 HD1  sing N N 215 
TRP CD2 CE2  doub Y N 216 
TRP CD2 CE3  sing Y N 217 
TRP NE1 CE2  sing Y N 218 
TRP NE1 HE1  sing N N 219 
TRP CE2 CZ2  sing Y N 220 
TRP CE3 CZ3  doub Y N 221 
TRP CE3 HE3  sing N N 222 
TRP CZ2 CH2  doub Y N 223 
TRP CZ2 HZ2  sing N N 224 
TRP CZ3 CH2  sing Y N 225 
TRP CZ3 HZ3  sing N N 226 
TRP CH2 HH2  sing N N 227 
TRP OXT HXT  sing N N 228 
# 
_pdbx_audit_support.funding_organization   'National Institutes of Health/National Human Genome Research Institute (NIH/NHGRI)' 
_pdbx_audit_support.country                'United States' 
_pdbx_audit_support.grant_number           R35GM122603 
_pdbx_audit_support.ordinal                1 
# 
_atom_sites.entry_id                    6C51 
_atom_sites.fract_transf_matrix[1][1]   0.00052128 
_atom_sites.fract_transf_matrix[1][2]   0.00136514 
_atom_sites.fract_transf_matrix[1][3]   -0.02165096 
_atom_sites.fract_transf_matrix[2][1]   -0.01210948 
_atom_sites.fract_transf_matrix[2][2]   -0.01341613 
_atom_sites.fract_transf_matrix[2][3]   -0.01201255 
_atom_sites.fract_transf_matrix[3][1]   -0.00558321 
_atom_sites.fract_transf_matrix[3][2]   0.00488407 
_atom_sites.fract_transf_matrix[3][3]   0.00017352 
_atom_sites.fract_transf_vector[1]      0.324980 
_atom_sites.fract_transf_vector[2]      -0.462826 
_atom_sites.fract_transf_vector[3]      -0.132540 
# 
loop_
_atom_type.symbol 
C 
N 
O 
P 
# 
loop_
_atom_site.group_PDB 
_atom_site.id 
_atom_site.type_symbol 
_atom_site.label_atom_id 
_atom_site.label_alt_id 
_atom_site.label_comp_id 
_atom_site.label_asym_id 
_atom_site.label_entity_id 
_atom_site.label_seq_id 
_atom_site.pdbx_PDB_ins_code 
_atom_site.Cartn_x 
_atom_site.Cartn_y 
_atom_site.Cartn_z 
_atom_site.occupancy 
_atom_site.B_iso_or_equiv 
_atom_site.pdbx_formal_charge 
_atom_site.auth_seq_id 
_atom_site.auth_comp_id 
_atom_site.auth_asym_id 
_atom_site.auth_atom_id 
_atom_site.pdbx_PDB_model_num 
HETATM 1   C C   . ACE A 1 1  ? 1.023   -11.683 -2.150  1.00 58.53  ? 0   ACE A C   1 
HETATM 2   O O   . ACE A 1 1  ? 0.930   -10.540 -1.736  1.00 55.66  ? 0   ACE A O   1 
HETATM 3   C CH3 . ACE A 1 1  ? 1.891   -12.700 -1.440  1.00 61.08  ? 0   ACE A CH3 1 
ATOM   4   N N   . SER A 1 2  ? 0.374   -12.125 -3.225  1.00 58.06  ? 1   SER A N   1 
ATOM   5   C CA  . SER A 1 2  ? -0.439  -11.170 -4.030  1.00 55.87  ? 1   SER A CA  1 
ATOM   6   C C   . SER A 1 2  ? -1.657  -10.651 -3.272  1.00 51.53  ? 1   SER A C   1 
ATOM   7   O O   . SER A 1 2  ? -1.950  -9.453  -3.335  1.00 48.44  ? 1   SER A O   1 
ATOM   8   C CB  . SER A 1 2  ? -0.883  -11.812 -5.334  1.00 59.26  ? 1   SER A CB  1 
ATOM   9   O OG  . SER A 1 2  ? -1.315  -10.811 -6.237  1.00 62.04  ? 1   SER A OG  1 
ATOM   10  N N   . LYS A 1 3  ? -2.350  -11.537 -2.558  1.00 48.77  ? 2   LYS A N   1 
ATOM   11  C CA  . LYS A 1 3  ? -3.531  -11.138 -1.789  1.00 47.34  ? 2   LYS A CA  1 
ATOM   12  C C   . LYS A 1 3  ? -3.219  -10.180 -0.636  1.00 44.00  ? 2   LYS A C   1 
ATOM   13  O O   . LYS A 1 3  ? -3.985  -9.256  -0.399  1.00 40.62  ? 2   LYS A O   1 
ATOM   14  C CB  . LYS A 1 3  ? -4.298  -12.351 -1.279  1.00 49.67  ? 2   LYS A CB  1 
ATOM   15  C CG  . LYS A 1 3  ? -5.035  -13.077 -2.383  1.00 52.66  ? 2   LYS A CG  1 
ATOM   16  C CD  . LYS A 1 3  ? -5.678  -14.349 -1.869  1.00 56.18  ? 2   LYS A CD  1 
ATOM   17  C CE  . LYS A 1 3  ? -6.312  -15.138 -3.001  1.00 59.68  ? 2   LYS A CE  1 
ATOM   18  N NZ  . LYS A 1 3  ? -5.308  -15.584 -4.008  1.00 60.86  ? 2   LYS A NZ  1 
ATOM   19  N N   . LEU A 1 4  ? -2.101  -10.388 0.062   1.00 42.83  ? 3   LEU A N   1 
ATOM   20  C CA  . LEU A 1 4  ? -1.686  -9.466  1.119   1.00 43.22  ? 3   LEU A CA  1 
ATOM   21  C C   . LEU A 1 4  ? -1.303  -8.092  0.563   1.00 40.95  ? 3   LEU A C   1 
ATOM   22  O O   . LEU A 1 4  ? -1.669  -7.068  1.132   1.00 40.64  ? 3   LEU A O   1 
ATOM   23  C CB  . LEU A 1 4  ? -0.515  -10.039 1.934   1.00 46.42  ? 3   LEU A CB  1 
ATOM   24  C CG  . LEU A 1 4  ? -0.038  -9.227  3.147   1.00 48.02  ? 3   LEU A CG  1 
ATOM   25  C CD1 . LEU A 1 4  ? -1.170  -8.861  4.101   1.00 48.61  ? 3   LEU A CD1 1 
ATOM   26  C CD2 . LEU A 1 4  ? 1.043   -9.996  3.893   1.00 52.47  ? 3   LEU A CD2 1 
ATOM   27  N N   . LEU A 1 5  ? -0.574  -8.069  -0.545  1.00 40.76  ? 4   LEU A N   1 
ATOM   28  C CA  . LEU A 1 5  ? -0.212  -6.795  -1.168  1.00 40.31  ? 4   LEU A CA  1 
ATOM   29  C C   . LEU A 1 5  ? -1.455  -6.032  -1.644  1.00 38.24  ? 4   LEU A C   1 
ATOM   30  O O   . LEU A 1 5  ? -1.531  -4.816  -1.477  1.00 36.24  ? 4   LEU A O   1 
ATOM   31  C CB  . LEU A 1 5  ? 0.774   -7.000  -2.325  1.00 42.34  ? 4   LEU A CB  1 
ATOM   32  C CG  . LEU A 1 5  ? 2.180   -7.457  -1.925  1.00 44.60  ? 4   LEU A CG  1 
ATOM   33  C CD1 . LEU A 1 5  ? 3.036   -7.605  -3.173  1.00 47.37  ? 4   LEU A CD1 1 
ATOM   34  C CD2 . LEU A 1 5  ? 2.834   -6.507  -0.928  1.00 45.14  ? 4   LEU A CD2 1 
ATOM   35  N N   . GLU A 1 6  ? -2.415  -6.755  -2.223  1.00 38.56  ? 5   GLU A N   1 
ATOM   36  C CA  . GLU A 1 6  ? -3.687  -6.156  -2.656  1.00 38.16  ? 5   GLU A CA  1 
ATOM   37  C C   . GLU A 1 6  ? -4.468  -5.631  -1.456  1.00 35.08  ? 5   GLU A C   1 
ATOM   38  O O   . GLU A 1 6  ? -5.034  -4.545  -1.516  1.00 34.14  ? 5   GLU A O   1 
ATOM   39  C CB  . GLU A 1 6  ? -4.544  -7.161  -3.428  1.00 40.15  ? 5   GLU A CB  1 
ATOM   40  C CG  . GLU A 1 6  ? -3.985  -7.541  -4.793  1.00 44.44  ? 5   GLU A CG  1 
ATOM   41  N N   . LEU A 1 7  ? -4.500  -6.408  -0.380  1.00 35.40  ? 6   LEU A N   1 
ATOM   42  C CA  . LEU A 1 7  ? -5.107  -5.975  0.888   1.00 34.87  ? 6   LEU A CA  1 
ATOM   43  C C   . LEU A 1 7  ? -4.477  -4.654  1.350   1.00 34.17  ? 6   LEU A C   1 
ATOM   44  O O   . LEU A 1 7  ? -5.190  -3.695  1.639   1.00 33.45  ? 6   LEU A O   1 
ATOM   45  C CB  . LEU A 1 7  ? -4.956  -7.060  1.967   1.00 36.77  ? 6   LEU A CB  1 
ATOM   46  C CG  . LEU A 1 7  ? -5.819  -6.934  3.233   1.00 37.83  ? 6   LEU A CG  1 
ATOM   47  C CD1 . LEU A 1 7  ? -5.861  -8.262  3.980   1.00 41.27  ? 6   LEU A CD1 1 
ATOM   48  C CD2 . LEU A 1 7  ? -5.344  -5.819  4.149   1.00 37.94  ? 6   LEU A CD2 1 
ATOM   49  N N   . LEU A 1 8  ? -3.142  -4.621  1.405   1.00 34.71  ? 7   LEU A N   1 
ATOM   50  C CA  A LEU A 1 8  ? -2.399  -3.424  1.814   0.50 34.25  ? 7   LEU A CA  1 
ATOM   51  C CA  B LEU A 1 8  ? -2.405  -3.414  1.805   0.50 34.80  ? 7   LEU A CA  1 
ATOM   52  C C   . LEU A 1 8  ? -2.737  -2.212  0.936   1.00 33.20  ? 7   LEU A C   1 
ATOM   53  O O   . LEU A 1 8  ? -2.975  -1.117  1.452   1.00 33.06  ? 7   LEU A O   1 
ATOM   54  C CB  A LEU A 1 8  ? -0.889  -3.709  1.794   0.50 35.90  ? 7   LEU A CB  1 
ATOM   55  C CB  B LEU A 1 8  ? -0.896  -3.653  1.767   0.50 37.20  ? 7   LEU A CB  1 
ATOM   56  C CG  A LEU A 1 8  ? 0.057   -2.630  2.322   0.50 37.23  ? 7   LEU A CG  1 
ATOM   57  C CG  B LEU A 1 8  ? -0.390  -4.425  2.968   0.50 39.59  ? 7   LEU A CG  1 
ATOM   58  C CD1 A LEU A 1 8  ? -0.310  -2.220  3.739   0.50 37.46  ? 7   LEU A CD1 1 
ATOM   59  C CD1 B LEU A 1 8  ? 0.996   -4.963  2.683   0.50 42.50  ? 7   LEU A CD1 1 
ATOM   60  C CD2 A LEU A 1 8  ? 1.491   -3.124  2.259   0.50 40.12  ? 7   LEU A CD2 1 
ATOM   61  C CD2 B LEU A 1 8  ? -0.401  -3.528  4.194   0.50 40.79  ? 7   LEU A CD2 1 
ATOM   62  N N   . ARG A 1 9  ? -2.747  -2.413  -0.382  1.00 32.01  ? 8   ARG A N   1 
ATOM   63  C CA  . ARG A 1 9  ? -3.056  -1.328  -1.309  1.00 33.54  ? 8   ARG A CA  1 
ATOM   64  C C   . ARG A 1 9  ? -4.444  -0.738  -0.990  1.00 32.21  ? 8   ARG A C   1 
ATOM   65  O O   . ARG A 1 9  ? -4.590  0.474   -0.808  1.00 31.10  ? 8   ARG A O   1 
ATOM   66  C CB  . ARG A 1 9  ? -2.992  -1.790  -2.774  1.00 34.74  ? 8   ARG A CB  1 
ATOM   67  C CG  . ARG A 1 9  ? -3.262  -0.666  -3.765  1.00 36.68  ? 8   ARG A CG  1 
ATOM   68  C CD  . ARG A 1 9  ? -3.049  -1.093  -5.192  1.00 40.20  ? 8   ARG A CD  1 
ATOM   69  N NE  . ARG A 1 9  ? -4.039  -2.072  -5.631  1.00 41.38  ? 8   ARG A NE  1 
ATOM   70  C CZ  . ARG A 1 9  ? -5.234  -1.786  -6.154  1.00 43.00  ? 8   ARG A CZ  1 
ATOM   71  N NH1 . ARG A 1 9  ? -5.654  -0.527  -6.317  1.00 44.08  ? 8   ARG A NH1 1 
ATOM   72  N NH2 . ARG A 1 9  ? -6.022  -2.779  -6.522  1.00 44.65  ? 8   ARG A NH2 1 
ATOM   73  N N   . LYS A 1 10 ? -5.429  -1.619  -0.862  1.00 31.64  ? 9   LYS A N   1 
ATOM   74  C CA  . LYS A 1 10 ? -6.822  -1.188  -0.640  1.00 32.00  ? 9   LYS A CA  1 
ATOM   75  C C   . LYS A 1 10 ? -6.979  -0.497  0.705   1.00 31.65  ? 9   LYS A C   1 
ATOM   76  O O   . LYS A 1 10 ? -7.653  0.530   0.796   1.00 31.34  ? 9   LYS A O   1 
ATOM   77  C CB  . LYS A 1 10 ? -7.786  -2.373  -0.734  1.00 34.16  ? 9   LYS A CB  1 
ATOM   78  C CG  . LYS A 1 10 ? -7.799  -3.088  -2.071  1.00 36.52  ? 9   LYS A CG  1 
ATOM   79  C CD  . LYS A 1 10 ? -8.357  -2.240  -3.180  1.00 39.97  ? 9   LYS A CD  1 
ATOM   80  C CE  . LYS A 1 10 ? -8.621  -3.078  -4.418  1.00 43.54  ? 9   LYS A CE  1 
ATOM   81  N NZ  . LYS A 1 10 ? -9.146  -2.201  -5.490  1.00 46.91  ? 9   LYS A NZ  1 
ATOM   82  N N   . LEU A 1 11 ? -6.318  -1.035  1.729   1.00 31.77  ? 10  LEU A N   1 
ATOM   83  C CA  . LEU A 1 11 ? -6.321  -0.441  3.052   1.00 32.84  ? 10  LEU A CA  1 
ATOM   84  C C   . LEU A 1 11 ? -5.659  0.945   3.091   1.00 32.08  ? 10  LEU A C   1 
ATOM   85  O O   . LEU A 1 11 ? -6.200  1.866   3.697   1.00 31.28  ? 10  LEU A O   1 
ATOM   86  C CB  . LEU A 1 11 ? -5.671  -1.383  4.057   1.00 34.69  ? 10  LEU A CB  1 
ATOM   87  C CG  . LEU A 1 11 ? -5.663  -0.965  5.530   1.00 38.27  ? 10  LEU A CG  1 
ATOM   88  C CD1 . LEU A 1 11 ? -7.035  -0.530  6.036   1.00 39.13  ? 10  LEU A CD1 1 
ATOM   89  C CD2 . LEU A 1 11 ? -5.138  -2.114  6.380   1.00 40.09  ? 10  LEU A CD2 1 
ATOM   90  N N   . LEU A 1 12 ? -4.511  1.096   2.432   1.00 31.21  ? 11  LEU A N   1 
ATOM   91  C CA  . LEU A 1 12 ? -3.882  2.409   2.288   1.00 31.04  ? 11  LEU A CA  1 
ATOM   92  C C   . LEU A 1 12 ? -4.770  3.413   1.538   1.00 30.98  ? 11  LEU A C   1 
ATOM   93  O O   . LEU A 1 12 ? -4.803  4.594   1.887   1.00 30.07  ? 11  LEU A O   1 
ATOM   94  C CB  . LEU A 1 12 ? -2.523  2.295   1.596   1.00 32.74  ? 11  LEU A CB  1 
ATOM   95  C CG  . LEU A 1 12 ? -1.414  1.621   2.426   1.00 34.00  ? 11  LEU A CG  1 
ATOM   96  C CD1 . LEU A 1 12 ? -0.224  1.265   1.552   1.00 36.08  ? 11  LEU A CD1 1 
ATOM   97  C CD2 . LEU A 1 12 ? -0.974  2.510   3.575   1.00 35.43  ? 11  LEU A CD2 1 
ATOM   98  N N   . GLU A 1 13 ? -5.485  2.944   0.519   1.00 30.28  ? 12  GLU A N   1 
ATOM   99  C CA  . GLU A 1 13 ? -6.391  3.812   -0.234  1.00 31.46  ? 12  GLU A CA  1 
ATOM   100 C C   . GLU A 1 13 ? -7.588  4.228   0.636   1.00 31.42  ? 12  GLU A C   1 
ATOM   101 O O   . GLU A 1 13 ? -8.021  5.367   0.565   1.00 32.48  ? 12  GLU A O   1 
ATOM   102 C CB  . GLU A 1 13 ? -6.837  3.142   -1.540  1.00 32.83  ? 12  GLU A CB  1 
ATOM   103 C CG  . GLU A 1 13 ? -5.704  3.037   -2.569  1.00 35.44  ? 12  GLU A CG  1 
ATOM   104 C CD  . GLU A 1 13 ? -5.952  2.043   -3.699  1.00 38.30  ? 12  GLU A CD  1 
ATOM   105 O OE1 . GLU A 1 13 ? -6.849  1.185   -3.585  1.00 40.51  ? 12  GLU A OE1 1 
ATOM   106 O OE2 . GLU A 1 13 ? -5.204  2.086   -4.705  1.00 41.56  ? 12  GLU A OE2 1 
ATOM   107 N N   . ALA A 1 14 ? -8.107  3.303   1.446   1.00 31.33  ? 13  ALA A N   1 
ATOM   108 C CA  . ALA A 1 14 ? -9.193  3.603   2.395   1.00 32.24  ? 13  ALA A CA  1 
ATOM   109 C C   . ALA A 1 14 ? -8.734  4.638   3.432   1.00 32.97  ? 13  ALA A C   1 
ATOM   110 O O   . ALA A 1 14 ? -9.469  5.585   3.727   1.00 33.44  ? 13  ALA A O   1 
ATOM   111 C CB  . ALA A 1 14 ? -9.679  2.327   3.086   1.00 31.64  ? 13  ALA A CB  1 
ATOM   112 N N   . LEU A 1 15 ? -7.524  4.449   3.973   1.00 33.23  ? 14  LEU A N   1 
ATOM   113 C CA  A LEU A 1 15 ? -6.921  5.410   4.908   0.50 34.32  ? 14  LEU A CA  1 
ATOM   114 C CA  B LEU A 1 15 ? -6.918  5.417   4.905   0.50 34.67  ? 14  LEU A CA  1 
ATOM   115 C C   . LEU A 1 15 ? -6.805  6.810   4.301   1.00 35.16  ? 14  LEU A C   1 
ATOM   116 O O   . LEU A 1 15 ? -7.133  7.811   4.965   1.00 35.93  ? 14  LEU A O   1 
ATOM   117 C CB  A LEU A 1 15 ? -5.540  4.918   5.378   0.50 35.38  ? 14  LEU A CB  1 
ATOM   118 C CB  B LEU A 1 15 ? -5.526  4.959   5.374   0.50 36.25  ? 14  LEU A CB  1 
ATOM   119 C CG  A LEU A 1 15 ? -4.768  5.785   6.382   0.50 37.64  ? 14  LEU A CG  1 
ATOM   120 C CG  B LEU A 1 15 ? -5.489  4.107   6.637   0.50 38.02  ? 14  LEU A CG  1 
ATOM   121 C CD1 A LEU A 1 15 ? -5.565  5.984   7.659   0.50 39.11  ? 14  LEU A CD1 1 
ATOM   122 C CD1 B LEU A 1 15 ? -4.095  3.533   6.848   0.50 39.96  ? 14  LEU A CD1 1 
ATOM   123 C CD2 A LEU A 1 15 ? -3.413  5.177   6.695   0.50 39.51  ? 14  LEU A CD2 1 
ATOM   124 C CD2 B LEU A 1 15 ? -5.916  4.930   7.841   0.50 40.18  ? 14  LEU A CD2 1 
ATOM   125 N N   . HIS A 1 16 ? -6.340  6.873   3.053   1.00 34.47  ? 15  HIS A N   1 
ATOM   126 C CA  . HIS A 1 16 ? -6.196  8.131   2.327   1.00 36.22  ? 15  HIS A CA  1 
ATOM   127 C C   . HIS A 1 16 ? -7.537  8.868   2.196   1.00 36.47  ? 15  HIS A C   1 
ATOM   128 O O   . HIS A 1 16 ? -7.604  10.083  2.402   1.00 37.22  ? 15  HIS A O   1 
ATOM   129 C CB  . HIS A 1 16 ? -5.600  7.880   0.943   1.00 37.26  ? 15  HIS A CB  1 
ATOM   130 C CG  . HIS A 1 16 ? -5.429  9.117   0.117   1.00 40.08  ? 15  HIS A CG  1 
ATOM   131 N ND1 . HIS A 1 16 ? -4.715  10.212  0.555   1.00 43.96  ? 15  HIS A ND1 1 
ATOM   132 C CD2 . HIS A 1 16 ? -5.859  9.423   -1.128  1.00 42.11  ? 15  HIS A CD2 1 
ATOM   133 C CE1 . HIS A 1 16 ? -4.726  11.147  -0.379  1.00 46.08  ? 15  HIS A CE1 1 
ATOM   134 N NE2 . HIS A 1 16 ? -5.414  10.694  -1.412  1.00 45.54  ? 15  HIS A NE2 1 
ATOM   135 N N   . LYS A 1 17 ? -8.586  8.126   1.855   1.00 35.33  ? 16  LYS A N   1 
ATOM   136 C CA  . LYS A 1 17 ? -9.943  8.679   1.784   1.00 37.01  ? 16  LYS A CA  1 
ATOM   137 C C   . LYS A 1 17 ? -10.456 9.170   3.142   1.00 37.16  ? 16  LYS A C   1 
ATOM   138 O O   . LYS A 1 17 ? -11.103 10.219  3.211   1.00 39.34  ? 16  LYS A O   1 
ATOM   139 C CB  . LYS A 1 17 ? -10.923 7.645   1.208   1.00 37.97  ? 16  LYS A CB  1 
ATOM   140 C CG  . LYS A 1 17 ? -10.672 7.279   -0.248  1.00 40.21  ? 16  LYS A CG  1 
ATOM   141 C CD  . LYS A 1 17 ? -11.050 8.401   -1.201  1.00 44.08  ? 16  LYS A CD  1 
ATOM   142 C CE  . LYS A 1 17 ? -10.292 8.276   -2.514  1.00 46.73  ? 16  LYS A CE  1 
ATOM   143 N NZ  . LYS A 1 17 ? -10.704 9.347   -3.458  1.00 51.40  ? 16  LYS A NZ  1 
ATOM   144 N N   . ALA A 1 18 ? -10.183 8.411   4.200   1.00 36.29  ? 17  ALA A N   1 
ATOM   145 C CA  . ALA A 1 18 ? -10.564 8.794   5.578   1.00 38.16  ? 17  ALA A CA  1 
ATOM   146 C C   . ALA A 1 18 ? -9.900  10.113  6.007   1.00 40.85  ? 17  ALA A C   1 
ATOM   147 O O   . ALA A 1 18 ? -10.551 10.993  6.600   1.00 41.58  ? 17  ALA A O   1 
ATOM   148 C CB  . ALA A 1 18 ? -10.219 7.683   6.558   1.00 38.11  ? 17  ALA A CB  1 
ATOM   149 N N   . ILE A 1 19 ? -8.614  10.250  5.686   1.00 41.84  ? 18  ILE A N   1 
ATOM   150 C CA  . ILE A 1 19 ? -7.863  11.484  5.950   1.00 44.61  ? 18  ILE A CA  1 
ATOM   151 C C   . ILE A 1 19 ? -8.430  12.661  5.156   1.00 46.44  ? 18  ILE A C   1 
ATOM   152 O O   . ILE A 1 19 ? -8.620  13.750  5.714   1.00 48.48  ? 18  ILE A O   1 
ATOM   153 C CB  . ILE A 1 19 ? -6.352  11.299  5.678   1.00 45.79  ? 18  ILE A CB  1 
ATOM   154 C CG1 . ILE A 1 19 ? -5.757  10.326  6.706   1.00 46.90  ? 18  ILE A CG1 1 
ATOM   155 C CG2 . ILE A 1 19 ? -5.612  12.635  5.738   1.00 49.18  ? 18  ILE A CG2 1 
ATOM   156 C CD1 . ILE A 1 19 ? -4.398  9.767   6.332   1.00 48.57  ? 18  ILE A CD1 1 
ATOM   157 N N   . GLU A 1 20 ? -8.706  12.441  3.872   1.00 45.39  ? 19  GLU A N   1 
ATOM   158 C CA  . GLU A 1 20 ? -9.335  13.466  3.028   1.00 48.80  ? 19  GLU A CA  1 
ATOM   159 C C   . GLU A 1 20 ? -10.689 13.924  3.582   1.00 49.42  ? 19  GLU A C   1 
ATOM   160 O O   . GLU A 1 20 ? -10.977 15.119  3.600   1.00 51.54  ? 19  GLU A O   1 
ATOM   161 C CB  . GLU A 1 20 ? -9.488  12.979  1.585   1.00 49.73  ? 19  GLU A CB  1 
ATOM   162 C CG  . GLU A 1 20 ? -8.174  12.917  0.822   1.00 51.57  ? 19  GLU A CG  1 
ATOM   163 C CD  . GLU A 1 20 ? -8.334  12.447  -0.606  1.00 53.49  ? 19  GLU A CD  1 
ATOM   164 O OE1 . GLU A 1 20 ? -9.265  11.667  -0.896  1.00 53.08  ? 19  GLU A OE1 1 
ATOM   165 O OE2 . GLU A 1 20 ? -7.511  12.858  -1.451  1.00 58.82  ? 19  GLU A OE2 1 
ATOM   166 N N   . LEU A 1 21 ? -11.500 12.978  4.043   1.00 48.46  ? 20  LEU A N   1 
ATOM   167 C CA  . LEU A 1 21 ? -12.764 13.310  4.712   1.00 50.91  ? 20  LEU A CA  1 
ATOM   168 C C   . LEU A 1 21 ? -12.546 14.144  5.971   1.00 54.18  ? 20  LEU A C   1 
ATOM   169 O O   . LEU A 1 21 ? -13.193 15.183  6.147   1.00 54.91  ? 20  LEU A O   1 
ATOM   170 C CB  . LEU A 1 21 ? -13.565 12.051  5.058   1.00 49.99  ? 20  LEU A CB  1 
ATOM   171 C CG  . LEU A 1 21 ? -14.382 11.470  3.898   1.00 50.36  ? 20  LEU A CG  1 
ATOM   172 C CD1 . LEU A 1 21 ? -14.936 10.106  4.279   1.00 50.58  ? 20  LEU A CD1 1 
ATOM   173 C CD2 . LEU A 1 21 ? -15.510 12.410  3.477   1.00 52.95  ? 20  LEU A CD2 1 
ATOM   174 N N   . LEU A 1 22 ? -11.630 13.688  6.825   1.00 54.83  ? 21  LEU A N   1 
ATOM   175 C CA  . LEU A 1 22 ? -11.285 14.399  8.056   1.00 59.04  ? 21  LEU A CA  1 
ATOM   176 C C   . LEU A 1 22 ? -10.874 15.842  7.772   1.00 62.03  ? 21  LEU A C   1 
ATOM   177 O O   . LEU A 1 22 ? -11.344 16.766  8.443   1.00 64.90  ? 21  LEU A O   1 
ATOM   178 C CB  . LEU A 1 22 ? -10.163 13.676  8.807   1.00 59.40  ? 21  LEU A CB  1 
ATOM   179 C CG  . LEU A 1 22 ? -9.828  14.228  10.194  1.00 63.47  ? 21  LEU A CG  1 
ATOM   180 C CD1 . LEU A 1 22 ? -11.009 14.079  11.147  1.00 65.49  ? 21  LEU A CD1 1 
ATOM   181 C CD2 . LEU A 1 22 ? -8.591  13.548  10.753  1.00 64.63  ? 21  LEU A CD2 1 
ATOM   182 N N   . GLU A 1 23 ? -10.010 16.022  6.777   1.00 62.28  ? 22  GLU A N   1 
ATOM   183 C CA  . GLU A 1 23 ? -9.582  17.353  6.342   1.00 66.97  ? 22  GLU A CA  1 
ATOM   184 C C   . GLU A 1 23 ? -10.765 18.240  5.946   1.00 70.07  ? 22  GLU A C   1 
ATOM   185 O O   . GLU A 1 23 ? -10.846 19.393  6.374   1.00 72.94  ? 22  GLU A O   1 
ATOM   186 C CB  . GLU A 1 23 ? -8.585  17.251  5.180   1.00 66.55  ? 22  GLU A CB  1 
ATOM   187 C CG  . GLU A 1 23 ? -7.205  16.767  5.614   1.00 67.71  ? 22  GLU A CG  1 
ATOM   188 C CD  . GLU A 1 23 ? -6.301  16.336  4.462   1.00 68.13  ? 22  GLU A CD  1 
ATOM   189 O OE1 . GLU A 1 23 ? -6.790  16.093  3.336   1.00 67.94  ? 22  GLU A OE1 1 
ATOM   190 O OE2 . GLU A 1 23 ? -5.077  16.227  4.693   1.00 69.67  ? 22  GLU A OE2 1 
ATOM   191 N N   . LYS A 1 24 ? -11.690 17.689  5.163   1.00 71.32  ? 23  LYS A N   1 
ATOM   192 C CA  . LYS A 1 24 ? -12.854 18.445  4.699   1.00 75.94  ? 23  LYS A CA  1 
ATOM   193 C C   . LYS A 1 24 ? -13.814 18.760  5.851   1.00 79.26  ? 23  LYS A C   1 
ATOM   194 O O   . LYS A 1 24 ? -14.095 19.930  6.122   1.00 82.05  ? 23  LYS A O   1 
ATOM   195 C CB  . LYS A 1 24 ? -13.586 17.691  3.580   1.00 75.43  ? 23  LYS A CB  1 
ATOM   196 C CG  . LYS A 1 24 ? -14.561 18.560  2.802   1.00 78.61  ? 23  LYS A CG  1 
ATOM   197 C CD  . LYS A 1 24 ? -15.370 17.766  1.788   1.00 79.40  ? 23  LYS A CD  1 
ATOM   198 C CE  . LYS A 1 24 ? -16.539 18.595  1.278   1.00 83.26  ? 23  LYS A CE  1 
ATOM   199 N NZ  . LYS A 1 24 ? -17.352 17.889  0.250   1.00 85.20  ? 23  LYS A NZ  1 
ATOM   200 N N   . TRP A 1 25 ? -14.289 17.715  6.527   1.00 80.53  ? 24  TRP A N   1 
ATOM   201 C CA  . TRP A 1 25 ? -15.317 17.838  7.569   1.00 84.76  ? 24  TRP A CA  1 
ATOM   202 C C   . TRP A 1 25 ? -14.669 17.964  8.950   1.00 87.63  ? 24  TRP A C   1 
ATOM   203 O O   . TRP A 1 25 ? -14.773 17.065  9.791   1.00 88.50  ? 24  TRP A O   1 
ATOM   204 C CB  . TRP A 1 25 ? -16.277 16.643  7.516   1.00 84.99  ? 24  TRP A CB  1 
ATOM   205 C CG  . TRP A 1 25 ? -16.980 16.490  6.191   1.00 86.04  ? 24  TRP A CG  1 
ATOM   206 C CD1 . TRP A 1 25 ? -16.654 15.620  5.187   1.00 84.07  ? 24  TRP A CD1 1 
ATOM   207 C CD2 . TRP A 1 25 ? -18.124 17.225  5.729   1.00 89.27  ? 24  TRP A CD2 1 
ATOM   208 N NE1 . TRP A 1 25 ? -17.523 15.768  4.129   1.00 86.25  ? 24  TRP A NE1 1 
ATOM   209 C CE2 . TRP A 1 25 ? -18.435 16.744  4.434   1.00 89.51  ? 24  TRP A CE2 1 
ATOM   210 C CE3 . TRP A 1 25 ? -18.917 18.244  6.282   1.00 93.01  ? 24  TRP A CE3 1 
ATOM   211 C CZ2 . TRP A 1 25 ? -19.507 17.250  3.679   1.00 92.78  ? 24  TRP A CZ2 1 
ATOM   212 C CZ3 . TRP A 1 25 ? -19.986 18.747  5.531   1.00 95.97  ? 24  TRP A CZ3 1 
ATOM   213 C CH2 . TRP A 1 25 ? -20.268 18.245  4.243   1.00 96.07  ? 24  TRP A CH2 1 
ATOM   214 N N   . GLY A 1 26 ? -14.012 19.102  9.168   1.00 90.02  ? 25  GLY A N   1 
ATOM   215 C CA  . GLY A 1 26 ? -13.262 19.366  10.398  1.00 92.24  ? 25  GLY A CA  1 
ATOM   216 C C   . GLY A 1 26 ? -12.086 20.289  10.141  1.00 93.73  ? 25  GLY A C   1 
ATOM   217 O O   . GLY A 1 26 ? -11.247 20.020  9.283   1.00 92.61  ? 25  GLY A O   1 
HETATM 218 N N   . NH2 A 1 27 ? -11.945 21.331  10.781  1.00 97.32  ? 26  NH2 A N   1 
HETATM 219 C C   . ACE B 1 1  ? 4.614   8.146   7.367   1.00 64.62  ? 0   ACE C C   1 
HETATM 220 O O   . ACE B 1 1  ? 4.434   7.339   6.470   1.00 62.02  ? 0   ACE C O   1 
HETATM 221 C CH3 . ACE B 1 1  ? 5.650   7.872   8.434   1.00 67.05  ? 0   ACE C CH3 1 
ATOM   222 N N   . SER B 1 2  ? 3.914   9.278   7.415   1.00 64.12  ? 1   SER C N   1 
ATOM   223 C CA  . SER B 1 2  ? 2.882   9.576   6.375   1.00 61.83  ? 1   SER C CA  1 
ATOM   224 C C   . SER B 1 2  ? 3.461   9.607   4.961   1.00 58.71  ? 1   SER C C   1 
ATOM   225 O O   . SER B 1 2  ? 2.830   9.119   4.027   1.00 54.21  ? 1   SER C O   1 
ATOM   226 C CB  . SER B 1 2  ? 2.216   10.913  6.663   1.00 64.98  ? 1   SER C CB  1 
ATOM   227 O OG  . SER B 1 2  ? 1.288   11.235  5.648   1.00 66.17  ? 1   SER C OG  1 
ATOM   228 N N   . LYS B 1 3  ? 4.653   10.182  4.814   1.00 56.72  ? 2   LYS C N   1 
ATOM   229 C CA  . LYS B 1 3  ? 5.290   10.289  3.500   1.00 55.58  ? 2   LYS C CA  1 
ATOM   230 C C   . LYS B 1 3  ? 5.681   8.915   2.957   1.00 50.27  ? 2   LYS C C   1 
ATOM   231 O O   . LYS B 1 3  ? 5.496   8.647   1.772   1.00 48.78  ? 2   LYS C O   1 
ATOM   232 C CB  . LYS B 1 3  ? 6.525   11.200  3.553   1.00 60.11  ? 2   LYS C CB  1 
ATOM   233 C CG  . LYS B 1 3  ? 6.658   12.140  2.363   1.00 63.18  ? 2   LYS C CG  1 
ATOM   234 C CD  . LYS B 1 3  ? 6.133   13.543  2.678   1.00 66.68  ? 2   LYS C CD  1 
ATOM   235 C CE  . LYS B 1 3  ? 4.609   13.652  2.651   1.00 66.24  ? 2   LYS C CE  1 
ATOM   236 N NZ  . LYS B 1 3  ? 4.086   14.088  1.323   1.00 67.23  ? 2   LYS C NZ  1 
ATOM   237 N N   . LEU B 1 4  ? 6.214   8.063   3.829   1.00 48.39  ? 3   LEU C N   1 
ATOM   238 C CA  . LEU B 1 4  ? 6.600   6.701   3.462   1.00 47.59  ? 3   LEU C CA  1 
ATOM   239 C C   . LEU B 1 4  ? 5.388   5.823   3.125   1.00 44.77  ? 3   LEU C C   1 
ATOM   240 O O   . LEU B 1 4  ? 5.447   5.009   2.205   1.00 41.51  ? 3   LEU C O   1 
ATOM   241 C CB  . LEU B 1 4  ? 7.412   6.056   4.588   1.00 49.53  ? 3   LEU C CB  1 
ATOM   242 C CG  . LEU B 1 4  ? 7.922   4.629   4.388   1.00 50.22  ? 3   LEU C CG  1 
ATOM   243 C CD1 . LEU B 1 4  ? 8.701   4.494   3.089   1.00 50.83  ? 3   LEU C CD1 1 
ATOM   244 C CD2 . LEU B 1 4  ? 8.779   4.217   5.574   1.00 53.45  ? 3   LEU C CD2 1 
ATOM   245 N N   . LEU B 1 5  ? 4.302   5.981   3.883   1.00 43.99  ? 4   LEU C N   1 
ATOM   246 C CA  . LEU B 1 5  ? 3.061   5.247   3.589   1.00 42.89  ? 4   LEU C CA  1 
ATOM   247 C C   . LEU B 1 5  ? 2.478   5.672   2.251   1.00 40.58  ? 4   LEU C C   1 
ATOM   248 O O   . LEU B 1 5  ? 2.001   4.827   1.494   1.00 38.98  ? 4   LEU C O   1 
ATOM   249 C CB  . LEU B 1 5  ? 2.021   5.434   4.703   1.00 44.85  ? 4   LEU C CB  1 
ATOM   250 C CG  . LEU B 1 5  ? 2.427   4.846   6.058   1.00 47.30  ? 4   LEU C CG  1 
ATOM   251 C CD1 . LEU B 1 5  ? 1.457   5.308   7.131   1.00 49.88  ? 4   LEU C CD1 1 
ATOM   252 C CD2 . LEU B 1 5  ? 2.518   3.329   6.006   1.00 48.10  ? 4   LEU C CD2 1 
ATOM   253 N N   . GLU B 1 6  ? 2.530   6.969   1.955   1.00 41.41  ? 5   GLU C N   1 
ATOM   254 C CA  . GLU B 1 6  ? 2.067   7.492   0.662   1.00 42.17  ? 5   GLU C CA  1 
ATOM   255 C C   . GLU B 1 6  ? 2.889   6.932   -0.506  1.00 39.72  ? 5   GLU C C   1 
ATOM   256 O O   . GLU B 1 6  ? 2.328   6.533   -1.526  1.00 36.85  ? 5   GLU C O   1 
ATOM   257 C CB  . GLU B 1 6  ? 2.103   9.019   0.645   1.00 46.52  ? 5   GLU C CB  1 
ATOM   258 C CG  . GLU B 1 6  ? 1.013   9.653   1.506   1.00 50.00  ? 5   GLU C CG  1 
ATOM   259 C CD  . GLU B 1 6  ? 1.122   11.159  1.635   1.00 54.43  ? 5   GLU C CD  1 
ATOM   260 O OE1 . GLU B 1 6  ? 2.106   11.755  1.137   1.00 56.87  ? 5   GLU C OE1 1 
ATOM   261 O OE2 . GLU B 1 6  ? 0.200   11.756  2.242   1.00 57.80  ? 5   GLU C OE2 1 
ATOM   262 N N   . LEU B 1 7  ? 4.208   6.902   -0.337  1.00 39.27  ? 6   LEU C N   1 
ATOM   263 C CA  . LEU B 1 7  ? 5.111   6.248   -1.294  1.00 39.26  ? 6   LEU C CA  1 
ATOM   264 C C   . LEU B 1 7  ? 4.714   4.791   -1.535  1.00 37.23  ? 6   LEU C C   1 
ATOM   265 O O   . LEU B 1 7  ? 4.623   4.354   -2.685  1.00 37.51  ? 6   LEU C O   1 
ATOM   266 C CB  . LEU B 1 7  ? 6.566   6.322   -0.794  1.00 41.53  ? 6   LEU C CB  1 
ATOM   267 C CG  . LEU B 1 7  ? 7.655   5.572   -1.586  1.00 43.41  ? 6   LEU C CG  1 
ATOM   268 C CD1 . LEU B 1 7  ? 7.526   5.788   -3.077  1.00 43.72  ? 6   LEU C CD1 1 
ATOM   269 C CD2 . LEU B 1 7  ? 9.025   6.025   -1.088  1.00 46.56  ? 6   LEU C CD2 1 
ATOM   270 N N   . LEU B 1 8  ? 4.494   4.054   -0.452  1.00 37.10  ? 7   LEU C N   1 
ATOM   271 C CA  . LEU B 1 8  ? 4.082   2.660   -0.525  1.00 37.57  ? 7   LEU C CA  1 
ATOM   272 C C   . LEU B 1 8  ? 2.758   2.482   -1.281  1.00 36.77  ? 7   LEU C C   1 
ATOM   273 O O   . LEU B 1 8  ? 2.649   1.601   -2.128  1.00 36.18  ? 7   LEU C O   1 
ATOM   274 C CB  . LEU B 1 8  ? 3.983   2.063   0.878   1.00 39.57  ? 7   LEU C CB  1 
ATOM   275 C CG  . LEU B 1 8  ? 3.571   0.603   1.019   1.00 41.43  ? 7   LEU C CG  1 
ATOM   276 C CD1 . LEU B 1 8  ? 4.533   -0.314  0.274   1.00 43.11  ? 7   LEU C CD1 1 
ATOM   277 C CD2 . LEU B 1 8  ? 3.509   0.244   2.487   1.00 44.59  ? 7   LEU C CD2 1 
ATOM   278 N N   . ARG B 1 9  ? 1.763   3.317   -0.977  1.00 36.16  ? 8   ARG C N   1 
ATOM   279 C CA  . ARG B 1 9  ? 0.506   3.299   -1.722  1.00 36.38  ? 8   ARG C CA  1 
ATOM   280 C C   . ARG B 1 9  ? 0.714   3.481   -3.228  1.00 35.40  ? 8   ARG C C   1 
ATOM   281 O O   . ARG B 1 9  ? 0.165   2.709   -4.017  1.00 33.95  ? 8   ARG C O   1 
ATOM   282 C CB  . ARG B 1 9  ? -0.461  4.354   -1.200  1.00 37.56  ? 8   ARG C CB  1 
ATOM   283 C CG  . ARG B 1 9  ? -1.769  4.416   -1.979  1.00 39.44  ? 8   ARG C CG  1 
ATOM   284 C CD  . ARG B 1 9  ? -2.830  5.215   -1.251  1.00 42.18  ? 8   ARG C CD  1 
ATOM   285 N NE  . ARG B 1 9  ? -2.319  6.460   -0.682  1.00 43.42  ? 8   ARG C NE  1 
ATOM   286 C CZ  . ARG B 1 9  ? -2.310  7.660   -1.271  1.00 46.29  ? 8   ARG C CZ  1 
ATOM   287 N NH1 . ARG B 1 9  ? -1.814  8.698   -0.600  1.00 49.04  ? 8   ARG C NH1 1 
ATOM   288 N NH2 . ARG B 1 9  ? -2.780  7.856   -2.501  1.00 47.31  ? 8   ARG C NH2 1 
ATOM   289 N N   . LYS B 1 10 ? 1.521   4.471   -3.611  1.00 35.64  ? 9   LYS C N   1 
ATOM   290 C CA  . LYS B 1 10 ? 1.772   4.767   -5.026  1.00 36.69  ? 9   LYS C CA  1 
ATOM   291 C C   . LYS B 1 10 ? 2.528   3.636   -5.715  1.00 35.51  ? 9   LYS C C   1 
ATOM   292 O O   . LYS B 1 10 ? 2.239   3.304   -6.863  1.00 35.34  ? 9   LYS C O   1 
ATOM   293 C CB  . LYS B 1 10 ? 2.531   6.091   -5.194  1.00 39.00  ? 9   LYS C CB  1 
ATOM   294 C CG  . LYS B 1 10 ? 1.787   7.322   -4.688  1.00 41.54  ? 9   LYS C CG  1 
ATOM   295 C CD  . LYS B 1 10 ? 0.575   7.661   -5.528  1.00 43.53  ? 9   LYS C CD  1 
ATOM   296 C CE  . LYS B 1 10 ? -0.146  8.870   -4.960  1.00 47.21  ? 9   LYS C CE  1 
ATOM   297 N NZ  . LYS B 1 10 ? -1.344  9.222   -5.767  1.00 50.05  ? 9   LYS C NZ  1 
ATOM   298 N N   . LEU B 1 11 ? 3.470   3.039   -4.993  1.00 35.86  ? 10  LEU C N   1 
ATOM   299 C CA  . LEU B 1 11 ? 4.242   1.921   -5.510  1.00 36.87  ? 10  LEU C CA  1 
ATOM   300 C C   . LEU B 1 11 ? 3.356   0.686   -5.727  1.00 34.83  ? 10  LEU C C   1 
ATOM   301 O O   . LEU B 1 11 ? 3.472   0.026   -6.755  1.00 33.42  ? 10  LEU C O   1 
ATOM   302 C CB  . LEU B 1 11 ? 5.394   1.597   -4.564  1.00 40.74  ? 10  LEU C CB  1 
ATOM   303 C CG  . LEU B 1 11 ? 6.628   0.868   -5.068  1.00 46.54  ? 10  LEU C CG  1 
ATOM   304 C CD1 . LEU B 1 11 ? 7.211   1.509   -6.323  1.00 49.44  ? 10  LEU C CD1 1 
ATOM   305 C CD2 . LEU B 1 11 ? 7.679   0.871   -3.961  1.00 48.96  ? 10  LEU C CD2 1 
ATOM   306 N N   . LEU B 1 12 ? 2.485   0.390   -4.761  1.00 33.54  ? 11  LEU C N   1 
ATOM   307 C CA  . LEU B 1 12 ? 1.527   -0.709  -4.887  1.00 33.71  ? 11  LEU C CA  1 
ATOM   308 C C   . LEU B 1 12 ? 0.524   -0.486  -6.020  1.00 32.92  ? 11  LEU C C   1 
ATOM   309 O O   . LEU B 1 12 ? 0.147   -1.443  -6.698  1.00 33.32  ? 11  LEU C O   1 
ATOM   310 C CB  . LEU B 1 12 ? 0.805   -0.967  -3.563  1.00 35.37  ? 11  LEU C CB  1 
ATOM   311 C CG  . LEU B 1 12 ? 1.650   -1.505  -2.407  1.00 35.70  ? 11  LEU C CG  1 
ATOM   312 C CD1 . LEU B 1 12 ? 0.910   -1.351  -1.090  1.00 37.18  ? 11  LEU C CD1 1 
ATOM   313 C CD2 . LEU B 1 12 ? 2.051   -2.955  -2.615  1.00 37.50  ? 11  LEU C CD2 1 
ATOM   314 N N   . GLU B 1 13 ? 0.112   0.762   -6.228  1.00 33.05  ? 12  GLU C N   1 
ATOM   315 C CA  . GLU B 1 13 ? -0.749  1.122   -7.353  1.00 34.14  ? 12  GLU C CA  1 
ATOM   316 C C   . GLU B 1 13 ? -0.034  0.935   -8.694  1.00 34.97  ? 12  GLU C C   1 
ATOM   317 O O   . GLU B 1 13 ? -0.638  0.455   -9.663  1.00 34.29  ? 12  GLU C O   1 
ATOM   318 C CB  . GLU B 1 13 ? -1.263  2.553   -7.206  1.00 36.36  ? 12  GLU C CB  1 
ATOM   319 C CG  . GLU B 1 13 ? -2.339  2.692   -6.135  1.00 37.86  ? 12  GLU C CG  1 
ATOM   320 C CD  . GLU B 1 13 ? -2.616  4.130   -5.700  1.00 40.16  ? 12  GLU C CD  1 
ATOM   321 O OE1 . GLU B 1 13 ? -1.933  5.072   -6.157  1.00 40.25  ? 12  GLU C OE1 1 
ATOM   322 O OE2 . GLU B 1 13 ? -3.546  4.331   -4.885  1.00 43.81  ? 12  GLU C OE2 1 
ATOM   323 N N   . ALA B 1 14 ? 1.253   1.303   -8.744  1.00 34.48  ? 13  ALA C N   1 
ATOM   324 C CA  . ALA B 1 14 ? 2.077   1.063   -9.926  1.00 34.66  ? 13  ALA C CA  1 
ATOM   325 C C   . ALA B 1 14 ? 2.195   -0.431  -10.212 1.00 34.70  ? 13  ALA C C   1 
ATOM   326 O O   . ALA B 1 14 ? 2.018   -0.854  -11.356 1.00 35.65  ? 13  ALA C O   1 
ATOM   327 C CB  . ALA B 1 14 ? 3.468   1.691   -9.764  1.00 35.28  ? 13  ALA C CB  1 
ATOM   328 N N   . LEU B 1 15 ? 2.484   -1.220  -9.175  1.00 34.60  ? 14  LEU C N   1 
ATOM   329 C CA  . LEU B 1 15 ? 2.595   -2.671  -9.305  1.00 36.18  ? 14  LEU C CA  1 
ATOM   330 C C   . LEU B 1 15 ? 1.310   -3.303  -9.856  1.00 36.59  ? 14  LEU C C   1 
ATOM   331 O O   . LEU B 1 15 ? 1.355   -4.182  -10.731 1.00 36.90  ? 14  LEU C O   1 
ATOM   332 C CB  . LEU B 1 15 ? 2.948   -3.305  -7.969  1.00 37.52  ? 14  LEU C CB  1 
ATOM   333 C CG  . LEU B 1 15 ? 3.162   -4.817  -7.956  1.00 40.41  ? 14  LEU C CG  1 
ATOM   334 C CD1 . LEU B 1 15 ? 4.344   -5.191  -8.838  1.00 42.03  ? 14  LEU C CD1 1 
ATOM   335 C CD2 . LEU B 1 15 ? 3.381   -5.296  -6.537  1.00 42.25  ? 14  LEU C CD2 1 
ATOM   336 N N   . HIS B 1 16 ? 0.177   -2.850  -9.335  1.00 35.34  ? 15  HIS C N   1 
ATOM   337 C CA  . HIS B 1 16 ? -1.120  -3.324  -9.799  1.00 36.55  ? 15  HIS C CA  1 
ATOM   338 C C   . HIS B 1 16 ? -1.341  -3.022  -11.285 1.00 36.33  ? 15  HIS C C   1 
ATOM   339 O O   . HIS B 1 16 ? -1.820  -3.892  -12.004 1.00 37.32  ? 15  HIS C O   1 
ATOM   340 C CB  . HIS B 1 16 ? -2.252  -2.744  -8.950  1.00 37.20  ? 15  HIS C CB  1 
ATOM   341 C CG  . HIS B 1 16 ? -3.616  -3.217  -9.356  1.00 39.44  ? 15  HIS C CG  1 
ATOM   342 N ND1 . HIS B 1 16 ? -3.998  -4.537  -9.285  1.00 41.93  ? 15  HIS C ND1 1 
ATOM   343 C CD2 . HIS B 1 16 ? -4.688  -2.540  -9.831  1.00 41.40  ? 15  HIS C CD2 1 
ATOM   344 C CE1 . HIS B 1 16 ? -5.247  -4.655  -9.706  1.00 44.47  ? 15  HIS C CE1 1 
ATOM   345 N NE2 . HIS B 1 16 ? -5.688  -3.456  -10.046 1.00 43.57  ? 15  HIS C NE2 1 
ATOM   346 N N   . LYS B 1 17 ? -0.984  -1.817  -11.738 1.00 36.87  ? 16  LYS C N   1 
ATOM   347 C CA  . LYS B 1 17 ? -1.132  -1.459  -13.160 1.00 39.11  ? 16  LYS C CA  1 
ATOM   348 C C   . LYS B 1 17 ? -0.245  -2.331  -14.046 1.00 39.15  ? 16  LYS C C   1 
ATOM   349 O O   . LYS B 1 17 ? -0.655  -2.713  -15.138 1.00 39.89  ? 16  LYS C O   1 
ATOM   350 C CB  . LYS B 1 17 ? -0.791  0.006   -13.441 1.00 40.56  ? 16  LYS C CB  1 
ATOM   351 C CG  . LYS B 1 17 ? -1.629  1.061   -12.742 1.00 42.84  ? 16  LYS C CG  1 
ATOM   352 C CD  . LYS B 1 17 ? -3.115  0.974   -13.026 1.00 46.20  ? 16  LYS C CD  1 
ATOM   353 C CE  . LYS B 1 17 ? -3.836  2.037   -12.209 1.00 48.29  ? 16  LYS C CE  1 
ATOM   354 N NZ  . LYS B 1 17 ? -5.297  2.019   -12.467 1.00 52.46  ? 16  LYS C NZ  1 
ATOM   355 N N   . ALA B 1 18 ? 0.973   -2.611  -13.567 1.00 38.23  ? 17  ALA C N   1 
ATOM   356 C CA  . ALA B 1 18 ? 1.931   -3.446  -14.285 1.00 39.69  ? 17  ALA C CA  1 
ATOM   357 C C   . ALA B 1 18 ? 1.401   -4.883  -14.446 1.00 40.75  ? 17  ALA C C   1 
ATOM   358 O O   . ALA B 1 18 ? 1.546   -5.493  -15.508 1.00 41.71  ? 17  ALA C O   1 
ATOM   359 C CB  . ALA B 1 18 ? 3.276   -3.451  -13.567 1.00 38.87  ? 17  ALA C CB  1 
ATOM   360 N N   . ILE B 1 19 ? 0.797   -5.408  -13.389 1.00 41.53  ? 18  ILE C N   1 
ATOM   361 C CA  . ILE B 1 19 ? 0.196   -6.752  -13.418 1.00 44.78  ? 18  ILE C CA  1 
ATOM   362 C C   . ILE B 1 19 ? -0.998  -6.791  -14.380 1.00 45.92  ? 18  ILE C C   1 
ATOM   363 O O   . ILE B 1 19 ? -1.118  -7.734  -15.155 1.00 48.25  ? 18  ILE C O   1 
ATOM   364 C CB  . ILE B 1 19 ? -0.172  -7.242  -11.998 1.00 45.70  ? 18  ILE C CB  1 
ATOM   365 C CG1 . ILE B 1 19 ? 1.114   -7.489  -11.203 1.00 46.10  ? 18  ILE C CG1 1 
ATOM   366 C CG2 . ILE B 1 19 ? -1.010  -8.522  -12.041 1.00 48.69  ? 18  ILE C CG2 1 
ATOM   367 C CD1 . ILE B 1 19 ? 0.915   -7.591  -9.708  1.00 47.43  ? 18  ILE C CD1 1 
ATOM   368 N N   . GLU B 1 20 ? -1.850  -5.767  -14.350 1.00 46.40  ? 19  GLU C N   1 
ATOM   369 C CA  . GLU B 1 20 ? -2.970  -5.654  -15.305 1.00 49.07  ? 19  GLU C CA  1 
ATOM   370 C C   . GLU B 1 20 ? -2.499  -5.647  -16.770 1.00 50.43  ? 19  GLU C C   1 
ATOM   371 O O   . GLU B 1 20 ? -3.088  -6.310  -17.632 1.00 50.34  ? 19  GLU C O   1 
ATOM   372 C CB  . GLU B 1 20 ? -3.796  -4.393  -15.033 1.00 50.27  ? 19  GLU C CB  1 
ATOM   373 C CG  . GLU B 1 20 ? -4.671  -4.479  -13.791 1.00 51.62  ? 19  GLU C CG  1 
ATOM   374 C CD  . GLU B 1 20 ? -5.454  -3.203  -13.532 1.00 53.74  ? 19  GLU C CD  1 
ATOM   375 O OE1 . GLU B 1 20 ? -4.877  -2.101  -13.648 1.00 52.62  ? 19  GLU C OE1 1 
ATOM   376 O OE2 . GLU B 1 20 ? -6.658  -3.303  -13.199 1.00 58.69  ? 19  GLU C OE2 1 
ATOM   377 N N   . LEU B 1 21 ? -1.428  -4.896  -17.024 1.00 49.56  ? 20  LEU C N   1 
ATOM   378 C CA  . LEU B 1 21 ? -0.808  -4.817  -18.350 1.00 51.85  ? 20  LEU C CA  1 
ATOM   379 C C   . LEU B 1 21 ? -0.267  -6.183  -18.797 1.00 52.75  ? 20  LEU C C   1 
ATOM   380 O O   . LEU B 1 21 ? -0.471  -6.592  -19.950 1.00 54.45  ? 20  LEU C O   1 
ATOM   381 C CB  . LEU B 1 21 ? 0.313   -3.766  -18.335 1.00 52.17  ? 20  LEU C CB  1 
ATOM   382 C CG  . LEU B 1 21 ? 0.698   -3.057  -19.627 1.00 56.09  ? 20  LEU C CG  1 
ATOM   383 C CD1 . LEU B 1 21 ? -0.445  -2.208  -20.166 1.00 57.60  ? 20  LEU C CD1 1 
ATOM   384 C CD2 . LEU B 1 21 ? 1.922   -2.187  -19.354 1.00 56.85  ? 20  LEU C CD2 1 
ATOM   385 N N   . LEU B 1 22 ? 0.396   -6.883  -17.874 1.00 52.41  ? 21  LEU C N   1 
ATOM   386 C CA  . LEU B 1 22 ? 0.936   -8.229  -18.124 1.00 56.50  ? 21  LEU C CA  1 
ATOM   387 C C   . LEU B 1 22 ? -0.159  -9.286  -18.382 1.00 60.58  ? 21  LEU C C   1 
ATOM   388 O O   . LEU B 1 22 ? 0.088   -10.283 -19.069 1.00 62.10  ? 21  LEU C O   1 
ATOM   389 C CB  . LEU B 1 22 ? 1.814   -8.663  -16.944 1.00 56.18  ? 21  LEU C CB  1 
ATOM   390 C CG  . LEU B 1 22 ? 2.605   -9.968  -17.020 1.00 59.48  ? 21  LEU C CG  1 
ATOM   391 C CD1 . LEU B 1 22 ? 3.667   -9.922  -18.111 1.00 61.25  ? 21  LEU C CD1 1 
ATOM   392 C CD2 . LEU B 1 22 ? 3.248   -10.250 -15.673 1.00 60.01  ? 21  LEU C CD2 1 
ATOM   393 N N   . GLU B 1 23 ? -1.345  -9.081  -17.808 1.00 62.07  ? 22  GLU C N   1 
ATOM   394 C CA  . GLU B 1 23 ? -2.508  -9.937  -18.081 1.00 67.21  ? 22  GLU C CA  1 
ATOM   395 C C   . GLU B 1 23 ? -3.123  -9.633  -19.444 1.00 70.50  ? 22  GLU C C   1 
ATOM   396 O O   . GLU B 1 23 ? -3.525  -10.551 -20.154 1.00 73.75  ? 22  GLU C O   1 
ATOM   397 C CB  . GLU B 1 23 ? -3.572  -9.775  -16.992 1.00 67.37  ? 22  GLU C CB  1 
ATOM   398 C CG  . GLU B 1 23 ? -3.158  -10.341 -15.643 1.00 67.65  ? 22  GLU C CG  1 
ATOM   399 C CD  . GLU B 1 23 ? -4.090  -9.948  -14.508 1.00 68.56  ? 22  GLU C CD  1 
ATOM   400 O OE1 . GLU B 1 23 ? -4.692  -8.851  -14.546 1.00 67.52  ? 22  GLU C OE1 1 
ATOM   401 O OE2 . GLU B 1 23 ? -4.207  -10.743 -13.557 1.00 71.51  ? 22  GLU C OE2 1 
ATOM   402 N N   . LYS B 1 24 ? -3.208  -8.344  -19.785 1.00 72.88  ? 23  LYS C N   1 
ATOM   403 C CA  . LYS B 1 24 ? -3.751  -7.894  -21.069 1.00 78.06  ? 23  LYS C CA  1 
ATOM   404 C C   . LYS B 1 24 ? -2.792  -8.350  -22.181 1.00 81.70  ? 23  LYS C C   1 
ATOM   405 O O   . LYS B 1 24 ? -3.078  -9.330  -22.872 1.00 83.98  ? 23  LYS C O   1 
ATOM   406 C CB  . LYS B 1 24 ? -3.994  -6.367  -21.052 1.00 78.43  ? 23  LYS C CB  1 
ATOM   407 C CG  . LYS B 1 24 ? -5.018  -5.838  -22.047 1.00 82.74  ? 23  LYS C CG  1 
ATOM   408 C CD  . LYS B 1 24 ? -5.184  -4.331  -21.883 1.00 84.10  ? 23  LYS C CD  1 
ATOM   409 C CE  . LYS B 1 24 ? -6.101  -3.713  -22.933 1.00 88.53  ? 23  LYS C CE  1 
ATOM   410 N NZ  . LYS B 1 24 ? -7.541  -3.724  -22.539 1.00 91.28  ? 23  LYS C NZ  1 
ATOM   411 N N   . TRP B 1 25 ? -1.634  -7.698  -22.305 1.00 84.10  ? 24  TRP C N   1 
ATOM   412 C CA  . TRP B 1 25 ? -0.616  -8.116  -23.265 1.00 87.99  ? 24  TRP C CA  1 
ATOM   413 C C   . TRP B 1 25 ? 0.050   -9.327  -22.643 1.00 89.45  ? 24  TRP C C   1 
ATOM   414 O O   . TRP B 1 25 ? 0.457   -9.270  -21.490 1.00 89.68  ? 24  TRP C O   1 
ATOM   415 C CB  . TRP B 1 25 ? 0.410   -7.006  -23.513 1.00 88.38  ? 24  TRP C CB  1 
ATOM   416 C CG  . TRP B 1 25 ? -0.200  -5.688  -23.900 1.00 89.88  ? 24  TRP C CG  1 
ATOM   417 C CD1 . TRP B 1 25 ? -0.005  -4.488  -23.283 1.00 89.25  ? 24  TRP C CD1 1 
ATOM   418 C CD2 . TRP B 1 25 ? -1.120  -5.443  -24.976 1.00 92.96  ? 24  TRP C CD2 1 
ATOM   419 N NE1 . TRP B 1 25 ? -0.736  -3.505  -23.912 1.00 91.63  ? 24  TRP C NE1 1 
ATOM   420 C CE2 . TRP B 1 25 ? -1.429  -4.064  -24.954 1.00 93.89  ? 24  TRP C CE2 1 
ATOM   421 C CE3 . TRP B 1 25 ? -1.708  -6.254  -25.959 1.00 95.41  ? 24  TRP C CE3 1 
ATOM   422 C CZ2 . TRP B 1 25 ? -2.303  -3.473  -25.878 1.00 96.51  ? 24  TRP C CZ2 1 
ATOM   423 C CZ3 . TRP B 1 25 ? -2.579  -5.667  -26.879 1.00 97.97  ? 24  TRP C CZ3 1 
ATOM   424 C CH2 . TRP B 1 25 ? -2.866  -4.288  -26.829 1.00 98.76  ? 24  TRP C CH2 1 
ATOM   425 N N   . GLY B 1 26 ? 0.121   -10.426 -23.391 1.00 93.73  ? 25  GLY C N   1 
ATOM   426 C CA  . GLY B 1 26 ? 0.560   -11.710 -22.842 1.00 95.58  ? 25  GLY C CA  1 
ATOM   427 C C   . GLY B 1 26 ? -0.465  -12.287 -21.879 1.00 96.26  ? 25  GLY C C   1 
ATOM   428 O O   . GLY B 1 26 ? -0.151  -13.137 -21.047 1.00 97.64  ? 25  GLY C O   1 
HETATM 429 N N   . NH2 B 1 27 ? -1.641  -11.921 -21.900 1.00 96.50  ? 26  NH2 C N   1 
HETATM 430 C C   . ACE C 1 1  ? -15.457 13.024  14.296  1.00 71.53  ? 0   ACE B C   1 
HETATM 431 O O   . ACE C 1 1  ? -14.370 12.477  14.204  1.00 71.26  ? 0   ACE B O   1 
HETATM 432 C CH3 . ACE C 1 1  ? -15.883 14.056  13.276  1.00 72.33  ? 0   ACE B CH3 1 
ATOM   433 N N   . SER C 1 2  ? -16.336 12.767  15.264  1.00 72.29  ? 1   SER B N   1 
ATOM   434 C CA  . SER C 1 2  ? -16.047 11.785  16.361  1.00 70.68  ? 1   SER B CA  1 
ATOM   435 C C   . SER C 1 2  ? -15.908 10.354  15.831  1.00 66.70  ? 1   SER B C   1 
ATOM   436 O O   . SER C 1 2  ? -14.933 9.653   16.137  1.00 63.73  ? 1   SER B O   1 
ATOM   437 C CB  . SER C 1 2  ? -17.160 11.840  17.409  1.00 73.26  ? 1   SER B CB  1 
ATOM   438 O OG  . SER C 1 2  ? -17.017 10.808  18.370  1.00 74.80  ? 1   SER B OG  1 
ATOM   439 N N   . LYS C 1 3  ? -16.890 9.937   15.038  1.00 64.60  ? 2   LYS B N   1 
ATOM   440 C CA  . LYS C 1 3  ? -16.912 8.582   14.485  1.00 64.00  ? 2   LYS B CA  1 
ATOM   441 C C   . LYS C 1 3  ? -15.856 8.442   13.381  1.00 60.36  ? 2   LYS B C   1 
ATOM   442 O O   . LYS C 1 3  ? -15.228 7.393   13.257  1.00 59.22  ? 2   LYS B O   1 
ATOM   443 C CB  . LYS C 1 3  ? -18.316 8.213   13.971  1.00 65.67  ? 2   LYS B CB  1 
ATOM   444 C CG  . LYS C 1 3  ? -18.727 6.772   14.277  1.00 66.73  ? 2   LYS B CG  1 
ATOM   445 C CD  . LYS C 1 3  ? -20.149 6.659   14.824  1.00 68.99  ? 2   LYS B CD  1 
ATOM   446 C CE  . LYS C 1 3  ? -20.251 5.603   15.917  1.00 71.03  ? 2   LYS B CE  1 
ATOM   447 N NZ  . LYS C 1 3  ? -19.782 6.094   17.241  1.00 72.58  ? 2   LYS B NZ  1 
ATOM   448 N N   . LEU C 1 4  ? -15.654 9.517   12.618  1.00 58.41  ? 3   LEU B N   1 
ATOM   449 C CA  . LEU C 1 4  ? -14.610 9.589   11.593  1.00 57.43  ? 3   LEU B CA  1 
ATOM   450 C C   . LEU C 1 4  ? -13.216 9.393   12.188  1.00 55.64  ? 3   LEU B C   1 
ATOM   451 O O   . LEU C 1 4  ? -12.395 8.663   11.627  1.00 53.11  ? 3   LEU B O   1 
ATOM   452 C CB  . LEU C 1 4  ? -14.691 10.933  10.862  1.00 59.10  ? 3   LEU B CB  1 
ATOM   453 C CG  . LEU C 1 4  ? -13.807 11.174  9.641   1.00 59.74  ? 3   LEU B CG  1 
ATOM   454 C CD1 . LEU C 1 4  ? -14.022 10.106  8.577   1.00 60.30  ? 3   LEU B CD1 1 
ATOM   455 C CD2 . LEU C 1 4  ? -14.109 12.554  9.082   1.00 61.84  ? 3   LEU B CD2 1 
ATOM   456 N N   . LEU C 1 5  ? -12.962 10.028  13.335  1.00 54.93  ? 4   LEU B N   1 
ATOM   457 C CA  . LEU C 1 5  ? -11.704 9.817   14.054  1.00 54.23  ? 4   LEU B CA  1 
ATOM   458 C C   . LEU C 1 5  ? -11.623 8.370   14.575  1.00 51.96  ? 4   LEU B C   1 
ATOM   459 O O   . LEU C 1 5  ? -10.547 7.760   14.561  1.00 51.40  ? 4   LEU B O   1 
ATOM   460 C CB  . LEU C 1 5  ? -11.525 10.842  15.193  1.00 56.66  ? 4   LEU B CB  1 
ATOM   461 C CG  . LEU C 1 5  ? -10.083 11.227  15.555  1.00 58.39  ? 4   LEU B CG  1 
ATOM   462 C CD1 . LEU C 1 5  ? -9.444  12.104  14.485  1.00 58.66  ? 4   LEU B CD1 1 
ATOM   463 C CD2 . LEU C 1 5  ? -10.032 11.941  16.900  1.00 60.93  ? 4   LEU B CD2 1 
ATOM   464 N N   . GLU C 1 6  ? -12.757 7.827   15.018  1.00 50.38  ? 5   GLU B N   1 
ATOM   465 C CA  . GLU C 1 6  ? -12.855 6.406   15.376  1.00 49.73  ? 5   GLU B CA  1 
ATOM   466 C C   . GLU C 1 6  ? -12.560 5.483   14.183  1.00 48.17  ? 5   GLU B C   1 
ATOM   467 O O   . GLU C 1 6  ? -11.862 4.483   14.332  1.00 46.55  ? 5   GLU B O   1 
ATOM   468 C CB  . GLU C 1 6  ? -14.247 6.079   15.920  1.00 50.34  ? 5   GLU B CB  1 
ATOM   469 N N   . LEU C 1 7  ? -13.117 5.819   13.020  1.00 48.43  ? 6   LEU B N   1 
ATOM   470 C CA  . LEU C 1 7  ? -12.848 5.086   11.772  1.00 47.90  ? 6   LEU B CA  1 
ATOM   471 C C   . LEU C 1 7  ? -11.354 5.112   11.455  1.00 47.01  ? 6   LEU B C   1 
ATOM   472 O O   . LEU C 1 7  ? -10.753 4.068   11.217  1.00 46.57  ? 6   LEU B O   1 
ATOM   473 C CB  . LEU C 1 7  ? -13.648 5.688   10.610  1.00 47.43  ? 6   LEU B CB  1 
ATOM   474 C CG  . LEU C 1 7  ? -13.424 5.136   9.193   1.00 46.77  ? 6   LEU B CG  1 
ATOM   475 C CD1 . LEU C 1 7  ? -13.591 3.626   9.164   1.00 46.06  ? 6   LEU B CD1 1 
ATOM   476 C CD2 . LEU C 1 7  ? -14.396 5.808   8.236   1.00 48.26  ? 6   LEU B CD2 1 
ATOM   477 N N   . LEU C 1 8  ? -10.774 6.310   11.473  1.00 47.90  ? 7   LEU B N   1 
ATOM   478 C CA  . LEU C 1 8  ? -9.343  6.505   11.237  1.00 48.44  ? 7   LEU B CA  1 
ATOM   479 C C   . LEU C 1 8  ? -8.479  5.651   12.166  1.00 48.05  ? 7   LEU B C   1 
ATOM   480 O O   . LEU C 1 8  ? -7.547  4.982   11.711  1.00 45.76  ? 7   LEU B O   1 
ATOM   481 C CB  . LEU C 1 8  ? -8.979  7.990   11.375  1.00 50.75  ? 7   LEU B CB  1 
ATOM   482 C CG  . LEU C 1 8  ? -7.518  8.408   11.182  1.00 52.63  ? 7   LEU B CG  1 
ATOM   483 C CD1 . LEU C 1 8  ? -7.072  8.162   9.752   1.00 52.53  ? 7   LEU B CD1 1 
ATOM   484 C CD2 . LEU C 1 8  ? -7.333  9.875   11.540  1.00 55.54  ? 7   LEU B CD2 1 
ATOM   485 N N   . ARG C 1 9  ? -8.807  5.661   13.459  1.00 49.16  ? 8   ARG B N   1 
ATOM   486 C CA  . ARG C 1 9  ? -8.063  4.896   14.454  1.00 49.79  ? 8   ARG B CA  1 
ATOM   487 C C   . ARG C 1 9  ? -8.093  3.401   14.163  1.00 48.29  ? 8   ARG B C   1 
ATOM   488 O O   . ARG C 1 9  ? -7.058  2.744   14.223  1.00 48.62  ? 8   ARG B O   1 
ATOM   489 C CB  . ARG C 1 9  ? -8.599  5.167   15.866  1.00 52.68  ? 8   ARG B CB  1 
ATOM   490 C CG  . ARG C 1 9  ? -7.707  4.625   16.969  1.00 55.52  ? 8   ARG B CG  1 
ATOM   491 N N   . LYS C 1 10 ? -9.272  2.878   13.827  1.00 48.07  ? 9   LYS B N   1 
ATOM   492 C CA  . LYS C 1 10 ? -9.421  1.460   13.468  1.00 47.11  ? 9   LYS B CA  1 
ATOM   493 C C   . LYS C 1 10 ? -8.682  1.095   12.178  1.00 44.43  ? 9   LYS B C   1 
ATOM   494 O O   . LYS C 1 10 ? -8.073  0.026   12.108  1.00 43.64  ? 9   LYS B O   1 
ATOM   495 C CB  . LYS C 1 10 ? -10.903 1.045   13.376  1.00 49.51  ? 9   LYS B CB  1 
ATOM   496 C CG  . LYS C 1 10 ? -11.429 0.267   14.579  1.00 52.43  ? 9   LYS B CG  1 
ATOM   497 C CD  . LYS C 1 10 ? -11.264 1.006   15.893  1.00 54.19  ? 9   LYS B CD  1 
ATOM   498 C CE  . LYS C 1 10 ? -11.851 0.209   17.043  1.00 57.15  ? 9   LYS B CE  1 
ATOM   499 N NZ  . LYS C 1 10 ? -11.253 0.610   18.342  1.00 59.90  ? 9   LYS B NZ  1 
ATOM   500 N N   . LEU C 1 11 ? -8.738  1.968   11.170  1.00 42.98  ? 10  LEU B N   1 
ATOM   501 C CA  . LEU C 1 11 ? -8.019  1.723   9.906   1.00 41.87  ? 10  LEU B CA  1 
ATOM   502 C C   . LEU C 1 11 ? -6.503  1.686   10.134  1.00 42.22  ? 10  LEU B C   1 
ATOM   503 O O   . LEU C 1 11 ? -5.816  0.830   9.579   1.00 41.83  ? 10  LEU B O   1 
ATOM   504 C CB  . LEU C 1 11 ? -8.370  2.770   8.842   1.00 41.51  ? 10  LEU B CB  1 
ATOM   505 C CG  . LEU C 1 11 ? -9.772  2.730   8.231   1.00 41.59  ? 10  LEU B CG  1 
ATOM   506 C CD1 . LEU C 1 11 ? -9.988  3.949   7.346   1.00 42.09  ? 10  LEU B CD1 1 
ATOM   507 C CD2 . LEU C 1 11 ? -10.022 1.446   7.443   1.00 42.42  ? 10  LEU B CD2 1 
ATOM   508 N N   . LEU C 1 12 ? -5.999  2.611   10.953  1.00 43.14  ? 11  LEU B N   1 
ATOM   509 C CA  . LEU C 1 12 ? -4.585  2.625   11.360  1.00 44.39  ? 11  LEU B CA  1 
ATOM   510 C C   . LEU C 1 12 ? -4.170  1.366   12.118  1.00 44.64  ? 11  LEU B C   1 
ATOM   511 O O   . LEU C 1 12 ? -3.086  0.842   11.891  1.00 44.55  ? 11  LEU B O   1 
ATOM   512 C CB  . LEU C 1 12 ? -4.267  3.869   12.202  1.00 45.42  ? 11  LEU B CB  1 
ATOM   513 C CG  . LEU C 1 12 ? -4.220  5.214   11.464  1.00 46.42  ? 11  LEU B CG  1 
ATOM   514 C CD1 . LEU C 1 12 ? -4.086  6.360   12.459  1.00 48.43  ? 11  LEU B CD1 1 
ATOM   515 C CD2 . LEU C 1 12 ? -3.084  5.260   10.451  1.00 46.85  ? 11  LEU B CD2 1 
ATOM   516 N N   . GLU C 1 13 ? -5.039  0.885   13.008  1.00 46.75  ? 12  GLU B N   1 
ATOM   517 C CA  . GLU C 1 13 ? -4.794  -0.365  13.740  1.00 47.32  ? 12  GLU B CA  1 
ATOM   518 C C   . GLU C 1 13 ? -4.760  -1.581  12.804  1.00 44.83  ? 12  GLU B C   1 
ATOM   519 O O   . GLU C 1 13 ? -3.898  -2.446  12.948  1.00 43.68  ? 12  GLU B O   1 
ATOM   520 C CB  . GLU C 1 13 ? -5.841  -0.555  14.848  1.00 50.42  ? 12  GLU B CB  1 
ATOM   521 C CG  . GLU C 1 13 ? -5.705  0.451   15.991  1.00 53.63  ? 12  GLU B CG  1 
ATOM   522 C CD  . GLU C 1 13 ? -6.963  0.587   16.841  1.00 56.83  ? 12  GLU B CD  1 
ATOM   523 O OE1 . GLU C 1 13 ? -7.850  -0.288  16.757  1.00 58.23  ? 12  GLU B OE1 1 
ATOM   524 O OE2 . GLU C 1 13 ? -7.064  1.572   17.611  1.00 59.98  ? 12  GLU B OE2 1 
ATOM   525 N N   . ALA C 1 14 ? -5.679  -1.627  11.835  1.00 42.46  ? 13  ALA B N   1 
ATOM   526 C CA  . ALA C 1 14 ? -5.631  -2.636  10.771  1.00 41.25  ? 13  ALA B CA  1 
ATOM   527 C C   . ALA C 1 14 ? -4.335  -2.539  9.961   1.00 40.55  ? 13  ALA B C   1 
ATOM   528 O O   . ALA C 1 14 ? -3.713  -3.561  9.656   1.00 39.98  ? 13  ALA B O   1 
ATOM   529 C CB  . ALA C 1 14 ? -6.843  -2.519  9.853   1.00 41.39  ? 13  ALA B CB  1 
ATOM   530 N N   . LEU C 1 15 ? -3.927  -1.318  9.619   1.00 40.68  ? 14  LEU B N   1 
ATOM   531 C CA  . LEU C 1 15 ? -2.695  -1.104  8.850   1.00 42.30  ? 14  LEU B CA  1 
ATOM   532 C C   . LEU C 1 15 ? -1.473  -1.636  9.596   1.00 43.46  ? 14  LEU B C   1 
ATOM   533 O O   . LEU C 1 15 ? -0.647  -2.326  9.006   1.00 44.19  ? 14  LEU B O   1 
ATOM   534 C CB  . LEU C 1 15 ? -2.487  0.380   8.514   1.00 43.26  ? 14  LEU B CB  1 
ATOM   535 C CG  . LEU C 1 15 ? -1.205  0.716   7.744   1.00 44.39  ? 14  LEU B CG  1 
ATOM   536 C CD1 . LEU C 1 15 ? -1.205  0.016   6.384   1.00 44.46  ? 14  LEU B CD1 1 
ATOM   537 C CD2 . LEU C 1 15 ? -0.998  2.216   7.592   1.00 45.63  ? 14  LEU B CD2 1 
ATOM   538 N N   . HIS C 1 16 ? -1.373  -1.307  10.882  1.00 45.55  ? 15  HIS B N   1 
ATOM   539 C CA  . HIS C 1 16 ? -0.309  -1.828  11.756  1.00 48.43  ? 15  HIS B CA  1 
ATOM   540 C C   . HIS C 1 16 ? -0.229  -3.363  11.668  1.00 48.27  ? 15  HIS B C   1 
ATOM   541 O O   . HIS C 1 16 ? 0.831   -3.916  11.383  1.00 49.22  ? 15  HIS B O   1 
ATOM   542 C CB  . HIS C 1 16 ? -0.556  -1.369  13.199  1.00 50.83  ? 15  HIS B CB  1 
ATOM   543 C CG  . HIS C 1 16 ? 0.586   -1.623  14.134  1.00 53.90  ? 15  HIS B CG  1 
ATOM   544 N ND1 . HIS C 1 16 ? 1.902   -1.643  13.726  1.00 55.76  ? 15  HIS B ND1 1 
ATOM   545 C CD2 . HIS C 1 16 ? 0.605   -1.822  15.474  1.00 56.73  ? 15  HIS B CD2 1 
ATOM   546 C CE1 . HIS C 1 16 ? 2.682   -1.867  14.768  1.00 57.59  ? 15  HIS B CE1 1 
ATOM   547 N NE2 . HIS C 1 16 ? 1.920   -1.977  15.842  1.00 59.47  ? 15  HIS B NE2 1 
ATOM   548 N N   . LYS C 1 17 ? -1.368  -4.031  11.847  1.00 47.50  ? 16  LYS B N   1 
ATOM   549 C CA  . LYS C 1 17 ? -1.447  -5.493  11.735  1.00 48.58  ? 16  LYS B CA  1 
ATOM   550 C C   . LYS C 1 17 ? -1.052  -6.012  10.346  1.00 47.46  ? 16  LYS B C   1 
ATOM   551 O O   . LYS C 1 17 ? -0.360  -7.019  10.245  1.00 48.08  ? 16  LYS B O   1 
ATOM   552 C CB  . LYS C 1 17 ? -2.855  -6.002  12.078  1.00 50.26  ? 16  LYS B CB  1 
ATOM   553 C CG  . LYS C 1 17 ? -3.318  -5.750  13.506  1.00 52.99  ? 16  LYS B CG  1 
ATOM   554 C CD  . LYS C 1 17 ? -2.608  -6.643  14.513  1.00 57.18  ? 16  LYS B CD  1 
ATOM   555 C CE  . LYS C 1 17 ? -3.202  -6.497  15.906  1.00 59.88  ? 16  LYS B CE  1 
ATOM   556 N NZ  . LYS C 1 17 ? -2.697  -7.556  16.831  1.00 63.79  ? 16  LYS B NZ  1 
ATOM   557 N N   . ALA C 1 18 ? -1.503  -5.335  9.285   1.00 45.26  ? 17  ALA B N   1 
ATOM   558 C CA  . ALA C 1 18 ? -1.174  -5.729  7.906   1.00 45.86  ? 17  ALA B CA  1 
ATOM   559 C C   . ALA C 1 18 ? 0.321   -5.600  7.604   1.00 46.39  ? 17  ALA B C   1 
ATOM   560 O O   . ALA C 1 18 ? 0.902   -6.454  6.921   1.00 45.60  ? 17  ALA B O   1 
ATOM   561 C CB  . ALA C 1 18 ? -1.979  -4.913  6.903   1.00 44.70  ? 17  ALA B CB  1 
ATOM   562 N N   . ILE C 1 19 ? 0.927   -4.523  8.100   1.00 48.07  ? 18  ILE B N   1 
ATOM   563 C CA  . ILE C 1 19 ? 2.361   -4.293  7.907   1.00 51.73  ? 18  ILE B CA  1 
ATOM   564 C C   . ILE C 1 19 ? 3.173   -5.362  8.644   1.00 53.38  ? 18  ILE B C   1 
ATOM   565 O O   . ILE C 1 19 ? 4.155   -5.863  8.107   1.00 55.72  ? 18  ILE B O   1 
ATOM   566 C CB  . ILE C 1 19 ? 2.787   -2.875  8.351   1.00 52.96  ? 18  ILE B CB  1 
ATOM   567 C CG1 . ILE C 1 19 ? 2.197   -1.823  7.402   1.00 53.13  ? 18  ILE B CG1 1 
ATOM   568 C CG2 . ILE C 1 19 ? 4.312   -2.738  8.361   1.00 54.65  ? 18  ILE B CG2 1 
ATOM   569 C CD1 . ILE C 1 19 ? 2.272   -0.411  7.949   1.00 54.28  ? 18  ILE B CD1 1 
ATOM   570 N N   . GLU C 1 20 ? 2.755   -5.705  9.859   1.00 55.17  ? 19  GLU B N   1 
ATOM   571 C CA  . GLU C 1 20 ? 3.392   -6.791  10.623  1.00 57.94  ? 19  GLU B CA  1 
ATOM   572 C C   . GLU C 1 20 ? 3.372   -8.117  9.863   1.00 58.61  ? 19  GLU B C   1 
ATOM   573 O O   . GLU C 1 20 ? 4.374   -8.830  9.847   1.00 59.73  ? 19  GLU B O   1 
ATOM   574 C CB  . GLU C 1 20 ? 2.732   -6.955  11.991  1.00 59.38  ? 19  GLU B CB  1 
ATOM   575 C CG  . GLU C 1 20 ? 3.037   -5.809  12.943  1.00 61.43  ? 19  GLU B CG  1 
ATOM   576 C CD  . GLU C 1 20 ? 2.175   -5.806  14.195  1.00 64.14  ? 19  GLU B CD  1 
ATOM   577 O OE1 . GLU C 1 20 ? 1.101   -6.435  14.202  1.00 64.94  ? 19  GLU B OE1 1 
ATOM   578 O OE2 . GLU C 1 20 ? 2.573   -5.157  15.184  1.00 67.06  ? 19  GLU B OE2 1 
ATOM   579 N N   . LEU C 1 21 ? 2.240   -8.433  9.226   1.00 57.17  ? 20  LEU B N   1 
ATOM   580 C CA  . LEU C 1 21 ? 2.121   -9.630  8.386   1.00 57.78  ? 20  LEU B CA  1 
ATOM   581 C C   . LEU C 1 21 ? 3.018   -9.574  7.152   1.00 59.13  ? 20  LEU B C   1 
ATOM   582 O O   . LEU C 1 21 ? 3.593   -10.590 6.756   1.00 61.37  ? 20  LEU B O   1 
ATOM   583 C CB  . LEU C 1 21 ? 0.671   -9.845  7.936   1.00 57.39  ? 20  LEU B CB  1 
ATOM   584 C CG  . LEU C 1 21 ? -0.313  -10.315 9.002   1.00 58.09  ? 20  LEU B CG  1 
ATOM   585 C CD1 . LEU C 1 21 ? -1.736  -10.234 8.473   1.00 58.01  ? 20  LEU B CD1 1 
ATOM   586 C CD2 . LEU C 1 21 ? 0.009   -11.735 9.451   1.00 60.06  ? 20  LEU B CD2 1 
ATOM   587 N N   . LEU C 1 22 ? 3.116   -8.397  6.542   1.00 58.68  ? 21  LEU B N   1 
ATOM   588 C CA  . LEU C 1 22 ? 3.966   -8.197  5.370   1.00 61.34  ? 21  LEU B CA  1 
ATOM   589 C C   . LEU C 1 22 ? 5.447   -8.343  5.721   1.00 64.28  ? 21  LEU B C   1 
ATOM   590 O O   . LEU C 1 22 ? 6.210   -8.945  4.966   1.00 65.39  ? 21  LEU B O   1 
ATOM   591 C CB  . LEU C 1 22 ? 3.714   -6.817  4.769   1.00 60.85  ? 21  LEU B CB  1 
ATOM   592 C CG  . LEU C 1 22 ? 4.483   -6.469  3.494   1.00 62.74  ? 21  LEU B CG  1 
ATOM   593 C CD1 . LEU C 1 22 ? 3.945   -7.249  2.304   1.00 64.11  ? 21  LEU B CD1 1 
ATOM   594 C CD2 . LEU C 1 22 ? 4.435   -4.966  3.253   1.00 62.35  ? 21  LEU B CD2 1 
ATOM   595 N N   . GLU C 1 23 ? 5.839   -7.781  6.861   1.00 66.76  ? 22  GLU B N   1 
ATOM   596 C CA  . GLU C 1 23 ? 7.223   -7.862  7.341   1.00 70.48  ? 22  GLU B CA  1 
ATOM   597 C C   . GLU C 1 23 ? 7.642   -9.296  7.656   1.00 74.33  ? 22  GLU B C   1 
ATOM   598 O O   . GLU C 1 23 ? 8.718   -9.721  7.242   1.00 76.38  ? 22  GLU B O   1 
ATOM   599 C CB  . GLU C 1 23 ? 7.424   -6.962  8.560   1.00 70.43  ? 22  GLU B CB  1 
ATOM   600 C CG  . GLU C 1 23 ? 7.387   -5.485  8.195   1.00 70.56  ? 22  GLU B CG  1 
ATOM   601 C CD  . GLU C 1 23 ? 7.250   -4.547  9.383   1.00 71.12  ? 22  GLU B CD  1 
ATOM   602 O OE1 . GLU C 1 23 ? 6.853   -4.985  10.488  1.00 71.52  ? 22  GLU B OE1 1 
ATOM   603 O OE2 . GLU C 1 23 ? 7.535   -3.347  9.199   1.00 72.13  ? 22  GLU B OE2 1 
ATOM   604 N N   . LYS C 1 24 ? 6.785   -10.037 8.360   1.00 77.01  ? 23  LYS B N   1 
ATOM   605 C CA  . LYS C 1 24 ? 7.066   -11.444 8.694   1.00 80.55  ? 23  LYS B CA  1 
ATOM   606 C C   . LYS C 1 24 ? 7.138   -12.377 7.477   1.00 83.36  ? 23  LYS B C   1 
ATOM   607 O O   . LYS C 1 24 ? 7.899   -13.345 7.498   1.00 85.77  ? 23  LYS B O   1 
ATOM   608 C CB  . LYS C 1 24 ? 6.051   -11.984 9.711   1.00 80.86  ? 23  LYS B CB  1 
ATOM   609 C CG  . LYS C 1 24 ? 6.146   -11.314 11.078  1.00 81.61  ? 23  LYS B CG  1 
ATOM   610 C CD  . LYS C 1 24 ? 5.949   -12.284 12.230  1.00 83.62  ? 23  LYS B CD  1 
ATOM   611 C CE  . LYS C 1 24 ? 4.546   -12.861 12.256  1.00 83.08  ? 23  LYS B CE  1 
ATOM   612 N NZ  . LYS C 1 24 ? 4.294   -13.606 13.519  1.00 84.89  ? 23  LYS B NZ  1 
ATOM   613 N N   . TRP C 1 25 ? 6.359   -12.085 6.432   1.00 85.07  ? 24  TRP B N   1 
ATOM   614 C CA  . TRP C 1 25 ? 6.309   -12.921 5.220   1.00 88.00  ? 24  TRP B CA  1 
ATOM   615 C C   . TRP C 1 25 ? 6.425   -12.076 3.940   1.00 89.20  ? 24  TRP B C   1 
ATOM   616 O O   . TRP C 1 25 ? 5.556   -12.130 3.064   1.00 90.72  ? 24  TRP B O   1 
ATOM   617 C CB  . TRP C 1 25 ? 5.013   -13.751 5.200   1.00 87.90  ? 24  TRP B CB  1 
ATOM   618 C CG  . TRP C 1 25 ? 4.776   -14.555 6.447   1.00 88.38  ? 24  TRP B CG  1 
ATOM   619 C CD1 . TRP C 1 25 ? 3.879   -14.280 7.442   1.00 87.42  ? 24  TRP B CD1 1 
ATOM   620 C CD2 . TRP C 1 25 ? 5.452   -15.756 6.836   1.00 90.58  ? 24  TRP B CD2 1 
ATOM   621 N NE1 . TRP C 1 25 ? 3.952   -15.239 8.425   1.00 89.31  ? 24  TRP B NE1 1 
ATOM   622 C CE2 . TRP C 1 25 ? 4.908   -16.159 8.080   1.00 90.76  ? 24  TRP B CE2 1 
ATOM   623 C CE3 . TRP C 1 25 ? 6.464   -16.535 6.255   1.00 92.22  ? 24  TRP B CE3 1 
ATOM   624 C CZ2 . TRP C 1 25 ? 5.343   -17.309 8.754   1.00 92.95  ? 24  TRP B CZ2 1 
ATOM   625 C CZ3 . TRP C 1 25 ? 6.896   -17.680 6.926   1.00 94.02  ? 24  TRP B CZ3 1 
ATOM   626 C CH2 . TRP C 1 25 ? 6.334   -18.054 8.164   1.00 94.25  ? 24  TRP B CH2 1 
ATOM   627 N N   . GLY C 1 26 ? 7.508   -11.304 3.838   1.00 90.98  ? 25  GLY B N   1 
ATOM   628 C CA  . GLY C 1 26 ? 7.762   -10.474 2.653   1.00 92.33  ? 25  GLY B CA  1 
ATOM   629 C C   . GLY C 1 26 ? 8.855   -9.431  2.822   1.00 93.73  ? 25  GLY B C   1 
ATOM   630 O O   . GLY C 1 26 ? 9.410   -9.237  3.904   1.00 95.10  ? 25  GLY B O   1 
HETATM 631 N N   . NH2 C 1 27 ? 9.216   -8.742  1.866   1.00 94.75  ? 26  NH2 B N   1 
HETATM 632 C C   . ACE D 1 1  ? 8.208   -8.706  -22.150 1.00 70.14  ? 0   ACE D C   1 
HETATM 633 O O   . ACE D 1 1  ? 8.119   -8.669  -20.931 1.00 68.53  ? 0   ACE D O   1 
HETATM 634 C CH3 . ACE D 1 1  ? 6.950   -8.816  -22.988 1.00 71.79  ? 0   ACE D CH3 1 
ATOM   635 N N   . SER D 1 2  ? 9.366   -8.643  -22.821 1.00 69.46  ? 1   SER D N   1 
ATOM   636 C CA  . SER D 1 2  ? 10.690  -8.624  -22.110 1.00 67.59  ? 1   SER D CA  1 
ATOM   637 C C   . SER D 1 2  ? 10.859  -7.394  -21.204 1.00 63.16  ? 1   SER D C   1 
ATOM   638 O O   . SER D 1 2  ? 11.255  -7.517  -20.044 1.00 61.15  ? 1   SER D O   1 
ATOM   639 C CB  . SER D 1 2  ? 11.834  -8.691  -23.127 1.00 69.85  ? 1   SER D CB  1 
ATOM   640 O OG  . SER D 1 2  ? 13.044  -9.079  -22.507 1.00 71.48  ? 1   SER D OG  1 
ATOM   641 N N   . LYS D 1 3  ? 10.544  -6.219  -21.740 1.00 61.33  ? 2   LYS D N   1 
ATOM   642 C CA  . LYS D 1 3  ? 10.643  -4.964  -20.984 1.00 58.85  ? 2   LYS D CA  1 
ATOM   643 C C   . LYS D 1 3  ? 9.655   -4.897  -19.798 1.00 55.92  ? 2   LYS D C   1 
ATOM   644 O O   . LYS D 1 3  ? 9.986   -4.358  -18.745 1.00 53.64  ? 2   LYS D O   1 
ATOM   645 C CB  . LYS D 1 3  ? 10.435  -3.759  -21.916 1.00 60.78  ? 2   LYS D CB  1 
ATOM   646 C CG  . LYS D 1 3  ? 11.546  -3.550  -22.936 1.00 63.77  ? 2   LYS D CG  1 
ATOM   647 N N   . LEU D 1 4  ? 8.462   -5.464  -19.976 1.00 55.15  ? 3   LEU D N   1 
ATOM   648 C CA  . LEU D 1 4  ? 7.421   -5.451  -18.939 1.00 53.18  ? 3   LEU D CA  1 
ATOM   649 C C   . LEU D 1 4  ? 7.789   -6.323  -17.736 1.00 51.28  ? 3   LEU D C   1 
ATOM   650 O O   . LEU D 1 4  ? 7.588   -5.919  -16.590 1.00 49.26  ? 3   LEU D O   1 
ATOM   651 C CB  . LEU D 1 4  ? 6.080   -5.887  -19.537 1.00 55.00  ? 3   LEU D CB  1 
ATOM   652 C CG  . LEU D 1 4  ? 4.827   -5.853  -18.660 1.00 55.55  ? 3   LEU D CG  1 
ATOM   653 C CD1 . LEU D 1 4  ? 4.646   -4.504  -17.979 1.00 55.10  ? 3   LEU D CD1 1 
ATOM   654 C CD2 . LEU D 1 4  ? 3.614   -6.189  -19.513 1.00 58.39  ? 3   LEU D CD2 1 
ATOM   655 N N   . LEU D 1 5  ? 8.348   -7.502  -17.996 1.00 50.72  ? 4   LEU D N   1 
ATOM   656 C CA  . LEU D 1 5  ? 8.841   -8.374  -16.925 1.00 50.70  ? 4   LEU D CA  1 
ATOM   657 C C   . LEU D 1 5  ? 9.957   -7.721  -16.115 1.00 48.83  ? 4   LEU D C   1 
ATOM   658 O O   . LEU D 1 5  ? 9.998   -7.862  -14.898 1.00 47.92  ? 4   LEU D O   1 
ATOM   659 C CB  . LEU D 1 5  ? 9.332   -9.713  -17.493 1.00 53.05  ? 4   LEU D CB  1 
ATOM   660 C CG  . LEU D 1 5  ? 8.247   -10.615 -18.070 1.00 55.86  ? 4   LEU D CG  1 
ATOM   661 C CD1 . LEU D 1 5  ? 8.862   -11.736 -18.905 1.00 59.21  ? 4   LEU D CD1 1 
ATOM   662 C CD2 . LEU D 1 5  ? 7.379   -11.188 -16.958 1.00 57.21  ? 4   LEU D CD2 1 
ATOM   663 N N   . GLU D 1 6  ? 10.860  -7.014  -16.795 1.00 48.82  ? 5   GLU D N   1 
ATOM   664 C CA  . GLU D 1 6  ? 11.945  -6.302  -16.116 1.00 48.11  ? 5   GLU D CA  1 
ATOM   665 C C   . GLU D 1 6  ? 11.391  -5.158  -15.265 1.00 45.53  ? 5   GLU D C   1 
ATOM   666 O O   . GLU D 1 6  ? 11.809  -4.983  -14.133 1.00 44.63  ? 5   GLU D O   1 
ATOM   667 C CB  . GLU D 1 6  ? 12.975  -5.780  -17.115 1.00 49.12  ? 5   GLU D CB  1 
ATOM   668 C CG  . GLU D 1 6  ? 13.754  -6.892  -17.807 1.00 51.87  ? 5   GLU D CG  1 
ATOM   669 N N   . LEU D 1 7  ? 10.438  -4.415  -15.821 1.00 45.82  ? 6   LEU D N   1 
ATOM   670 C CA  . LEU D 1 7  ? 9.716   -3.368  -15.090 1.00 44.39  ? 6   LEU D CA  1 
ATOM   671 C C   . LEU D 1 7  ? 9.098   -3.911  -13.795 1.00 43.82  ? 6   LEU D C   1 
ATOM   672 O O   . LEU D 1 7  ? 9.300   -3.344  -12.718 1.00 42.98  ? 6   LEU D O   1 
ATOM   673 C CB  . LEU D 1 7  ? 8.648   -2.745  -16.000 1.00 45.78  ? 6   LEU D CB  1 
ATOM   674 C CG  . LEU D 1 7  ? 7.665   -1.715  -15.433 1.00 45.54  ? 6   LEU D CG  1 
ATOM   675 C CD1 . LEU D 1 7  ? 8.404   -0.618  -14.704 1.00 46.07  ? 6   LEU D CD1 1 
ATOM   676 C CD2 . LEU D 1 7  ? 6.801   -1.137  -16.547 1.00 47.13  ? 6   LEU D CD2 1 
ATOM   677 N N   . LEU D 1 8  ? 8.368   -5.019  -13.906 1.00 44.73  ? 7   LEU D N   1 
ATOM   678 C CA  . LEU D 1 8  ? 7.802   -5.709  -12.734 1.00 45.56  ? 7   LEU D CA  1 
ATOM   679 C C   . LEU D 1 8  ? 8.846   -6.063  -11.683 1.00 43.97  ? 7   LEU D C   1 
ATOM   680 O O   . LEU D 1 8  ? 8.617   -5.849  -10.497 1.00 41.68  ? 7   LEU D O   1 
ATOM   681 C CB  . LEU D 1 8  ? 7.068   -6.999  -13.140 1.00 48.67  ? 7   LEU D CB  1 
ATOM   682 C CG  . LEU D 1 8  ? 5.559   -6.973  -13.381 1.00 52.94  ? 7   LEU D CG  1 
ATOM   683 C CD1 . LEU D 1 8  ? 4.802   -6.365  -12.203 1.00 52.84  ? 7   LEU D CD1 1 
ATOM   684 C CD2 . LEU D 1 8  ? 5.204   -6.265  -14.676 1.00 54.53  ? 7   LEU D CD2 1 
ATOM   685 N N   . ARG D 1 9  ? 9.975   -6.624  -12.123 1.00 44.72  ? 8   ARG D N   1 
ATOM   686 C CA  . ARG D 1 9  ? 11.070  -6.966  -11.213 1.00 46.51  ? 8   ARG D CA  1 
ATOM   687 C C   . ARG D 1 9  ? 11.611  -5.723  -10.480 1.00 44.26  ? 8   ARG D C   1 
ATOM   688 O O   . ARG D 1 9  ? 11.785  -5.762  -9.272  1.00 45.05  ? 8   ARG D O   1 
ATOM   689 C CB  . ARG D 1 9  ? 12.222  -7.679  -11.947 1.00 49.57  ? 8   ARG D CB  1 
ATOM   690 C CG  . ARG D 1 9  ? 11.898  -9.092  -12.402 1.00 54.24  ? 8   ARG D CG  1 
ATOM   691 C CD  . ARG D 1 9  ? 13.118  -9.786  -12.997 1.00 58.81  ? 8   ARG D CD  1 
ATOM   692 N NE  . ARG D 1 9  ? 12.756  -10.762 -14.033 1.00 62.82  ? 8   ARG D NE  1 
ATOM   693 C CZ  . ARG D 1 9  ? 12.176  -11.947 -13.814 1.00 67.19  ? 8   ARG D CZ  1 
ATOM   694 N NH1 . ARG D 1 9  ? 11.858  -12.351 -12.580 1.00 69.44  ? 8   ARG D NH1 1 
ATOM   695 N NH2 . ARG D 1 9  ? 11.906  -12.747 -14.846 1.00 70.06  ? 8   ARG D NH2 1 
ATOM   696 N N   . LYS D 1 10 ? 11.869  -4.639  -11.208 1.00 43.35  ? 9   LYS D N   1 
ATOM   697 C CA  . LYS D 1 10 ? 12.361  -3.389  -10.588 1.00 43.47  ? 9   LYS D CA  1 
ATOM   698 C C   . LYS D 1 10 ? 11.356  -2.842  -9.566  1.00 42.04  ? 9   LYS D C   1 
ATOM   699 O O   . LYS D 1 10 ? 11.739  -2.444  -8.458  1.00 42.92  ? 9   LYS D O   1 
ATOM   700 C CB  . LYS D 1 10 ? 12.640  -2.310  -11.641 1.00 43.81  ? 9   LYS D CB  1 
ATOM   701 C CG  . LYS D 1 10 ? 13.760  -2.602  -12.635 1.00 46.91  ? 9   LYS D CG  1 
ATOM   702 C CD  . LYS D 1 10 ? 15.081  -2.952  -11.975 1.00 48.33  ? 9   LYS D CD  1 
ATOM   703 C CE  . LYS D 1 10 ? 16.176  -3.077  -13.020 1.00 51.51  ? 9   LYS D CE  1 
ATOM   704 N NZ  . LYS D 1 10 ? 17.313  -3.887  -12.516 1.00 54.11  ? 9   LYS D NZ  1 
ATOM   705 N N   . LEU D 1 11 ? 10.082  -2.825  -9.946  1.00 41.98  ? 10  LEU D N   1 
ATOM   706 C CA  . LEU D 1 11 ? 9.006   -2.398  -9.032  1.00 42.59  ? 10  LEU D CA  1 
ATOM   707 C C   . LEU D 1 11 ? 8.971   -3.221  -7.752  1.00 41.01  ? 10  LEU D C   1 
ATOM   708 O O   . LEU D 1 11 ? 8.881   -2.657  -6.660  1.00 39.82  ? 10  LEU D O   1 
ATOM   709 C CB  . LEU D 1 11 ? 7.634   -2.445  -9.705  1.00 44.41  ? 10  LEU D CB  1 
ATOM   710 C CG  . LEU D 1 11 ? 7.233   -1.240  -10.545 1.00 46.63  ? 10  LEU D CG  1 
ATOM   711 C CD1 . LEU D 1 11 ? 5.923   -1.533  -11.262 1.00 47.79  ? 10  LEU D CD1 1 
ATOM   712 C CD2 . LEU D 1 11 ? 7.101   0.013   -9.681  1.00 48.83  ? 10  LEU D CD2 1 
ATOM   713 N N   . LEU D 1 12 ? 9.061   -4.545  -7.892  1.00 42.14  ? 11  LEU D N   1 
ATOM   714 C CA  . LEU D 1 12 ? 9.097   -5.444  -6.735  1.00 42.04  ? 11  LEU D CA  1 
ATOM   715 C C   . LEU D 1 12 ? 10.338  -5.237  -5.874  1.00 41.89  ? 11  LEU D C   1 
ATOM   716 O O   . LEU D 1 12 ? 10.267  -5.353  -4.644  1.00 40.10  ? 11  LEU D O   1 
ATOM   717 C CB  . LEU D 1 12 ? 8.993   -6.911  -7.170  1.00 43.83  ? 11  LEU D CB  1 
ATOM   718 C CG  . LEU D 1 12 ? 7.614   -7.339  -7.687  1.00 44.56  ? 11  LEU D CG  1 
ATOM   719 C CD1 . LEU D 1 12 ? 7.713   -8.674  -8.403  1.00 46.42  ? 11  LEU D CD1 1 
ATOM   720 C CD2 . LEU D 1 12 ? 6.597   -7.397  -6.553  1.00 45.60  ? 11  LEU D CD2 1 
ATOM   721 N N   . GLU D 1 13 ? 11.470  -4.954  -6.522  1.00 42.60  ? 12  GLU D N   1 
ATOM   722 C CA  . GLU D 1 13 ? 12.706  -4.620  -5.808  1.00 43.30  ? 12  GLU D CA  1 
ATOM   723 C C   . GLU D 1 13 ? 12.525  -3.309  -5.037  1.00 41.10  ? 12  GLU D C   1 
ATOM   724 O O   . GLU D 1 13 ? 12.939  -3.223  -3.892  1.00 40.84  ? 12  GLU D O   1 
ATOM   725 C CB  . GLU D 1 13 ? 13.910  -4.556  -6.767  1.00 45.43  ? 12  GLU D CB  1 
ATOM   726 C CG  . GLU D 1 13 ? 14.354  -5.945  -7.237  1.00 47.87  ? 12  GLU D CG  1 
ATOM   727 C CD  . GLU D 1 13 ? 15.218  -5.970  -8.501  1.00 51.28  ? 12  GLU D CD  1 
ATOM   728 O OE1 . GLU D 1 13 ? 15.678  -4.913  -8.999  1.00 51.28  ? 12  GLU D OE1 1 
ATOM   729 O OE2 . GLU D 1 13 ? 15.453  -7.093  -9.006  1.00 55.97  ? 12  GLU D OE2 1 
ATOM   730 N N   . ALA D 1 14 ? 11.880  -2.322  -5.656  1.00 39.58  ? 13  ALA D N   1 
ATOM   731 C CA  . ALA D 1 14 ? 11.598  -1.045  -4.991  1.00 39.98  ? 13  ALA D CA  1 
ATOM   732 C C   . ALA D 1 14 ? 10.697  -1.248  -3.774  1.00 40.32  ? 13  ALA D C   1 
ATOM   733 O O   . ALA D 1 14 ? 10.933  -0.653  -2.723  1.00 40.42  ? 13  ALA D O   1 
ATOM   734 C CB  . ALA D 1 14 ? 10.978  -0.051  -5.956  1.00 39.42  ? 13  ALA D CB  1 
ATOM   735 N N   . LEU D 1 15 ? 9.687   -2.108  -3.921  1.00 41.09  ? 14  LEU D N   1 
ATOM   736 C CA  . LEU D 1 15 ? 8.761   -2.441  -2.831  1.00 42.67  ? 14  LEU D CA  1 
ATOM   737 C C   . LEU D 1 15 ? 9.483   -3.102  -1.669  1.00 43.27  ? 14  LEU D C   1 
ATOM   738 O O   . LEU D 1 15 ? 9.214   -2.788  -0.510  1.00 43.04  ? 14  LEU D O   1 
ATOM   739 C CB  . LEU D 1 15 ? 7.656   -3.377  -3.335  1.00 44.05  ? 14  LEU D CB  1 
ATOM   740 C CG  . LEU D 1 15 ? 6.582   -3.828  -2.346  1.00 46.30  ? 14  LEU D CG  1 
ATOM   741 C CD1 . LEU D 1 15 ? 5.829   -2.623  -1.806  1.00 47.72  ? 14  LEU D CD1 1 
ATOM   742 C CD2 . LEU D 1 15 ? 5.632   -4.807  -3.017  1.00 47.53  ? 14  LEU D CD2 1 
ATOM   743 N N   . HIS D 1 16 ? 10.391  -4.021  -1.990  1.00 44.01  ? 15  HIS D N   1 
ATOM   744 C CA  . HIS D 1 16 ? 11.216  -4.678  -0.978  1.00 46.75  ? 15  HIS D CA  1 
ATOM   745 C C   . HIS D 1 16 ? 12.014  -3.664  -0.146  1.00 46.53  ? 15  HIS D C   1 
ATOM   746 O O   . HIS D 1 16 ? 12.073  -3.789  1.074   1.00 48.45  ? 15  HIS D O   1 
ATOM   747 C CB  . HIS D 1 16 ? 12.142  -5.709  -1.627  1.00 48.67  ? 15  HIS D CB  1 
ATOM   748 C CG  . HIS D 1 16 ? 12.928  -6.517  -0.643  1.00 51.88  ? 15  HIS D CG  1 
ATOM   749 N ND1 . HIS D 1 16 ? 14.263  -6.805  -0.819  1.00 53.34  ? 15  HIS D ND1 1 
ATOM   750 C CD2 . HIS D 1 16 ? 12.573  -7.080  0.536   1.00 54.32  ? 15  HIS D CD2 1 
ATOM   751 C CE1 . HIS D 1 16 ? 14.695  -7.518  0.205   1.00 56.05  ? 15  HIS D CE1 1 
ATOM   752 N NE2 . HIS D 1 16 ? 13.690  -7.700  1.042   1.00 56.30  ? 15  HIS D NE2 1 
ATOM   753 N N   . LYS D 1 17 ? 12.584  -2.652  -0.800  1.00 46.08  ? 16  LYS D N   1 
ATOM   754 C CA  . LYS D 1 17 ? 13.330  -1.585  -0.104  1.00 47.73  ? 16  LYS D CA  1 
ATOM   755 C C   . LYS D 1 17 ? 12.410  -0.746  0.793   1.00 48.60  ? 16  LYS D C   1 
ATOM   756 O O   . LYS D 1 17 ? 12.786  -0.383  1.912   1.00 49.11  ? 16  LYS D O   1 
ATOM   757 C CB  . LYS D 1 17 ? 14.026  -0.630  -1.083  1.00 47.83  ? 16  LYS D CB  1 
ATOM   758 C CG  . LYS D 1 17 ? 14.980  -1.242  -2.111  1.00 49.77  ? 16  LYS D CG  1 
ATOM   759 C CD  . LYS D 1 17 ? 16.135  -2.042  -1.535  1.00 51.63  ? 16  LYS D CD  1 
ATOM   760 C CE  . LYS D 1 17 ? 16.970  -2.600  -2.686  1.00 53.41  ? 16  LYS D CE  1 
ATOM   761 N NZ  . LYS D 1 17 ? 18.278  -3.192  -2.292  1.00 56.08  ? 16  LYS D NZ  1 
ATOM   762 N N   . ALA D 1 18 ? 11.221  -0.418  0.286   1.00 48.25  ? 17  ALA D N   1 
ATOM   763 C CA  . ALA D 1 18 ? 10.227  0.348   1.052   1.00 50.16  ? 17  ALA D CA  1 
ATOM   764 C C   . ALA D 1 18 ? 9.800   -0.387  2.325   1.00 52.39  ? 17  ALA D C   1 
ATOM   765 O O   . ALA D 1 18 ? 9.606   0.242   3.367   1.00 53.78  ? 17  ALA D O   1 
ATOM   766 C CB  . ALA D 1 18 ? 9.013   0.684   0.182   1.00 49.87  ? 17  ALA D CB  1 
ATOM   767 N N   . ILE D 1 19 ? 9.683   -1.713  2.245   1.00 54.86  ? 18  ILE D N   1 
ATOM   768 C CA  . ILE D 1 19 ? 9.360   -2.554  3.413   1.00 57.59  ? 18  ILE D CA  1 
ATOM   769 C C   . ILE D 1 19 ? 10.517  -2.596  4.431   1.00 59.48  ? 18  ILE D C   1 
ATOM   770 O O   . ILE D 1 19 ? 10.283  -2.609  5.645   1.00 60.52  ? 18  ILE D O   1 
ATOM   771 C CB  . ILE D 1 19 ? 8.950   -3.989  2.987   1.00 59.09  ? 18  ILE D CB  1 
ATOM   772 C CG1 . ILE D 1 19 ? 7.646   -3.943  2.180   1.00 59.44  ? 18  ILE D CG1 1 
ATOM   773 C CG2 . ILE D 1 19 ? 8.767   -4.907  4.200   1.00 61.60  ? 18  ILE D CG2 1 
ATOM   774 C CD1 . ILE D 1 19 ? 7.328   -5.226  1.432   1.00 60.47  ? 18  ILE D CD1 1 
ATOM   775 N N   . GLU D 1 20 ? 11.755  -2.625  3.944   1.00 59.49  ? 19  GLU D N   1 
ATOM   776 C CA  . GLU D 1 20 ? 12.920  -2.563  4.834   1.00 62.07  ? 19  GLU D CA  1 
ATOM   777 C C   . GLU D 1 20 ? 12.992  -1.233  5.612   1.00 63.40  ? 19  GLU D C   1 
ATOM   778 O O   . GLU D 1 20 ? 13.399  -1.226  6.772   1.00 66.52  ? 19  GLU D O   1 
ATOM   779 C CB  . GLU D 1 20 ? 14.209  -2.847  4.059   1.00 63.04  ? 19  GLU D CB  1 
ATOM   780 C CG  . GLU D 1 20 ? 14.313  -4.305  3.624   1.00 64.12  ? 19  GLU D CG  1 
ATOM   781 C CD  . GLU D 1 20 ? 15.431  -4.582  2.634   1.00 65.63  ? 19  GLU D CD  1 
ATOM   782 O OE1 . GLU D 1 20 ? 15.853  -3.664  1.898   1.00 66.05  ? 19  GLU D OE1 1 
ATOM   783 O OE2 . GLU D 1 20 ? 15.879  -5.748  2.574   1.00 68.71  ? 19  GLU D OE2 1 
ATOM   784 N N   . LEU D 1 21 ? 12.569  -0.132  4.987   1.00 62.38  ? 20  LEU D N   1 
ATOM   785 C CA  . LEU D 1 21 ? 12.456  1.170   5.678   1.00 63.80  ? 20  LEU D CA  1 
ATOM   786 C C   . LEU D 1 21 ? 11.420  1.185   6.804   1.00 66.34  ? 20  LEU D C   1 
ATOM   787 O O   . LEU D 1 21 ? 11.644  1.812   7.841   1.00 66.57  ? 20  LEU D O   1 
ATOM   788 C CB  . LEU D 1 21 ? 12.131  2.302   4.691   1.00 62.43  ? 20  LEU D CB  1 
ATOM   789 C CG  . LEU D 1 21 ? 13.297  2.903   3.902   1.00 61.67  ? 20  LEU D CG  1 
ATOM   790 C CD1 . LEU D 1 21 ? 12.771  3.854   2.838   1.00 61.52  ? 20  LEU D CD1 1 
ATOM   791 C CD2 . LEU D 1 21 ? 14.283  3.623   4.819   1.00 63.41  ? 20  LEU D CD2 1 
ATOM   792 N N   . LEU D 1 22 ? 10.287  0.521   6.587   1.00 66.24  ? 21  LEU D N   1 
ATOM   793 C CA  . LEU D 1 22 ? 9.244   0.413   7.606   1.00 69.60  ? 21  LEU D CA  1 
ATOM   794 C C   . LEU D 1 22 ? 9.764   -0.312  8.846   1.00 71.91  ? 21  LEU D C   1 
ATOM   795 O O   . LEU D 1 22 ? 9.547   0.140   9.967   1.00 73.62  ? 21  LEU D O   1 
ATOM   796 C CB  . LEU D 1 22 ? 8.017   -0.315  7.051   1.00 69.26  ? 21  LEU D CB  1 
ATOM   797 C CG  . LEU D 1 22 ? 7.253   0.440   5.957   1.00 68.67  ? 21  LEU D CG  1 
ATOM   798 C CD1 . LEU D 1 22 ? 6.327   -0.491  5.182   1.00 68.67  ? 21  LEU D CD1 1 
ATOM   799 C CD2 . LEU D 1 22 ? 6.472   1.606   6.547   1.00 70.50  ? 21  LEU D CD2 1 
ATOM   800 N N   . GLU D 1 23 ? 10.467  -1.422  8.628   1.00 73.18  ? 22  GLU D N   1 
ATOM   801 C CA  . GLU D 1 23 ? 11.092  -2.184  9.715   1.00 77.10  ? 22  GLU D CA  1 
ATOM   802 C C   . GLU D 1 23 ? 12.028  -1.334  10.581  1.00 79.81  ? 22  GLU D C   1 
ATOM   803 O O   . GLU D 1 23 ? 12.021  -1.472  11.805  1.00 82.93  ? 22  GLU D O   1 
ATOM   804 C CB  . GLU D 1 23 ? 11.833  -3.403  9.158   1.00 76.75  ? 22  GLU D CB  1 
ATOM   805 C CG  . GLU D 1 23 ? 10.889  -4.508  8.703   1.00 76.76  ? 22  GLU D CG  1 
ATOM   806 C CD  . GLU D 1 23 ? 11.481  -5.434  7.654   1.00 75.99  ? 22  GLU D CD  1 
ATOM   807 O OE1 . GLU D 1 23 ? 12.710  -5.406  7.428   1.00 75.31  ? 22  GLU D OE1 1 
ATOM   808 O OE2 . GLU D 1 23 ? 10.701  -6.197  7.044   1.00 76.58  ? 22  GLU D OE2 1 
ATOM   809 N N   . LYS D 1 24 ? 12.810  -0.457  9.948   1.00 80.74  ? 23  LYS D N   1 
ATOM   810 C CA  . LYS D 1 24 ? 13.666  0.491   10.676  1.00 83.43  ? 23  LYS D CA  1 
ATOM   811 C C   . LYS D 1 24 ? 12.833  1.579   11.358  1.00 85.30  ? 23  LYS D C   1 
ATOM   812 O O   . LYS D 1 24 ? 12.878  1.714   12.583  1.00 88.28  ? 23  LYS D O   1 
ATOM   813 C CB  . LYS D 1 24 ? 14.714  1.124   9.750   1.00 83.90  ? 23  LYS D CB  1 
ATOM   814 C CG  . LYS D 1 24 ? 15.828  0.173   9.345   1.00 85.13  ? 23  LYS D CG  1 
ATOM   815 C CD  . LYS D 1 24 ? 16.862  0.849   8.456   1.00 85.86  ? 23  LYS D CD  1 
ATOM   816 C CE  . LYS D 1 24 ? 18.024  -0.088  8.158   1.00 87.47  ? 23  LYS D CE  1 
ATOM   817 N NZ  . LYS D 1 24 ? 19.022  0.512   7.229   1.00 88.79  ? 23  LYS D NZ  1 
ATOM   818 N N   . TRP D 1 25 ? 12.081  2.340   10.560  1.00 84.19  ? 24  TRP D N   1 
ATOM   819 C CA  . TRP D 1 25 ? 11.241  3.441   11.054  1.00 85.88  ? 24  TRP D CA  1 
ATOM   820 C C   . TRP D 1 25 ? 9.764   3.092   10.931  1.00 86.45  ? 24  TRP D C   1 
ATOM   821 O O   . TRP D 1 25 ? 8.928   3.644   11.646  1.00 89.42  ? 24  TRP D O   1 
ATOM   822 C CB  . TRP D 1 25 ? 11.526  4.723   10.269  1.00 86.06  ? 24  TRP D CB  1 
HETATM 823 P P   . PO4 E 2 .  ? -1.653  -15.696 -1.790  1.00 108.46 ? 101 PO4 A P   1 
HETATM 824 O O1  . PO4 E 2 .  ? -0.444  -16.542 -2.109  1.00 108.25 ? 101 PO4 A O1  1 
HETATM 825 O O2  . PO4 E 2 .  ? -1.800  -15.585 -0.291  1.00 107.57 ? 101 PO4 A O2  1 
HETATM 826 O O3  . PO4 E 2 .  ? -1.482  -14.322 -2.395  1.00 105.56 ? 101 PO4 A O3  1 
HETATM 827 O O4  . PO4 E 2 .  ? -2.886  -16.356 -2.364  1.00 107.51 ? 101 PO4 A O4  1 
HETATM 828 P P   . PO4 F 2 .  ? -1.807  7.310   3.158   1.00 88.86  ? 102 PO4 A P   1 
HETATM 829 O O1  . PO4 F 2 .  ? -1.302  6.242   2.217   1.00 82.52  ? 102 PO4 A O1  1 
HETATM 830 O O2  . PO4 F 2 .  ? -3.106  6.859   3.783   1.00 86.98  ? 102 PO4 A O2  1 
HETATM 831 O O3  . PO4 F 2 .  ? -0.790  7.557   4.248   1.00 84.64  ? 102 PO4 A O3  1 
HETATM 832 O O4  . PO4 F 2 .  ? -2.042  8.584   2.382   1.00 85.47  ? 102 PO4 A O4  1 
HETATM 833 P P   . PO4 G 2 .  ? -0.863  -5.010  -5.651  1.00 89.46  ? 103 PO4 A P   1 
HETATM 834 O O1  . PO4 G 2 .  ? -0.801  -6.383  -5.025  1.00 90.60  ? 103 PO4 A O1  1 
HETATM 835 O O2  . PO4 G 2 .  ? -0.353  -5.087  -7.069  1.00 89.54  ? 103 PO4 A O2  1 
HETATM 836 O O3  . PO4 G 2 .  ? -0.002  -4.056  -4.863  1.00 87.51  ? 103 PO4 A O3  1 
HETATM 837 O O4  . PO4 G 2 .  ? -2.290  -4.513  -5.648  1.00 89.73  ? 103 PO4 A O4  1 
HETATM 838 P P   . PO4 H 2 .  ? 0.075   -4.974  17.978  1.00 104.06 ? 101 PO4 B P   1 
HETATM 839 O O1  . PO4 H 2 .  ? 1.150   -5.997  18.270  1.00 102.38 ? 101 PO4 B O1  1 
HETATM 840 O O2  . PO4 H 2 .  ? 0.471   -3.639  18.562  1.00 102.60 ? 101 PO4 B O2  1 
HETATM 841 O O3  . PO4 H 2 .  ? -1.232  -5.415  18.592  1.00 103.97 ? 101 PO4 B O3  1 
HETATM 842 O O4  . PO4 H 2 .  ? -0.098  -4.840  16.485  1.00 105.21 ? 101 PO4 B O4  1 
HETATM 843 P P   . PO4 I 2 .  ? 20.421  -4.457  -5.136  1.00 80.06  ? 101 PO4 D P   1 
HETATM 844 O O1  . PO4 I 2 .  ? 21.333  -5.660  -5.104  1.00 81.62  ? 101 PO4 D O1  1 
HETATM 845 O O2  . PO4 I 2 .  ? 20.426  -3.879  -6.531  1.00 78.10  ? 101 PO4 D O2  1 
HETATM 846 O O3  . PO4 I 2 .  ? 20.911  -3.426  -4.146  1.00 78.11  ? 101 PO4 D O3  1 
HETATM 847 O O4  . PO4 I 2 .  ? 19.018  -4.879  -4.762  1.00 81.65  ? 101 PO4 D O4  1 
HETATM 848 P P   . PO4 J 2 .  ? 13.314  -8.964  4.723   0.50 99.60  ? 102 PO4 D P   1 
HETATM 849 O O1  . PO4 J 2 .  ? 13.476  -9.958  5.806   0.50 100.08 ? 102 PO4 D O1  1 
HETATM 850 O O2  . PO4 J 2 .  ? 14.619  -8.496  4.234   0.50 99.11  ? 102 PO4 D O2  1 
HETATM 851 O O3  . PO4 J 2 .  ? 12.602  -7.805  5.294   0.50 100.21 ? 102 PO4 D O3  1 
HETATM 852 O O4  . PO4 J 2 .  ? 12.532  -9.613  3.628   0.50 99.84  ? 102 PO4 D O4  1 
HETATM 853 C C1  . MPD K 3 .  ? 16.440  -9.342  -11.688 1.00 84.25  ? 103 MPD D C1  1 
HETATM 854 C C2  . MPD K 3 .  ? 17.492  -8.327  -12.118 1.00 83.87  ? 103 MPD D C2  1 
HETATM 855 O O2  . MPD K 3 .  ? 16.800  -7.159  -12.563 1.00 82.69  ? 103 MPD D O2  1 
HETATM 856 C CM  . MPD K 3 .  ? 18.315  -8.886  -13.277 1.00 83.63  ? 103 MPD D CM  1 
HETATM 857 C C3  . MPD K 3 .  ? 18.378  -7.990  -10.913 1.00 84.17  ? 103 MPD D C3  1 
HETATM 858 C C4  . MPD K 3 .  ? 18.893  -6.550  -10.853 1.00 84.49  ? 103 MPD D C4  1 
HETATM 859 O O4  . MPD K 3 .  ? 19.645  -6.382  -9.650  1.00 84.61  ? 103 MPD D O4  1 
HETATM 860 C C5  . MPD K 3 .  ? 19.785  -6.176  -12.034 1.00 84.81  ? 103 MPD D C5  1 
HETATM 861 O O   . HOH L 4 .  ? -5.244  -5.209  -6.267  1.00 59.47  ? 201 HOH A O   1 
HETATM 862 O O   . HOH L 4 .  ? -0.601  -13.234 0.310   1.00 61.88  ? 202 HOH A O   1 
HETATM 863 O O   . HOH L 4 .  ? -7.684  11.456  -4.062  1.00 73.66  ? 203 HOH A O   1 
HETATM 864 O O   . HOH L 4 .  ? -10.946 6.409   -6.557  1.00 69.16  ? 204 HOH A O   1 
HETATM 865 O O   . HOH M 4 .  ? -4.804  6.778   -3.829  1.00 59.79  ? 101 HOH C O   1 
HETATM 866 O O   . HOH M 4 .  ? -6.277  4.126   -10.813 1.00 74.19  ? 102 HOH C O   1 
HETATM 867 O O   . HOH M 4 .  ? -4.795  -12.573 -23.013 1.00 81.77  ? 103 HOH C O   1 
HETATM 868 O O   . HOH M 4 .  ? -7.959  -0.587  -11.363 1.00 75.31  ? 104 HOH C O   1 
HETATM 869 O O   . HOH N 4 .  ? -3.873  -4.553  19.473  1.00 76.32  ? 201 HOH B O   1 
HETATM 870 O O   . HOH N 4 .  ? -8.814  -0.298  20.745  1.00 72.93  ? 202 HOH B O   1 
HETATM 871 O O   . HOH O 4 .  ? 21.956  -5.689  -8.379  1.00 87.56  ? 201 HOH D O   1 
HETATM 872 O O   . HOH O 4 .  ? 10.279  -5.988  -24.602 1.00 72.48  ? 202 HOH D O   1 
HETATM 873 O O   . HOH O 4 .  ? 15.797  -5.997  -3.804  1.00 72.99  ? 203 HOH D O   1 
HETATM 874 O O   . HOH O 4 .  ? 19.403  -2.267  10.556  0.50 54.71  ? 204 HOH D O   1 
HETATM 875 O O   . HOH O 4 .  ? 13.216  -7.991  -26.910 0.50 54.80  ? 205 HOH D O   1 
# 
loop_
_atom_site_anisotrop.id 
_atom_site_anisotrop.type_symbol 
_atom_site_anisotrop.pdbx_label_atom_id 
_atom_site_anisotrop.pdbx_label_alt_id 
_atom_site_anisotrop.pdbx_label_comp_id 
_atom_site_anisotrop.pdbx_label_asym_id 
_atom_site_anisotrop.pdbx_label_seq_id 
_atom_site_anisotrop.pdbx_PDB_ins_code 
_atom_site_anisotrop.U[1][1] 
_atom_site_anisotrop.U[2][2] 
_atom_site_anisotrop.U[3][3] 
_atom_site_anisotrop.U[1][2] 
_atom_site_anisotrop.U[1][3] 
_atom_site_anisotrop.U[2][3] 
_atom_site_anisotrop.pdbx_auth_seq_id 
_atom_site_anisotrop.pdbx_auth_comp_id 
_atom_site_anisotrop.pdbx_auth_asym_id 
_atom_site_anisotrop.pdbx_auth_atom_id 
1   C C   . ACE A 1  ? 0.7680 0.6659 0.7900 0.0924  0.0589  -0.0049 0  ACE A C   
2   O O   . ACE A 1  ? 0.7153 0.6455 0.7538 0.0829  0.0508  -0.0005 0  ACE A O   
3   C CH3 . ACE A 1  ? 0.7992 0.6823 0.8393 0.1156  0.0500  -0.0012 0  ACE A CH3 
4   N N   . SER A 2  ? 0.7847 0.6528 0.7683 0.0876  0.0706  -0.0160 1  SER A N   
5   C CA  . SER A 2  ? 0.7645 0.6385 0.7196 0.0755  0.0719  -0.0223 1  SER A CA  
6   C C   . SER A 2  ? 0.7057 0.5923 0.6599 0.0542  0.0515  -0.0197 1  SER A C   
7   O O   . SER A 2  ? 0.6583 0.5693 0.6128 0.0474  0.0487  -0.0164 1  SER A O   
8   C CB  . SER A 2  ? 0.8391 0.6699 0.7423 0.0836  0.0765  -0.0416 1  SER A CB  
9   O OG  . SER A 2  ? 0.8893 0.7170 0.7509 0.0866  0.0777  -0.0464 1  SER A OG  
10  N N   . LYS A 3  ? 0.6771 0.5423 0.6333 0.0448  0.0442  -0.0202 2  LYS A N   
11  C CA  . LYS A 3  ? 0.6537 0.5265 0.6184 0.0249  0.0371  -0.0174 2  LYS A CA  
12  C C   . LYS A 3  ? 0.6009 0.4992 0.5714 0.0259  0.0338  0.0008  2  LYS A C   
13  O O   . LYS A 3  ? 0.5499 0.4684 0.5249 0.0138  0.0297  0.0009  2  LYS A O   
14  C CB  . LYS A 3  ? 0.6937 0.5269 0.6663 0.0139  0.0453  -0.0198 2  LYS A CB  
15  C CG  . LYS A 3  ? 0.7349 0.5483 0.7177 0.0056  0.0385  -0.0488 2  LYS A CG  
16  C CD  . LYS A 3  ? 0.7855 0.5545 0.7945 -0.0086 0.0542  -0.0525 2  LYS A CD  
17  C CE  . LYS A 3  ? 0.8297 0.5776 0.8601 -0.0159 0.0392  -0.0904 2  LYS A CE  
18  N NZ  . LYS A 3  ? 0.8671 0.5942 0.8511 0.0089  0.0319  -0.1004 2  LYS A NZ  
19  N N   . LEU A 4  ? 0.5864 0.4825 0.5583 0.0438  0.0305  0.0118  3  LEU A N   
20  C CA  . LEU A 4  ? 0.5833 0.5001 0.5587 0.0504  0.0162  0.0207  3  LEU A CA  
21  C C   . LEU A 4  ? 0.5292 0.4909 0.5358 0.0448  0.0133  0.0146  3  LEU A C   
22  O O   . LEU A 4  ? 0.5200 0.4976 0.5265 0.0376  0.0051  0.0165  3  LEU A O   
23  C CB  . LEU A 4  ? 0.6285 0.5316 0.6033 0.0782  0.0002  0.0259  3  LEU A CB  
24  C CG  . LEU A 4  ? 0.6469 0.5605 0.6168 0.0934  -0.0284 0.0275  3  LEU A CG  
25  C CD1 . LEU A 4  ? 0.6831 0.5676 0.5965 0.0860  -0.0236 0.0381  3  LEU A CD1 
26  C CD2 . LEU A 4  ? 0.7132 0.6044 0.6758 0.1298  -0.0549 0.0278  3  LEU A CD2 
27  N N   . LEU A 5  ? 0.5151 0.4886 0.5449 0.0495  0.0266  0.0083  4  LEU A N   
28  C CA  . LEU A 5  ? 0.4919 0.4923 0.5472 0.0447  0.0378  0.0066  4  LEU A CA  
29  C C   . LEU A 5  ? 0.4794 0.4748 0.4985 0.0311  0.0393  0.0066  4  LEU A C   
30  O O   . LEU A 5  ? 0.4444 0.4571 0.4754 0.0247  0.0386  0.0093  4  LEU A O   
31  C CB  . LEU A 5  ? 0.5114 0.5093 0.5877 0.0558  0.0671  0.0034  4  LEU A CB  
32  C CG  . LEU A 5  ? 0.5108 0.5287 0.6551 0.0711  0.0671  -0.0007 4  LEU A CG  
33  C CD1 . LEU A 5  ? 0.5405 0.5518 0.7076 0.0813  0.1109  -0.0031 4  LEU A CD1 
34  C CD2 . LEU A 5  ? 0.4811 0.5395 0.6943 0.0692  0.0450  -0.0058 4  LEU A CD2 
35  N N   . GLU A 6  ? 0.5036 0.4748 0.4865 0.0287  0.0371  -0.0002 5  GLU A N   
36  C CA  . GLU A 6  ? 0.5068 0.4763 0.4665 0.0209  0.0275  -0.0069 5  GLU A CA  
37  C C   . GLU A 6  ? 0.4559 0.4436 0.4335 0.0075  0.0170  -0.0023 5  GLU A C   
38  O O   . GLU A 6  ? 0.4400 0.4407 0.4162 0.0041  0.0124  -0.0026 5  GLU A O   
39  C CB  . GLU A 6  ? 0.5479 0.4915 0.4860 0.0220  0.0173  -0.0249 5  GLU A CB  
40  C CG  . GLU A 6  ? 0.6273 0.5393 0.5217 0.0417  0.0260  -0.0337 5  GLU A CG  
41  N N   . LEU A 7  ? 0.4605 0.4392 0.4451 0.0043  0.0175  0.0031  6  LEU A N   
42  C CA  . LEU A 7  ? 0.4534 0.4340 0.4374 -0.0021 0.0172  0.0105  6  LEU A CA  
43  C C   . LEU A 7  ? 0.4362 0.4382 0.4239 0.0025  0.0086  0.0146  6  LEU A C   
44  O O   . LEU A 7  ? 0.4235 0.4360 0.4111 -0.0037 0.0073  0.0139  6  LEU A O   
45  C CB  . LEU A 7  ? 0.4955 0.4410 0.4604 0.0040  0.0254  0.0208  6  LEU A CB  
46  C CG  . LEU A 7  ? 0.5239 0.4463 0.4671 0.0011  0.0399  0.0306  6  LEU A CG  
47  C CD1 . LEU A 7  ? 0.5968 0.4625 0.5084 0.0087  0.0604  0.0435  6  LEU A CD1 
48  C CD2 . LEU A 7  ? 0.5313 0.4607 0.4492 0.0134  0.0253  0.0352  6  LEU A CD2 
49  N N   . LEU A 8  ? 0.4354 0.4450 0.4382 0.0135  0.0021  0.0153  7  LEU A N   
50  C CA  A LEU A 8  ? 0.4134 0.4449 0.4428 0.0158  -0.0089 0.0121  7  LEU A CA  
51  C CA  B LEU A 8  ? 0.4202 0.4520 0.4498 0.0157  -0.0088 0.0121  7  LEU A CA  
52  C C   . LEU A 8  ? 0.3922 0.4369 0.4324 0.0058  0.0032  0.0112  7  LEU A C   
53  O O   . LEU A 8  ? 0.3863 0.4383 0.4314 0.0015  -0.0033 0.0094  7  LEU A O   
54  C CB  A LEU A 8  ? 0.4146 0.4596 0.4896 0.0282  -0.0164 0.0062  7  LEU A CB  
55  C CB  B LEU A 8  ? 0.4304 0.4764 0.5064 0.0276  -0.0159 0.0061  7  LEU A CB  
56  C CG  A LEU A 8  ? 0.4037 0.4751 0.5355 0.0303  -0.0342 -0.0061 7  LEU A CG  
57  C CG  B LEU A 8  ? 0.4706 0.5013 0.5324 0.0473  -0.0430 0.0043  7  LEU A CG  
58  C CD1 A LEU A 8  ? 0.4230 0.4815 0.5187 0.0383  -0.0657 -0.0111 7  LEU A CD1 
59  C CD1 B LEU A 8  ? 0.4821 0.5303 0.6025 0.0622  -0.0502 -0.0045 7  LEU A CD1 
60  C CD2 A LEU A 8  ? 0.4106 0.5021 0.6114 0.0438  -0.0427 -0.0172 7  LEU A CD2 
61  C CD2 B LEU A 8  ? 0.4907 0.5196 0.5392 0.0544  -0.0715 -0.0032 7  LEU A CD2 
62  N N   . ARG A 9  ? 0.3823 0.4193 0.4145 0.0068  0.0208  0.0124  8  ARG A N   
63  C CA  . ARG A 9  ? 0.4083 0.4388 0.4272 0.0062  0.0344  0.0152  8  ARG A CA  
64  C C   . ARG A 9  ? 0.3983 0.4299 0.3954 0.0016  0.0200  0.0132  8  ARG A C   
65  O O   . ARG A 9  ? 0.3816 0.4161 0.3838 -0.0004 0.0210  0.0154  8  ARG A O   
66  C CB  . ARG A 9  ? 0.4454 0.4481 0.4264 0.0182  0.0527  0.0161  8  ARG A CB  
67  C CG  . ARG A 9  ? 0.4922 0.4676 0.4337 0.0275  0.0689  0.0228  8  ARG A CG  
68  C CD  . ARG A 9  ? 0.5726 0.5026 0.4519 0.0485  0.0899  0.0245  8  ARG A CD  
69  N NE  . ARG A 9  ? 0.6067 0.5237 0.4416 0.0577  0.0590  0.0084  8  ARG A NE  
70  C CZ  . ARG A 9  ? 0.6481 0.5484 0.4369 0.0703  0.0304  -0.0024 8  ARG A CZ  
71  N NH1 . ARG A 9  ? 0.6735 0.5624 0.4387 0.0786  0.0296  0.0056  8  ARG A NH1 
72  N NH2 . ARG A 9  ? 0.6762 0.5703 0.4499 0.0762  -0.0010 -0.0249 8  ARG A NH2 
73  N N   . LYS A 10 ? 0.3956 0.4252 0.3813 -0.0006 0.0093  0.0069  9  LYS A N   
74  C CA  . LYS A 10 ? 0.3972 0.4341 0.3845 -0.0044 -0.0008 0.0006  9  LYS A CA  
75  C C   . LYS A 10 ? 0.3857 0.4322 0.3846 -0.0104 0.0009  0.0050  9  LYS A C   
76  O O   . LYS A 10 ? 0.3788 0.4315 0.3802 -0.0096 -0.0017 0.0031  9  LYS A O   
77  C CB  . LYS A 10 ? 0.4206 0.4559 0.4215 -0.0096 -0.0066 -0.0116 9  LYS A CB  
78  C CG  . LYS A 10 ? 0.4619 0.4813 0.4442 -0.0001 -0.0173 -0.0243 9  LYS A CG  
79  C CD  . LYS A 10 ? 0.5181 0.5295 0.4711 0.0169  -0.0355 -0.0336 9  LYS A CD  
80  C CE  . LYS A 10 ? 0.5818 0.5680 0.5044 0.0322  -0.0561 -0.0542 9  LYS A CE  
81  N NZ  . LYS A 10 ? 0.6494 0.6134 0.5196 0.0597  -0.0802 -0.0630 9  LYS A NZ  
82  N N   . LEU A 11 ? 0.3902 0.4304 0.3862 -0.0106 0.0025  0.0097  10 LEU A N   
83  C CA  . LEU A 11 ? 0.4097 0.4441 0.3937 -0.0080 -0.0004 0.0113  10 LEU A CA  
84  C C   . LEU A 11 ? 0.3926 0.4365 0.3897 -0.0068 -0.0099 0.0073  10 LEU A C   
85  O O   . LEU A 11 ? 0.3863 0.4270 0.3749 -0.0061 -0.0112 0.0041  10 LEU A O   
86  C CB  . LEU A 11 ? 0.4495 0.4607 0.4078 0.0017  -0.0042 0.0157  10 LEU A CB  
87  C CG  . LEU A 11 ? 0.5178 0.5029 0.4331 0.0150  -0.0111 0.0157  10 LEU A CG  
88  C CD1 . LEU A 11 ? 0.5383 0.5119 0.4365 0.0108  0.0123  0.0184  10 LEU A CD1 
89  C CD2 . LEU A 11 ? 0.5699 0.5153 0.4380 0.0336  -0.0157 0.0230  10 LEU A CD2 
90  N N   . LEU A 12 ? 0.3696 0.4218 0.3944 -0.0068 -0.0110 0.0062  11 LEU A N   
91  C CA  . LEU A 12 ? 0.3551 0.4127 0.4113 -0.0103 -0.0102 0.0016  11 LEU A CA  
92  C C   . LEU A 12 ? 0.3622 0.4109 0.4037 -0.0120 0.0031  0.0072  11 LEU A C   
93  O O   . LEU A 12 ? 0.3489 0.3927 0.4006 -0.0141 0.0020  0.0033  11 LEU A O   
94  C CB  . LEU A 12 ? 0.3574 0.4234 0.4630 -0.0119 0.0009  0.0004  11 LEU A CB  
95  C CG  . LEU A 12 ? 0.3563 0.4367 0.4990 -0.0054 -0.0221 -0.0118 11 LEU A CG  
96  C CD1 . LEU A 12 ? 0.3578 0.4515 0.5614 -0.0060 -0.0021 -0.0127 11 LEU A CD1 
97  C CD2 . LEU A 12 ? 0.3630 0.4488 0.5342 -0.0034 -0.0526 -0.0311 11 LEU A CD2 
98  N N   . GLU A 13 ? 0.3644 0.4064 0.3794 -0.0072 0.0104  0.0132  12 GLU A N   
99  C CA  . GLU A 13 ? 0.3919 0.4200 0.3832 0.0008  0.0130  0.0161  12 GLU A CA  
100 C C   . GLU A 13 ? 0.3866 0.4263 0.3807 0.0006  0.0010  0.0092  12 GLU A C   
101 O O   . GLU A 13 ? 0.4047 0.4351 0.3943 0.0064  0.0015  0.0097  12 GLU A O   
102 C CB  . GLU A 13 ? 0.4262 0.4393 0.3818 0.0139  0.0113  0.0168  12 GLU A CB  
103 C CG  . GLU A 13 ? 0.4751 0.4605 0.4108 0.0208  0.0359  0.0269  12 GLU A CG  
104 C CD  . GLU A 13 ? 0.5346 0.4982 0.4224 0.0368  0.0313  0.0229  12 GLU A CD  
105 O OE1 . GLU A 13 ? 0.5558 0.5357 0.4475 0.0363  0.0048  0.0084  12 GLU A OE1 
106 O OE2 . GLU A 13 ? 0.6016 0.5270 0.4506 0.0503  0.0581  0.0327  12 GLU A OE2 
107 N N   . ALA A 14 ? 0.3785 0.4317 0.3802 -0.0045 -0.0027 0.0040  13 ALA A N   
108 C CA  . ALA A 14 ? 0.3858 0.4448 0.3944 -0.0045 0.0001  -0.0014 13 ALA A CA  
109 C C   . ALA A 14 ? 0.4031 0.4497 0.3998 -0.0031 0.0004  -0.0026 13 ALA A C   
110 O O   . ALA A 14 ? 0.4095 0.4537 0.4073 0.0020  0.0033  -0.0066 13 ALA A O   
111 C CB  . ALA A 14 ? 0.3759 0.4359 0.3903 -0.0103 0.0112  -0.0023 13 ALA A CB  
112 N N   . LEU A 15 ? 0.4113 0.4499 0.4011 -0.0048 -0.0073 -0.0035 14 LEU A N   
113 C CA  A LEU A 15 ? 0.4314 0.4564 0.4159 -0.0014 -0.0192 -0.0137 14 LEU A CA  
114 C CA  B LEU A 15 ? 0.4358 0.4609 0.4206 -0.0015 -0.0192 -0.0138 14 LEU A CA  
115 C C   . LEU A 15 ? 0.4348 0.4567 0.4440 -0.0049 -0.0165 -0.0160 14 LEU A C   
116 O O   . LEU A 15 ? 0.4522 0.4598 0.4530 -0.0008 -0.0197 -0.0249 14 LEU A O   
117 C CB  A LEU A 15 ? 0.4421 0.4661 0.4359 0.0005  -0.0394 -0.0215 14 LEU A CB  
118 C CB  B LEU A 15 ? 0.4528 0.4768 0.4474 0.0004  -0.0397 -0.0218 14 LEU A CB  
119 C CG  A LEU A 15 ? 0.4736 0.4845 0.4720 0.0071  -0.0669 -0.0427 14 LEU A CG  
120 C CG  B LEU A 15 ? 0.5005 0.5012 0.4426 0.0159  -0.0523 -0.0248 14 LEU A CG  
121 C CD1 A LEU A 15 ? 0.5266 0.5042 0.4550 0.0236  -0.0709 -0.0484 14 LEU A CD1 
122 C CD1 B LEU A 15 ? 0.5172 0.5221 0.4788 0.0233  -0.0808 -0.0344 14 LEU A CD1 
123 C CD2 A LEU A 15 ? 0.4852 0.5040 0.5118 0.0131  -0.0959 -0.0557 14 LEU A CD2 
124 C CD2 B LEU A 15 ? 0.5543 0.5238 0.4484 0.0294  -0.0599 -0.0362 14 LEU A CD2 
125 N N   . HIS A 16 ? 0.4183 0.4427 0.4484 -0.0095 -0.0057 -0.0068 15 HIS A N   
126 C CA  . HIS A 16 ? 0.4430 0.4476 0.4853 -0.0099 0.0080  -0.0022 15 HIS A CA  
127 C C   . HIS A 16 ? 0.4590 0.4527 0.4738 0.0022  0.0090  0.0006  15 HIS A C   
128 O O   . HIS A 16 ? 0.4741 0.4466 0.4932 0.0041  0.0128  -0.0026 15 HIS A O   
129 C CB  . HIS A 16 ? 0.4597 0.4524 0.5034 -0.0095 0.0300  0.0124  15 HIS A CB  
130 C CG  . HIS A 16 ? 0.5101 0.4628 0.5498 -0.0057 0.0563  0.0237  15 HIS A CG  
131 N ND1 . HIS A 16 ? 0.5481 0.4865 0.6356 -0.0179 0.0670  0.0163  15 HIS A ND1 
132 C CD2 . HIS A 16 ? 0.5662 0.4799 0.5536 0.0123  0.0749  0.0415  15 HIS A CD2 
133 C CE1 . HIS A 16 ? 0.5977 0.4874 0.6658 -0.0107 0.0998  0.0333  15 HIS A CE1 
134 N NE2 . HIS A 16 ? 0.6213 0.4911 0.6179 0.0110  0.1043  0.0504  15 HIS A NE2 
135 N N   . LYS A 17 ? 0.4452 0.4536 0.4433 0.0108  0.0040  0.0031  16 LYS A N   
136 C CA  . LYS A 17 ? 0.4675 0.4774 0.4610 0.0252  -0.0006 -0.0004 16 LYS A CA  
137 C C   . LYS A 17 ? 0.4660 0.4792 0.4667 0.0245  0.0021  -0.0112 16 LYS A C   
138 O O   . LYS A 17 ? 0.4973 0.4987 0.4984 0.0359  0.0035  -0.0144 16 LYS A O   
139 C CB  . LYS A 17 ? 0.4689 0.5030 0.4707 0.0321  -0.0116 -0.0047 16 LYS A CB  
140 C CG  . LYS A 17 ? 0.5119 0.5302 0.4855 0.0437  -0.0202 0.0015  16 LYS A CG  
141 C CD  . LYS A 17 ? 0.5851 0.5677 0.5219 0.0697  -0.0267 0.0076  16 LYS A CD  
142 C CE  . LYS A 17 ? 0.6535 0.5913 0.5307 0.0836  -0.0188 0.0217  16 LYS A CE  
143 N NZ  . LYS A 17 ? 0.7511 0.6342 0.5677 0.1176  -0.0228 0.0314  16 LYS A NZ  
144 N N   . ALA A 18 ? 0.4547 0.4741 0.4498 0.0165  0.0044  -0.0161 17 ALA A N   
145 C CA  . ALA A 18 ? 0.4901 0.4945 0.4652 0.0222  0.0115  -0.0258 17 ALA A CA  
146 C C   . ALA A 18 ? 0.5364 0.5134 0.5021 0.0242  0.0019  -0.0361 17 ALA A C   
147 O O   . ALA A 18 ? 0.5555 0.5152 0.5091 0.0348  0.0083  -0.0445 17 ALA A O   
148 C CB  . ALA A 18 ? 0.5026 0.4983 0.4469 0.0211  0.0152  -0.0259 17 ALA A CB  
149 N N   . ILE A 19 ? 0.5449 0.5174 0.5273 0.0136  -0.0110 -0.0380 18 ILE A N   
150 C CA  . ILE A 19 ? 0.5822 0.5303 0.5824 0.0099  -0.0200 -0.0522 18 ILE A CA  
151 C C   . ILE A 19 ? 0.6083 0.5379 0.6180 0.0142  -0.0041 -0.0439 18 ILE A C   
152 O O   . ILE A 19 ? 0.6443 0.5472 0.6504 0.0194  -0.0056 -0.0568 18 ILE A O   
153 C CB  . ILE A 19 ? 0.5795 0.5341 0.6261 -0.0051 -0.0311 -0.0586 18 ILE A CB  
154 C CG1 . ILE A 19 ? 0.5964 0.5594 0.6261 -0.0001 -0.0586 -0.0730 18 ILE A CG1 
155 C CG2 . ILE A 19 ? 0.6144 0.5452 0.7088 -0.0146 -0.0336 -0.0754 18 ILE A CG2 
156 C CD1 . ILE A 19 ? 0.5912 0.5753 0.6786 -0.0108 -0.0704 -0.0782 18 ILE A CD1 
157 N N   . GLU A 20 ? 0.5930 0.5277 0.6041 0.0170  0.0085  -0.0238 19 GLU A N   
158 C CA  . GLU A 20 ? 0.6495 0.5552 0.6493 0.0316  0.0200  -0.0125 19 GLU A CA  
159 C C   . GLU A 20 ? 0.6598 0.5694 0.6485 0.0499  0.0154  -0.0207 19 GLU A C   
160 O O   . GLU A 20 ? 0.6990 0.5758 0.6835 0.0606  0.0206  -0.0225 19 GLU A O   
161 C CB  . GLU A 20 ? 0.6700 0.5714 0.6481 0.0424  0.0259  0.0076  19 GLU A CB  
162 C CG  . GLU A 20 ? 0.6987 0.5764 0.6840 0.0298  0.0473  0.0201  19 GLU A CG  
163 C CD  . GLU A 20 ? 0.7462 0.6025 0.6835 0.0482  0.0560  0.0399  19 GLU A CD  
164 O OE1 . GLU A 20 ? 0.7403 0.6211 0.6553 0.0633  0.0325  0.0365  19 GLU A OE1 
165 O OE2 . GLU A 20 ? 0.8345 0.6434 0.7570 0.0490  0.0887  0.0570  19 GLU A OE2 
166 N N   . LEU A 21 ? 0.6346 0.5805 0.6261 0.0533  0.0114  -0.0257 20 LEU A N   
167 C CA  . LEU A 21 ? 0.6604 0.6148 0.6590 0.0689  0.0175  -0.0360 20 LEU A CA  
168 C C   . LEU A 21 ? 0.7190 0.6425 0.6970 0.0698  0.0239  -0.0509 20 LEU A C   
169 O O   . LEU A 21 ? 0.7347 0.6385 0.7131 0.0855  0.0299  -0.0572 20 LEU A O   
170 C CB  . LEU A 21 ? 0.6284 0.6226 0.6481 0.0671  0.0251  -0.0391 20 LEU A CB  
171 C CG  . LEU A 21 ? 0.6093 0.6369 0.6669 0.0756  0.0123  -0.0370 20 LEU A CG  
172 C CD1 . LEU A 21 ? 0.5881 0.6515 0.6821 0.0650  0.0243  -0.0424 20 LEU A CD1 
173 C CD2 . LEU A 21 ? 0.6318 0.6627 0.7171 0.1021  0.0039  -0.0444 20 LEU A CD2 
174 N N   . LEU A 22 ? 0.7376 0.6523 0.6932 0.0576  0.0178  -0.0593 21 LEU A N   
175 C CA  . LEU A 22 ? 0.8149 0.6915 0.7367 0.0632  0.0124  -0.0805 21 LEU A CA  
176 C C   . LEU A 22 ? 0.8580 0.7011 0.7975 0.0619  0.0057  -0.0892 21 LEU A C   
177 O O   . LEU A 22 ? 0.9115 0.7229 0.8315 0.0759  0.0101  -0.1041 21 LEU A O   
178 C CB  . LEU A 22 ? 0.8308 0.6998 0.7263 0.0559  -0.0089 -0.0915 21 LEU A CB  
179 C CG  . LEU A 22 ? 0.9163 0.7382 0.7570 0.0705  -0.0263 -0.1200 21 LEU A CG  
180 C CD1 . LEU A 22 ? 0.9716 0.7690 0.7477 0.0946  0.0035  -0.1198 21 LEU A CD1 
181 C CD2 . LEU A 22 ? 0.9389 0.7546 0.7619 0.0689  -0.0624 -0.1350 21 LEU A CD2 
182 N N   . GLU A 23 ? 0.8492 0.6922 0.8250 0.0461  0.0022  -0.0791 22 GLU A N   
183 C CA  . GLU A 23 ? 0.9140 0.7159 0.9145 0.0420  0.0081  -0.0819 22 GLU A CA  
184 C C   . GLU A 23 ? 0.9660 0.7457 0.9506 0.0650  0.0232  -0.0719 22 GLU A C   
185 O O   . GLU A 23 ? 1.0167 0.7548 0.9998 0.0713  0.0258  -0.0858 22 GLU A O   
186 C CB  . GLU A 23 ? 0.8970 0.6962 0.9353 0.0240  0.0198  -0.0643 22 GLU A CB  
187 C CG  . GLU A 23 ? 0.8914 0.7066 0.9747 0.0010  0.0039  -0.0826 22 GLU A CG  
188 C CD  . GLU A 23 ? 0.8805 0.7033 1.0048 -0.0150 0.0253  -0.0628 22 GLU A CD  
189 O OE1 . GLU A 23 ? 0.8906 0.7074 0.9832 -0.0046 0.0482  -0.0327 22 GLU A OE1 
190 O OE2 . GLU A 23 ? 0.8748 0.7077 1.0644 -0.0348 0.0177  -0.0805 22 GLU A OE2 
191 N N   . LYS A 24 ? 0.9749 0.7823 0.9523 0.0802  0.0280  -0.0525 23 LYS A N   
192 C CA  . LYS A 24 ? 1.0405 0.8332 1.0115 0.1090  0.0329  -0.0458 23 LYS A CA  
193 C C   . LYS A 24 ? 1.0806 0.8797 1.0511 0.1242  0.0375  -0.0659 23 LYS A C   
194 O O   . LYS A 24 ? 1.1316 0.8903 1.0956 0.1385  0.0434  -0.0743 23 LYS A O   
195 C CB  . LYS A 24 ? 1.0229 0.8477 0.9952 0.1254  0.0239  -0.0291 23 LYS A CB  
196 C CG  . LYS A 24 ? 1.0750 0.8741 1.0376 0.1623  0.0176  -0.0219 23 LYS A CG  
197 C CD  . LYS A 24 ? 1.0719 0.9055 1.0393 0.1847  -0.0063 -0.0167 23 LYS A CD  
198 C CE  . LYS A 24 ? 1.1256 0.9435 1.0943 0.2297  -0.0244 -0.0194 23 LYS A CE  
199 N NZ  . LYS A 24 ? 1.1369 0.9856 1.1146 0.2585  -0.0622 -0.0233 23 LYS A NZ  
200 N N   . TRP A 25 ? 1.0812 0.9229 1.0556 0.1220  0.0417  -0.0726 24 TRP A N   
201 C CA  . TRP A 25 ? 1.1339 0.9796 1.1070 0.1392  0.0611  -0.0877 24 TRP A CA  
202 C C   . TRP A 25 ? 1.2008 1.0080 1.1205 0.1338  0.0652  -0.1067 24 TRP A C   
203 O O   . TRP A 25 ? 1.2191 1.0334 1.1099 0.1333  0.0786  -0.1102 24 TRP A O   
204 C CB  . TRP A 25 ? 1.1048 1.0071 1.1172 0.1417  0.0747  -0.0837 24 TRP A CB  
205 C CG  . TRP A 25 ? 1.0876 1.0276 1.1540 0.1533  0.0569  -0.0751 24 TRP A CG  
206 C CD1 . TRP A 25 ? 1.0506 1.0164 1.1270 0.1431  0.0362  -0.0638 24 TRP A CD1 
207 C CD2 . TRP A 25 ? 1.1102 1.0605 1.2208 0.1841  0.0514  -0.0814 24 TRP A CD2 
208 N NE1 . TRP A 25 ? 1.0586 1.0451 1.1730 0.1676  0.0137  -0.0646 24 TRP A NE1 
209 C CE2 . TRP A 25 ? 1.0934 1.0737 1.2338 0.1938  0.0198  -0.0755 24 TRP A CE2 
210 C CE3 . TRP A 25 ? 1.1581 1.0920 1.2838 0.2086  0.0673  -0.0939 24 TRP A CE3 
211 C CZ2 . TRP A 25 ? 1.1151 1.1102 1.3000 0.2303  -0.0045 -0.0836 24 TRP A CZ2 
212 C CZ3 . TRP A 25 ? 1.1704 1.1244 1.3514 0.2422  0.0494  -0.0995 24 TRP A CZ3 
213 C CH2 . TRP A 25 ? 1.1517 1.1365 1.3618 0.2541  0.0099  -0.0953 24 TRP A CH2 
214 N N   . GLY A 26 ? 1.2536 1.0110 1.1555 0.1332  0.0528  -0.1205 25 GLY A N   
215 C CA  . GLY A 26 ? 1.3138 1.0267 1.1641 0.1320  0.0404  -0.1478 25 GLY A CA  
216 C C   . GLY A 26 ? 1.3371 1.0145 1.2096 0.1150  0.0149  -0.1618 25 GLY A C   
217 O O   . GLY A 26 ? 1.3025 0.9985 1.2175 0.0922  0.0053  -0.1490 25 GLY A O   
218 N N   . NH2 A 27 ? 1.4051 1.0316 1.2607 0.1229  0.0076  -0.1880 26 NH2 A N   
219 C C   . ACE B 1  ? 0.8591 0.8302 0.7658 0.0315  -0.0200 -0.0842 0  ACE C C   
220 O O   . ACE B 1  ? 0.8138 0.7996 0.7431 0.0308  -0.0138 -0.0701 0  ACE C O   
221 C CH3 . ACE B 1  ? 0.8960 0.8724 0.7789 0.0375  -0.0424 -0.0969 0  ACE C CH3 
222 N N   . SER B 2  ? 0.8640 0.8106 0.7616 0.0323  -0.0121 -0.0918 1  SER C N   
223 C CA  . SER B 2  ? 0.8310 0.7715 0.7467 0.0375  0.0006  -0.0846 1  SER C CA  
224 C C   . SER B 2  ? 0.7830 0.7229 0.7245 0.0209  -0.0029 -0.0753 1  SER C C   
225 O O   . SER B 2  ? 0.7162 0.6666 0.6768 0.0256  0.0046  -0.0632 1  SER C O   
226 C CB  . SER B 2  ? 0.8917 0.7940 0.7828 0.0514  -0.0007 -0.1008 1  SER C CB  
227 O OG  . SER B 2  ? 0.9062 0.7990 0.8090 0.0663  0.0018  -0.0986 1  SER C OG  
228 N N   . LYS B 3  ? 0.7608 0.6931 0.7010 -0.0028 -0.0123 -0.0844 2  LYS C N   
229 C CA  . LYS B 3  ? 0.7406 0.6742 0.6969 -0.0286 -0.0093 -0.0799 2  LYS C CA  
230 C C   . LYS B 3  ? 0.6414 0.6315 0.6368 -0.0258 -0.0068 -0.0714 2  LYS C C   
231 O O   . LYS B 3  ? 0.6188 0.6091 0.6256 -0.0318 0.0011  -0.0604 2  LYS C O   
232 C CB  . LYS B 3  ? 0.8040 0.7292 0.7505 -0.0669 -0.0139 -0.0988 2  LYS C CB  
233 C CG  . LYS B 3  ? 0.8731 0.7398 0.7876 -0.1010 -0.0056 -0.0952 2  LYS C CG  
234 C CD  . LYS B 3  ? 0.9737 0.7400 0.8197 -0.1012 -0.0127 -0.0994 2  LYS C CD  
235 C CE  . LYS B 3  ? 0.9891 0.7133 0.8143 -0.0501 -0.0188 -0.0883 2  LYS C CE  
236 N NZ  . LYS B 3  ? 1.0384 0.6931 0.8229 -0.0488 -0.0209 -0.0744 2  LYS C NZ  
237 N N   . LEU B 4  ? 0.6023 0.6291 0.6070 -0.0128 -0.0171 -0.0782 3  LEU C N   
238 C CA  . LEU B 4  ? 0.5725 0.6363 0.5991 -0.0002 -0.0216 -0.0736 3  LEU C CA  
239 C C   . LEU B 4  ? 0.5469 0.5904 0.5635 0.0144  -0.0106 -0.0511 3  LEU C C   
240 O O   . LEU B 4  ? 0.4955 0.5524 0.5290 0.0157  -0.0081 -0.0436 3  LEU C O   
241 C CB  . LEU B 4  ? 0.5929 0.6786 0.6102 0.0196  -0.0443 -0.0880 3  LEU C CB  
242 C CG  . LEU B 4  ? 0.5929 0.6998 0.6153 0.0447  -0.0595 -0.0885 3  LEU C CG  
243 C CD1 . LEU B 4  ? 0.5649 0.7269 0.6394 0.0333  -0.0553 -0.1009 3  LEU C CD1 
244 C CD2 . LEU B 4  ? 0.6384 0.7545 0.6377 0.0721  -0.0916 -0.1078 3  LEU C CD2 
245 N N   . LEU B 5  ? 0.5546 0.5722 0.5446 0.0223  -0.0027 -0.0452 4  LEU C N   
246 C CA  . LEU B 5  ? 0.5436 0.5563 0.5298 0.0260  0.0122  -0.0315 4  LEU C CA  
247 C C   . LEU B 5  ? 0.5035 0.5212 0.5172 0.0219  0.0190  -0.0270 4  LEU C C   
248 O O   . LEU B 5  ? 0.4761 0.5032 0.5015 0.0205  0.0246  -0.0177 4  LEU C O   
249 C CB  . LEU B 5  ? 0.5807 0.5844 0.5388 0.0299  0.0247  -0.0356 4  LEU C CB  
250 C CG  . LEU B 5  ? 0.6359 0.6174 0.5437 0.0326  0.0192  -0.0360 4  LEU C CG  
251 C CD1 . LEU B 5  ? 0.6797 0.6573 0.5582 0.0312  0.0368  -0.0454 4  LEU C CD1 
252 C CD2 . LEU B 5  ? 0.6642 0.6226 0.5404 0.0304  0.0172  -0.0213 4  LEU C CD2 
253 N N   . GLU B 6  ? 0.5207 0.5198 0.5327 0.0199  0.0155  -0.0342 5  GLU C N   
254 C CA  . GLU B 6  ? 0.5350 0.5161 0.5510 0.0198  0.0151  -0.0298 5  GLU C CA  
255 C C   . GLU B 6  ? 0.4963 0.4872 0.5256 0.0029  0.0160  -0.0215 5  GLU C C   
256 O O   . GLU B 6  ? 0.4573 0.4490 0.4935 0.0062  0.0179  -0.0131 5  GLU C O   
257 C CB  . GLU B 6  ? 0.6186 0.5469 0.6019 0.0201  0.0070  -0.0383 5  GLU C CB  
258 C CG  . GLU B 6  ? 0.6699 0.5890 0.6406 0.0482  0.0041  -0.0518 5  GLU C CG  
259 C CD  . GLU B 6  ? 0.7658 0.6134 0.6889 0.0537  -0.0088 -0.0628 5  GLU C CD  
260 O OE1 . GLU B 6  ? 0.8229 0.6218 0.7160 0.0247  -0.0126 -0.0585 5  GLU C OE1 
261 O OE2 . GLU B 6  ? 0.8156 0.6539 0.7264 0.0854  -0.0143 -0.0792 5  GLU C OE2 
262 N N   . LEU B 7  ? 0.4830 0.4904 0.5186 -0.0140 0.0143  -0.0291 6  LEU C N   
263 C CA  . LEU B 7  ? 0.4658 0.5039 0.5219 -0.0275 0.0176  -0.0305 6  LEU C CA  
264 C C   . LEU B 7  ? 0.4287 0.4865 0.4990 -0.0091 0.0168  -0.0214 6  LEU C C   
265 O O   . LEU B 7  ? 0.4293 0.4901 0.5059 -0.0129 0.0215  -0.0157 6  LEU C O   
266 C CB  . LEU B 7  ? 0.4742 0.5550 0.5487 -0.0413 0.0129  -0.0520 6  LEU C CB  
267 C CG  . LEU B 7  ? 0.4670 0.6070 0.5752 -0.0487 0.0154  -0.0666 6  LEU C CG  
268 C CD1 . LEU B 7  ? 0.4788 0.6039 0.5784 -0.0720 0.0324  -0.0586 6  LEU C CD1 
269 C CD2 . LEU B 7  ? 0.4794 0.6768 0.6128 -0.0677 0.0112  -0.0987 6  LEU C CD2 
270 N N   . LEU B 8  ? 0.4295 0.4883 0.4915 0.0076  0.0107  -0.0205 7  LEU C N   
271 C CA  . LEU B 8  ? 0.4407 0.4932 0.4936 0.0190  0.0095  -0.0112 7  LEU C CA  
272 C C   . LEU B 8  ? 0.4329 0.4757 0.4882 0.0135  0.0208  0.0002  7  LEU C C   
273 O O   . LEU B 8  ? 0.4246 0.4669 0.4829 0.0128  0.0213  0.0052  7  LEU C O   
274 C CB  . LEU B 8  ? 0.4856 0.5154 0.5024 0.0301  0.0028  -0.0100 7  LEU C CB  
275 C CG  . LEU B 8  ? 0.5341 0.5277 0.5123 0.0349  0.0013  0.0008  7  LEU C CG  
276 C CD1 . LEU B 8  ? 0.5534 0.5489 0.5353 0.0520  -0.0149 -0.0047 7  LEU C CD1 
277 C CD2 . LEU B 8  ? 0.6076 0.5596 0.5269 0.0401  -0.0042 0.0030  7  LEU C CD2 
278 N N   . ARG B 9  ? 0.4257 0.4665 0.4816 0.0129  0.0271  -0.0010 8  ARG C N   
279 C CA  . ARG B 9  ? 0.4212 0.4713 0.4898 0.0135  0.0323  0.0001  8  ARG C CA  
280 C C   . ARG B 9  ? 0.4086 0.4520 0.4843 0.0125  0.0264  0.0043  8  ARG C C   
281 O O   . ARG B 9  ? 0.3849 0.4369 0.4682 0.0104  0.0271  0.0074  8  ARG C O   
282 C CB  . ARG B 9  ? 0.4321 0.4904 0.5044 0.0248  0.0337  -0.0116 8  ARG C CB  
283 C CG  . ARG B 9  ? 0.4398 0.5247 0.5337 0.0347  0.0319  -0.0204 8  ARG C CG  
284 C CD  . ARG B 9  ? 0.4615 0.5747 0.5664 0.0533  0.0334  -0.0423 8  ARG C CD  
285 N NE  . ARG B 9  ? 0.4984 0.5729 0.5784 0.0682  0.0245  -0.0463 8  ARG C NE  
286 C CZ  . ARG B 9  ? 0.5570 0.5866 0.6149 0.0898  0.0051  -0.0504 8  ARG C CZ  
287 N NH1 . ARG B 9  ? 0.6175 0.6022 0.6432 0.0956  -0.0007 -0.0550 8  ARG C NH1 
288 N NH2 . ARG B 9  ? 0.5759 0.5915 0.6302 0.1053  -0.0112 -0.0503 8  ARG C NH2 
289 N N   . LYS B 10 ? 0.4222 0.4450 0.4865 0.0080  0.0225  0.0034  9  LYS C N   
290 C CA  . LYS B 10 ? 0.4467 0.4491 0.4980 -0.0001 0.0207  0.0081  9  LYS C CA  
291 C C   . LYS B 10 ? 0.4202 0.4452 0.4838 -0.0089 0.0262  0.0094  9  LYS C C   
292 O O   . LYS B 10 ? 0.4226 0.4407 0.4795 -0.0102 0.0256  0.0138  9  LYS C O   
293 C CB  . LYS B 10 ? 0.5002 0.4624 0.5189 -0.0162 0.0209  0.0058  9  LYS C CB  
294 C CG  . LYS B 10 ? 0.5570 0.4744 0.5469 -0.0011 0.0101  0.0025  9  LYS C CG  
295 C CD  . LYS B 10 ? 0.5997 0.4859 0.5681 0.0243  -0.0054 0.0043  9  LYS C CD  
296 C CE  . LYS B 10 ? 0.6710 0.5134 0.6093 0.0516  -0.0217 -0.0062 9  LYS C CE  
297 N NZ  . LYS B 10 ? 0.7216 0.5398 0.6400 0.0891  -0.0456 -0.0122 9  LYS C NZ  
298 N N   . LEU B 11 ? 0.4114 0.4621 0.4888 -0.0090 0.0274  0.0025  10 LEU C N   
299 C CA  . LEU B 11 ? 0.4131 0.4867 0.5009 -0.0056 0.0272  -0.0034 10 LEU C CA  
300 C C   . LEU B 11 ? 0.3945 0.4535 0.4752 0.0050  0.0236  0.0051  10 LEU C C   
301 O O   . LEU B 11 ? 0.3769 0.4366 0.4562 0.0054  0.0241  0.0041  10 LEU C O   
302 C CB  . LEU B 11 ? 0.4482 0.5512 0.5483 0.0041  0.0199  -0.0190 10 LEU C CB  
303 C CG  . LEU B 11 ? 0.5008 0.6473 0.6201 0.0133  0.0163  -0.0397 10 LEU C CG  
304 C CD1 . LEU B 11 ? 0.5240 0.6994 0.6551 -0.0144 0.0343  -0.0498 10 LEU C CD1 
305 C CD2 . LEU B 11 ? 0.5139 0.6975 0.6487 0.0283  0.0018  -0.0616 10 LEU C CD2 
306 N N   . LEU B 12 ? 0.3859 0.4309 0.4574 0.0078  0.0226  0.0110  11 LEU C N   
307 C CA  . LEU B 12 ? 0.3982 0.4263 0.4562 0.0035  0.0241  0.0166  11 LEU C CA  
308 C C   . LEU B 12 ? 0.3796 0.4190 0.4520 -0.0036 0.0259  0.0173  11 LEU C C   
309 O O   . LEU B 12 ? 0.3900 0.4207 0.4552 -0.0095 0.0247  0.0178  11 LEU C O   
310 C CB  . LEU B 12 ? 0.4302 0.4451 0.4685 -0.0040 0.0300  0.0190  11 LEU C CB  
311 C CG  . LEU B 12 ? 0.4577 0.4403 0.4584 0.0059  0.0223  0.0199  11 LEU C CG  
312 C CD1 . LEU B 12 ? 0.4892 0.4593 0.4639 -0.0067 0.0331  0.0220  11 LEU C CD1 
313 C CD2 . LEU B 12 ? 0.5112 0.4445 0.4689 0.0132  0.0112  0.0227  11 LEU C CD2 
314 N N   . GLU B 13 ? 0.3737 0.4241 0.4579 0.0003  0.0243  0.0152  12 GLU C N   
315 C CA  . GLU B 13 ? 0.3850 0.4391 0.4731 0.0044  0.0166  0.0129  12 GLU C CA  
316 C C   . GLU B 13 ? 0.4077 0.4426 0.4784 0.0015  0.0140  0.0174  12 GLU C C   
317 O O   . GLU B 13 ? 0.4000 0.4350 0.4676 0.0017  0.0075  0.0159  12 GLU C O   
318 C CB  . GLU B 13 ? 0.4155 0.4645 0.5012 0.0194  0.0081  0.0079  12 GLU C CB  
319 C CG  . GLU B 13 ? 0.4142 0.5001 0.5242 0.0266  0.0108  -0.0055 12 GLU C CG  
320 C CD  . GLU B 13 ? 0.4502 0.5237 0.5519 0.0494  0.0009  -0.0144 12 GLU C CD  
321 O OE1 . GLU B 13 ? 0.4811 0.5010 0.5471 0.0543  -0.0082 -0.0067 12 GLU C OE1 
322 O OE2 . GLU B 13 ? 0.4750 0.5895 0.6001 0.0601  0.0035  -0.0322 12 GLU C OE2 
323 N N   . ALA B 14 ? 0.4078 0.4342 0.4680 -0.0044 0.0207  0.0185  13 ALA C N   
324 C CA  . ALA B 14 ? 0.4168 0.4383 0.4616 -0.0129 0.0259  0.0168  13 ALA C CA  
325 C C   . ALA B 14 ? 0.4112 0.4437 0.4633 -0.0071 0.0251  0.0122  13 ALA C C   
326 O O   . ALA B 14 ? 0.4311 0.4545 0.4687 -0.0088 0.0235  0.0114  13 ALA C O   
327 C CB  . ALA B 14 ? 0.4210 0.4547 0.4643 -0.0276 0.0383  0.0092  13 ALA C CB  
328 N N   . LEU B 15 ? 0.4048 0.4433 0.4666 0.0011  0.0232  0.0090  14 LEU C N   
329 C CA  . LEU B 15 ? 0.4346 0.4570 0.4829 0.0101  0.0174  0.0047  14 LEU C CA  
330 C C   . LEU B 15 ? 0.4502 0.4524 0.4874 -0.0005 0.0139  0.0098  14 LEU C C   
331 O O   . LEU B 15 ? 0.4652 0.4507 0.4859 0.0011  0.0101  0.0050  14 LEU C O   
332 C CB  . LEU B 15 ? 0.4614 0.4668 0.4974 0.0221  0.0104  0.0035  14 LEU C CB  
333 C CG  . LEU B 15 ? 0.5261 0.4852 0.5239 0.0368  -0.0015 -0.0009 14 LEU C CG  
334 C CD1 . LEU B 15 ? 0.5366 0.5183 0.5420 0.0604  -0.0071 -0.0205 14 LEU C CD1 
335 C CD2 . LEU B 15 ? 0.5749 0.4932 0.5369 0.0485  -0.0122 0.0018  14 LEU C CD2 
336 N N   . HIS B 16 ? 0.4274 0.4389 0.4764 -0.0114 0.0153  0.0141  15 HIS C N   
337 C CA  . HIS B 16 ? 0.4399 0.4567 0.4922 -0.0258 0.0124  0.0102  15 HIS C CA  
338 C C   . HIS B 16 ? 0.4352 0.4579 0.4870 -0.0204 0.0029  0.0068  15 HIS C C   
339 O O   . HIS B 16 ? 0.4539 0.4682 0.4958 -0.0291 -0.0025 0.0010  15 HIS C O   
340 C CB  . HIS B 16 ? 0.4280 0.4795 0.5056 -0.0348 0.0169  0.0051  15 HIS C CB  
341 C CG  . HIS B 16 ? 0.4402 0.5234 0.5348 -0.0532 0.0150  -0.0091 15 HIS C CG  
342 N ND1 . HIS B 16 ? 0.4859 0.5479 0.5591 -0.0833 0.0219  -0.0126 15 HIS C ND1 
343 C CD2 . HIS B 16 ? 0.4359 0.5719 0.5651 -0.0457 0.0044  -0.0254 15 HIS C CD2 
344 C CE1 . HIS B 16 ? 0.4913 0.6042 0.5940 -0.1015 0.0199  -0.0322 15 HIS C CE1 
345 N NE2 . HIS B 16 ? 0.4493 0.6148 0.5912 -0.0741 0.0069  -0.0422 15 HIS C NE2 
346 N N   . LYS B 17 ? 0.4423 0.4668 0.4915 -0.0091 0.0003  0.0104  16 LYS C N   
347 C CA  . LYS B 17 ? 0.4837 0.4935 0.5089 -0.0043 -0.0099 0.0097  16 LYS C CA  
348 C C   . LYS B 17 ? 0.4974 0.4905 0.4993 -0.0085 -0.0033 0.0076  16 LYS C C   
349 O O   . LYS B 17 ? 0.5172 0.4990 0.4994 -0.0088 -0.0125 0.0035  16 LYS C O   
350 C CB  . LYS B 17 ? 0.5190 0.5044 0.5175 0.0021  -0.0123 0.0166  16 LYS C CB  
351 C CG  . LYS B 17 ? 0.5429 0.5326 0.5521 0.0168  -0.0244 0.0148  16 LYS C CG  
352 C CD  . LYS B 17 ? 0.5694 0.5878 0.5981 0.0337  -0.0470 0.0005  16 LYS C CD  
353 C CE  . LYS B 17 ? 0.5856 0.6191 0.6302 0.0562  -0.0584 -0.0089 16 LYS C CE  
354 N NZ  . LYS B 17 ? 0.6107 0.6960 0.6865 0.0786  -0.0829 -0.0340 16 LYS C NZ  
355 N N   . ALA B 18 ? 0.4830 0.4806 0.4886 -0.0077 0.0099  0.0058  17 ALA C N   
356 C CA  . ALA B 18 ? 0.5071 0.5030 0.4978 -0.0034 0.0161  -0.0051 17 ALA C CA  
357 C C   . ALA B 18 ? 0.5322 0.5041 0.5117 0.0005  0.0055  -0.0107 17 ALA C C   
358 O O   . ALA B 18 ? 0.5566 0.5153 0.5129 0.0032  0.0035  -0.0195 17 ALA C O   
359 C CB  . ALA B 18 ? 0.4820 0.5047 0.4902 0.0049  0.0264  -0.0154 17 ALA C CB  
360 N N   . ILE B 19 ? 0.5445 0.5032 0.5301 -0.0040 0.0006  -0.0065 18 ILE C N   
361 C CA  . ILE B 19 ? 0.6081 0.5260 0.5672 -0.0128 -0.0073 -0.0107 18 ILE C CA  
362 C C   . ILE B 19 ? 0.6191 0.5455 0.5799 -0.0304 -0.0148 -0.0147 18 ILE C C   
363 O O   . ILE B 19 ? 0.6682 0.5640 0.6009 -0.0345 -0.0217 -0.0234 18 ILE C O   
364 C CB  . ILE B 19 ? 0.6328 0.5231 0.5804 -0.0246 -0.0058 -0.0046 18 ILE C CB  
365 C CG1 . ILE B 19 ? 0.6510 0.5190 0.5815 0.0030  -0.0088 -0.0057 18 ILE C CG1 
366 C CG2 . ILE B 19 ? 0.7024 0.5385 0.6089 -0.0510 -0.0098 -0.0082 18 ILE C CG2 
367 C CD1 . ILE B 19 ? 0.6835 0.5236 0.5950 -0.0046 -0.0074 0.0036  18 ILE C CD1 
368 N N   . GLU B 20 ? 0.6014 0.5686 0.5928 -0.0358 -0.0173 -0.0126 19 GLU C N   
369 C CA  . GLU B 20 ? 0.6261 0.6142 0.6239 -0.0423 -0.0324 -0.0228 19 GLU C CA  
370 C C   . GLU B 20 ? 0.6624 0.6279 0.6254 -0.0299 -0.0405 -0.0246 19 GLU C C   
371 O O   . GLU B 20 ? 0.6689 0.6268 0.6169 -0.0373 -0.0532 -0.0361 19 GLU C O   
372 C CB  . GLU B 20 ? 0.6147 0.6489 0.6462 -0.0332 -0.0409 -0.0249 19 GLU C CB  
373 C CG  . GLU B 20 ? 0.6047 0.6810 0.6756 -0.0507 -0.0331 -0.0334 19 GLU C CG  
374 C CD  . GLU B 20 ? 0.6027 0.7304 0.7087 -0.0307 -0.0445 -0.0430 19 GLU C CD  
375 O OE1 . GLU B 20 ? 0.6018 0.7062 0.6911 -0.0050 -0.0498 -0.0312 19 GLU C OE1 
376 O OE2 . GLU B 20 ? 0.6300 0.8221 0.7779 -0.0418 -0.0479 -0.0665 19 GLU C OE2 
377 N N   . LEU B 21 ? 0.6602 0.6161 0.6066 -0.0165 -0.0306 -0.0158 20 LEU C N   
378 C CA  . LEU B 21 ? 0.7111 0.6447 0.6140 -0.0115 -0.0291 -0.0184 20 LEU C CA  
379 C C   . LEU B 21 ? 0.7351 0.6496 0.6193 -0.0103 -0.0250 -0.0313 20 LEU C C   
380 O O   . LEU B 21 ? 0.7743 0.6700 0.6245 -0.0104 -0.0333 -0.0398 20 LEU C O   
381 C CB  . LEU B 21 ? 0.7198 0.6532 0.6089 -0.0112 -0.0102 -0.0106 20 LEU C CB  
382 C CG  . LEU B 21 ? 0.7993 0.7032 0.6284 -0.0173 -0.0053 -0.0084 20 LEU C CG  
383 C CD1 . LEU B 21 ? 0.8409 0.7116 0.6357 -0.0097 -0.0324 0.0001  20 LEU C CD1 
384 C CD2 . LEU B 21 ? 0.8092 0.7205 0.6301 -0.0320 0.0221  -0.0057 20 LEU C CD2 
385 N N   . LEU B 22 ? 0.7274 0.6386 0.6250 -0.0045 -0.0167 -0.0344 21 LEU C N   
386 C CA  . LEU B 22 ? 0.7994 0.6775 0.6698 0.0070  -0.0192 -0.0498 21 LEU C CA  
387 C C   . LEU B 22 ? 0.8729 0.7090 0.7198 -0.0095 -0.0356 -0.0548 21 LEU C C   
388 O O   . LEU B 22 ? 0.9183 0.7145 0.7266 -0.0020 -0.0420 -0.0692 21 LEU C O   
389 C CB  . LEU B 22 ? 0.7946 0.6660 0.6736 0.0251  -0.0160 -0.0527 21 LEU C CB  
390 C CG  . LEU B 22 ? 0.8627 0.6913 0.7058 0.0536  -0.0249 -0.0727 21 LEU C CG  
391 C CD1 . LEU B 22 ? 0.8733 0.7391 0.7146 0.0749  -0.0147 -0.0962 21 LEU C CD1 
392 C CD2 . LEU B 22 ? 0.8742 0.6874 0.7182 0.0756  -0.0313 -0.0731 21 LEU C CD2 
393 N N   . GLU B 23 ? 0.8795 0.7290 0.7499 -0.0341 -0.0412 -0.0478 22 GLU C N   
394 C CA  . GLU B 23 ? 0.9555 0.7853 0.8128 -0.0628 -0.0534 -0.0583 22 GLU C CA  
395 C C   . GLU B 23 ? 0.9905 0.8432 0.8448 -0.0630 -0.0686 -0.0687 22 GLU C C   
396 O O   . GLU B 23 ? 1.0519 0.8742 0.8761 -0.0762 -0.0800 -0.0832 22 GLU C O   
397 C CB  . GLU B 23 ? 0.9358 0.7960 0.8278 -0.0938 -0.0495 -0.0561 22 GLU C CB  
398 C CG  . GLU B 23 ? 0.9623 0.7758 0.8323 -0.1024 -0.0370 -0.0464 22 GLU C CG  
399 C CD  . GLU B 23 ? 0.9486 0.8032 0.8529 -0.1335 -0.0254 -0.0444 22 GLU C CD  
400 O OE1 . GLU B 23 ? 0.8900 0.8241 0.8511 -0.1288 -0.0265 -0.0480 22 GLU C OE1 
401 O OE2 . GLU B 23 ? 1.0175 0.8175 0.8820 -0.1612 -0.0157 -0.0409 22 GLU C OE2 
402 N N   . LYS B 24 ? 1.0003 0.8943 0.8743 -0.0479 -0.0721 -0.0615 23 LYS C N   
403 C CA  . LYS B 24 ? 1.0699 0.9719 0.9240 -0.0402 -0.0924 -0.0693 23 LYS C CA  
404 C C   . LYS B 24 ? 1.1500 1.0075 0.9465 -0.0289 -0.0867 -0.0729 23 LYS C C   
405 O O   . LYS B 24 ? 1.1966 1.0284 0.9657 -0.0365 -0.0975 -0.0884 23 LYS C O   
406 C CB  . LYS B 24 ? 1.0618 0.9905 0.9274 -0.0221 -0.1005 -0.0587 23 LYS C CB  
407 C CG  . LYS B 24 ? 1.1184 1.0578 0.9676 -0.0087 -0.1349 -0.0705 23 LYS C CG  
408 C CD  . LYS B 24 ? 1.1370 1.0780 0.9802 0.0165  -0.1469 -0.0597 23 LYS C CD  
409 C CE  . LYS B 24 ? 1.2082 1.1410 1.0144 0.0436  -0.1903 -0.0720 23 LYS C CE  
410 N NZ  . LYS B 24 ? 1.1928 1.2072 1.0681 0.0531  -0.2205 -0.1013 23 LYS C NZ  
411 N N   . TRP B 25 ? 1.1879 1.0405 0.9669 -0.0152 -0.0666 -0.0629 24 TRP C N   
412 C CA  . TRP B 25 ? 1.2609 1.0898 0.9926 -0.0069 -0.0531 -0.0731 24 TRP C CA  
413 C C   . TRP B 25 ? 1.2802 1.0963 1.0221 0.0011  -0.0445 -0.0854 24 TRP C C   
414 O O   . TRP B 25 ? 1.2672 1.0969 1.0433 0.0055  -0.0357 -0.0789 24 TRP C O   
415 C CB  . TRP B 25 ? 1.2682 1.1085 0.9810 -0.0055 -0.0286 -0.0646 24 TRP C CB  
416 C CG  . TRP B 25 ? 1.3021 1.1269 0.9857 -0.0103 -0.0404 -0.0479 24 TRP C CG  
417 C CD1 . TRP B 25 ? 1.2902 1.1189 0.9817 -0.0143 -0.0322 -0.0314 24 TRP C CD1 
418 C CD2 . TRP B 25 ? 1.3698 1.1610 1.0009 -0.0062 -0.0690 -0.0483 24 TRP C CD2 
419 N NE1 . TRP B 25 ? 1.3516 1.1395 0.9905 -0.0098 -0.0549 -0.0207 24 TRP C NE1 
420 C CE2 . TRP B 25 ? 1.3993 1.1666 1.0014 -0.0021 -0.0795 -0.0312 24 TRP C CE2 
421 C CE3 . TRP B 25 ? 1.4175 1.1905 1.0168 -0.0030 -0.0905 -0.0637 24 TRP C CE3 
422 C CZ2 . TRP B 25 ? 1.4687 1.1914 1.0068 0.0122  -0.1151 -0.0293 24 TRP C CZ2 
423 C CZ3 . TRP B 25 ? 1.4785 1.2204 1.0235 0.0068  -0.1238 -0.0627 24 TRP C CZ3 
424 C CH2 . TRP B 25 ? 1.5079 1.2234 1.0210 0.0177  -0.1379 -0.0457 24 TRP C CH2 
425 N N   . GLY B 26 ? 1.3596 1.1390 1.0626 0.0066  -0.0520 -0.1043 25 GLY C N   
426 C CA  . GLY B 26 ? 1.4006 1.1391 1.0919 0.0198  -0.0548 -0.1182 25 GLY C CA  
427 C C   . GLY B 26 ? 1.4170 1.1226 1.1179 -0.0047 -0.0692 -0.1099 25 GLY C C   
428 O O   . GLY B 26 ? 1.4570 1.1131 1.1396 0.0019  -0.0717 -0.1124 25 GLY C O   
429 N N   . NH2 B 27 ? 1.4057 1.1330 1.1276 -0.0328 -0.0790 -0.1035 26 NH2 C N   
430 C C   . ACE C 1  ? 0.9575 0.9007 0.8595 0.0349  0.0375  -0.0926 0  ACE B C   
431 O O   . ACE C 1  ? 0.9556 0.8974 0.8546 0.0217  0.0298  -0.0883 0  ACE B O   
432 C CH3 . ACE C 1  ? 0.9671 0.8948 0.8861 0.0468  0.0399  -0.0865 0  ACE B CH3 
433 N N   . SER C 2  ? 0.9658 0.9243 0.8566 0.0422  0.0463  -0.1004 1  SER B N   
434 C CA  . SER C 2  ? 0.9487 0.9207 0.8162 0.0366  0.0486  -0.1022 1  SER B CA  
435 C C   . SER C 2  ? 0.8882 0.8809 0.7653 0.0254  0.0480  -0.0847 1  SER B C   
436 O O   . SER C 2  ? 0.8554 0.8468 0.7191 0.0159  0.0413  -0.0811 1  SER B O   
437 C CB  . SER C 2  ? 0.9815 0.9660 0.8360 0.0505  0.0650  -0.1093 1  SER B CB  
438 O OG  . SER C 2  ? 1.0046 1.0024 0.8347 0.0490  0.0724  -0.1038 1  SER B OG  
439 N N   . LYS C 3  ? 0.8464 0.8583 0.7497 0.0279  0.0534  -0.0763 2  LYS B N   
440 C CA  . LYS C 3  ? 0.8266 0.8580 0.7470 0.0181  0.0522  -0.0644 2  LYS B CA  
441 C C   . LYS C 3  ? 0.7831 0.8049 0.7055 0.0107  0.0372  -0.0587 2  LYS B C   
442 O O   . LYS C 3  ? 0.7669 0.7938 0.6893 0.0007  0.0332  -0.0519 2  LYS B O   
443 C CB  . LYS C 3  ? 0.8270 0.8853 0.7829 0.0237  0.0592  -0.0636 2  LYS B CB  
444 C CG  . LYS C 3  ? 0.8263 0.9056 0.8032 0.0141  0.0692  -0.0560 2  LYS B CG  
445 C CD  . LYS C 3  ? 0.8373 0.9405 0.8433 0.0202  0.0887  -0.0575 2  LYS B CD  
446 C CE  . LYS C 3  ? 0.8619 0.9703 0.8667 0.0133  0.1105  -0.0453 2  LYS B CE  
447 N NZ  . LYS C 3  ? 0.9047 0.9955 0.8573 0.0219  0.1215  -0.0436 2  LYS B NZ  
448 N N   . LEU C 4  ? 0.7629 0.7695 0.6869 0.0174  0.0315  -0.0600 3  LEU B N   
449 C CA  . LEU C 4  ? 0.7542 0.7493 0.6783 0.0135  0.0228  -0.0518 3  LEU B CA  
450 C C   . LEU C 4  ? 0.7396 0.7223 0.6521 0.0002  0.0183  -0.0526 3  LEU B C   
451 O O   . LEU C 4  ? 0.7054 0.6920 0.6205 -0.0071 0.0131  -0.0448 3  LEU B O   
452 C CB  . LEU C 4  ? 0.7808 0.7566 0.7080 0.0256  0.0239  -0.0492 3  LEU B CB  
453 C CG  . LEU C 4  ? 0.7929 0.7562 0.7206 0.0272  0.0217  -0.0354 3  LEU B CG  
454 C CD1 . LEU C 4  ? 0.7920 0.7789 0.7201 0.0321  0.0153  -0.0283 3  LEU B CD1 
455 C CD2 . LEU C 4  ? 0.8262 0.7669 0.7566 0.0429  0.0280  -0.0293 3  LEU B CD2 
456 N N   . LEU C 5  ? 0.7388 0.7087 0.6395 -0.0008 0.0188  -0.0646 4  LEU B N   
457 C CA  . LEU C 5  ? 0.7350 0.6990 0.6261 -0.0108 0.0103  -0.0703 4  LEU B CA  
458 C C   . LEU C 5  ? 0.7046 0.6870 0.5827 -0.0147 0.0100  -0.0637 4  LEU B C   
459 O O   . LEU C 5  ? 0.6970 0.6812 0.5746 -0.0223 0.0017  -0.0601 4  LEU B O   
460 C CB  . LEU C 5  ? 0.7749 0.7234 0.6545 -0.0071 0.0069  -0.0907 4  LEU B CB  
461 C CG  . LEU C 5  ? 0.7982 0.7353 0.6847 -0.0165 -0.0071 -0.1029 4  LEU B CG  
462 C CD1 . LEU C 5  ? 0.7964 0.7150 0.7173 -0.0235 -0.0060 -0.0979 4  LEU B CD1 
463 C CD2 . LEU C 5  ? 0.8393 0.7679 0.7078 -0.0097 -0.0148 -0.1295 4  LEU B CD2 
464 N N   . GLU C 6  ? 0.6818 0.6775 0.5547 -0.0088 0.0210  -0.0606 5  GLU B N   
465 C CA  . GLU C 6  ? 0.6703 0.6799 0.5392 -0.0123 0.0263  -0.0495 5  GLU B CA  
466 C C   . GLU C 6  ? 0.6405 0.6576 0.5320 -0.0202 0.0212  -0.0394 5  GLU B C   
467 O O   . GLU C 6  ? 0.6204 0.6394 0.5085 -0.0256 0.0183  -0.0322 5  GLU B O   
468 C CB  . GLU C 6  ? 0.6723 0.6950 0.5451 -0.0057 0.0442  -0.0463 5  GLU B CB  
469 N N   . LEU C 7  ? 0.6356 0.6570 0.5473 -0.0175 0.0198  -0.0400 6  LEU B N   
470 C CA  . LEU C 7  ? 0.6211 0.6498 0.5489 -0.0201 0.0128  -0.0349 6  LEU B CA  
471 C C   . LEU C 7  ? 0.6162 0.6342 0.5356 -0.0253 0.0048  -0.0311 6  LEU B C   
472 O O   . LEU C 7  ? 0.6080 0.6306 0.5308 -0.0301 0.0012  -0.0263 6  LEU B O   
473 C CB  . LEU C 7  ? 0.6087 0.6438 0.5495 -0.0096 0.0103  -0.0378 6  LEU B CB  
474 C CG  . LEU C 7  ? 0.5950 0.6383 0.5435 -0.0052 0.0011  -0.0359 6  LEU B CG  
475 C CD1 . LEU C 7  ? 0.5754 0.6328 0.5414 -0.0126 -0.0014 -0.0385 6  LEU B CD1 
476 C CD2 . LEU C 7  ? 0.6088 0.6611 0.5636 0.0113  -0.0026 -0.0397 6  LEU B CD2 
477 N N   . LEU C 8  ? 0.6341 0.6375 0.5484 -0.0243 0.0033  -0.0338 7  LEU B N   
478 C CA  . LEU C 8  ? 0.6426 0.6378 0.5599 -0.0305 -0.0020 -0.0311 7  LEU B CA  
479 C C   . LEU C 8  ? 0.6384 0.6385 0.5486 -0.0376 -0.0086 -0.0325 7  LEU B C   
480 O O   . LEU C 8  ? 0.6054 0.6103 0.5229 -0.0414 -0.0126 -0.0268 7  LEU B O   
481 C CB  . LEU C 8  ? 0.6761 0.6529 0.5993 -0.0306 -0.0007 -0.0368 7  LEU B CB  
482 C CG  . LEU C 8  ? 0.6967 0.6652 0.6374 -0.0391 -0.0038 -0.0359 7  LEU B CG  
483 C CD1 . LEU C 8  ? 0.6913 0.6625 0.6419 -0.0363 0.0030  -0.0196 7  LEU B CD1 
484 C CD2 . LEU C 8  ? 0.7359 0.6834 0.6910 -0.0411 -0.0022 -0.0458 7  LEU B CD2 
485 N N   . ARG C 9  ? 0.6583 0.6580 0.5513 -0.0358 -0.0088 -0.0395 8  ARG B N   
486 C CA  . ARG C 9  ? 0.6700 0.6742 0.5476 -0.0365 -0.0156 -0.0395 8  ARG B CA  
487 C C   . ARG C 9  ? 0.6473 0.6597 0.5277 -0.0376 -0.0122 -0.0259 8  ARG B C   
488 O O   . ARG C 9  ? 0.6502 0.6656 0.5314 -0.0393 -0.0200 -0.0220 8  ARG B O   
489 C CB  . ARG C 9  ? 0.7166 0.7191 0.5657 -0.0281 -0.0133 -0.0474 8  ARG B CB  
490 C CG  . ARG C 9  ? 0.7593 0.7659 0.5842 -0.0228 -0.0238 -0.0493 8  ARG B CG  
491 N N   . LYS C 10 ? 0.6405 0.6571 0.5288 -0.0365 -0.0013 -0.0204 9  LYS B N   
492 C CA  . LYS C 10 ? 0.6224 0.6440 0.5236 -0.0390 0.0025  -0.0107 9  LYS B CA  
493 C C   . LYS C 10 ? 0.5820 0.6060 0.4998 -0.0415 -0.0056 -0.0107 9  LYS B C   
494 O O   . LYS C 10 ? 0.5705 0.5947 0.4927 -0.0427 -0.0080 -0.0049 9  LYS B O   
495 C CB  . LYS C 10 ? 0.6446 0.6729 0.5634 -0.0389 0.0151  -0.0094 9  LYS B CB  
496 C CG  . LYS C 10 ? 0.6845 0.7113 0.5962 -0.0373 0.0304  0.0017  9  LYS B CG  
497 C CD  . LYS C 10 ? 0.7208 0.7431 0.5948 -0.0288 0.0337  0.0017  9  LYS B CD  
498 C CE  . LYS C 10 ? 0.7632 0.7840 0.6241 -0.0226 0.0540  0.0174  9  LYS B CE  
499 N NZ  . LYS C 10 ? 0.8164 0.8321 0.6274 -0.0089 0.0516  0.0182  9  LYS B NZ  
500 N N   . LEU C 11 ? 0.5612 0.5860 0.4856 -0.0395 -0.0080 -0.0157 10 LEU B N   
501 C CA  . LEU C 11 ? 0.5433 0.5710 0.4765 -0.0375 -0.0124 -0.0140 10 LEU B CA  
502 C C   . LEU C 11 ? 0.5485 0.5744 0.4811 -0.0410 -0.0171 -0.0103 10 LEU B C   
503 O O   . LEU C 11 ? 0.5399 0.5701 0.4793 -0.0398 -0.0193 -0.0071 10 LEU B O   
504 C CB  . LEU C 11 ? 0.5388 0.5659 0.4723 -0.0300 -0.0106 -0.0153 10 LEU B CB  
505 C CG  . LEU C 11 ? 0.5353 0.5709 0.4738 -0.0218 -0.0107 -0.0212 10 LEU B CG  
506 C CD1 . LEU C 11 ? 0.5454 0.5771 0.4765 -0.0100 -0.0087 -0.0188 10 LEU B CD1 
507 C CD2 . LEU C 11 ? 0.5381 0.5852 0.4883 -0.0186 -0.0167 -0.0269 10 LEU B CD2 
508 N N   . LEU C 12 ? 0.5632 0.5843 0.4916 -0.0445 -0.0197 -0.0136 11 LEU B N   
509 C CA  . LEU C 12 ? 0.5754 0.5997 0.5113 -0.0482 -0.0276 -0.0145 11 LEU B CA  
510 C C   . LEU C 12 ? 0.5795 0.6093 0.5071 -0.0461 -0.0337 -0.0108 11 LEU B C   
511 O O   . LEU C 12 ? 0.5721 0.6089 0.5115 -0.0459 -0.0391 -0.0081 11 LEU B O   
512 C CB  . LEU C 12 ? 0.5898 0.6087 0.5271 -0.0518 -0.0331 -0.0255 11 LEU B CB  
513 C CG  . LEU C 12 ? 0.5995 0.6087 0.5554 -0.0548 -0.0262 -0.0271 11 LEU B CG  
514 C CD1 . LEU C 12 ? 0.6264 0.6269 0.5865 -0.0584 -0.0331 -0.0431 11 LEU B CD1 
515 C CD2 . LEU C 12 ? 0.5943 0.6081 0.5775 -0.0578 -0.0215 -0.0188 11 LEU B CD2 
516 N N   . GLU C 13 ? 0.6140 0.6399 0.5223 -0.0429 -0.0305 -0.0085 12 GLU B N   
517 C CA  . GLU C 13 ? 0.6249 0.6507 0.5222 -0.0379 -0.0318 0.0007  12 GLU B CA  
518 C C   . GLU C 13 ? 0.5876 0.6129 0.5028 -0.0383 -0.0277 0.0080  12 GLU B C   
519 O O   . GLU C 13 ? 0.5720 0.5982 0.4894 -0.0343 -0.0326 0.0140  12 GLU B O   
520 C CB  . GLU C 13 ? 0.6740 0.6939 0.5477 -0.0328 -0.0223 0.0060  12 GLU B CB  
521 C CG  . GLU C 13 ? 0.7232 0.7439 0.5705 -0.0268 -0.0289 -0.0037 12 GLU B CG  
522 C CD  . GLU C 13 ? 0.7729 0.7890 0.5975 -0.0206 -0.0143 -0.0004 12 GLU B CD  
523 O OE1 . GLU C 13 ? 0.7892 0.8021 0.6209 -0.0213 0.0022  0.0132  12 GLU B OE1 
524 O OE2 . GLU C 13 ? 0.8200 0.8359 0.6229 -0.0146 -0.0185 -0.0127 12 GLU B OE2 
525 N N   . ALA C 14 ? 0.5533 0.5778 0.4819 -0.0411 -0.0209 0.0048  13 ALA B N   
526 C CA  . ALA C 14 ? 0.5317 0.5569 0.4786 -0.0399 -0.0206 0.0042  13 ALA B CA  
527 C C   . ALA C 14 ? 0.5187 0.5505 0.4714 -0.0368 -0.0266 0.0029  13 ALA B C   
528 O O   . ALA C 14 ? 0.5086 0.5401 0.4700 -0.0329 -0.0286 0.0050  13 ALA B O   
529 C CB  . ALA C 14 ? 0.5286 0.5567 0.4874 -0.0402 -0.0174 -0.0046 13 ALA B CB  
530 N N   . LEU C 15 ? 0.5190 0.5558 0.4709 -0.0379 -0.0271 0.0003  14 LEU B N   
531 C CA  . LEU C 15 ? 0.5329 0.5776 0.4965 -0.0353 -0.0273 0.0019  14 LEU B CA  
532 C C   . LEU C 15 ? 0.5427 0.5937 0.5146 -0.0355 -0.0350 0.0048  14 LEU B C   
533 O O   . LEU C 15 ? 0.5458 0.6035 0.5297 -0.0303 -0.0347 0.0070  14 LEU B O   
534 C CB  . LEU C 15 ? 0.5433 0.5884 0.5118 -0.0382 -0.0224 0.0020  14 LEU B CB  
535 C CG  . LEU C 15 ? 0.5480 0.6017 0.5367 -0.0368 -0.0165 0.0072  14 LEU B CG  
536 C CD1 . LEU C 15 ? 0.5493 0.6073 0.5325 -0.0244 -0.0089 0.0106  14 LEU B CD1 
537 C CD2 . LEU C 15 ? 0.5609 0.6100 0.5627 -0.0418 -0.0085 0.0095  14 LEU B CD2 
538 N N   . HIS C 16 ? 0.5724 0.6228 0.5356 -0.0383 -0.0427 0.0034  15 HIS B N   
539 C CA  . HIS C 16 ? 0.6051 0.6638 0.5709 -0.0339 -0.0543 0.0047  15 HIS B CA  
540 C C   . HIS C 16 ? 0.6053 0.6592 0.5691 -0.0258 -0.0530 0.0137  15 HIS B C   
541 O O   . HIS C 16 ? 0.6089 0.6722 0.5888 -0.0204 -0.0573 0.0154  15 HIS B O   
542 C CB  . HIS C 16 ? 0.6437 0.7007 0.5871 -0.0323 -0.0634 0.0005  15 HIS B CB  
543 C CG  . HIS C 16 ? 0.6782 0.7483 0.6213 -0.0242 -0.0805 -0.0023 15 HIS B CG  
544 N ND1 . HIS C 16 ? 0.6849 0.7728 0.6608 -0.0244 -0.0890 -0.0063 15 HIS B ND1 
545 C CD2 . HIS C 16 ? 0.7237 0.7944 0.6371 -0.0129 -0.0917 -0.0024 15 HIS B CD2 
546 C CE1 . HIS C 16 ? 0.7056 0.8065 0.6759 -0.0141 -0.1077 -0.0108 15 HIS B CE1 
547 N NE2 . HIS C 16 ? 0.7473 0.8371 0.6753 -0.0055 -0.1103 -0.0083 15 HIS B NE2 
548 N N   . LYS C 17 ? 0.6052 0.6439 0.5556 -0.0253 -0.0452 0.0189  16 LYS B N   
549 C CA  . LYS C 17 ? 0.6206 0.6485 0.5764 -0.0193 -0.0413 0.0269  16 LYS B CA  
550 C C   . LYS C 17 ? 0.5984 0.6294 0.5753 -0.0171 -0.0395 0.0205  16 LYS B C   
551 O O   . LYS C 17 ? 0.6038 0.6325 0.5904 -0.0093 -0.0415 0.0242  16 LYS B O   
552 C CB  . LYS C 17 ? 0.6492 0.6606 0.6000 -0.0226 -0.0299 0.0320  16 LYS B CB  
553 C CG  . LYS C 17 ? 0.6941 0.7003 0.6188 -0.0199 -0.0261 0.0421  16 LYS B CG  
554 C CD  . LYS C 17 ? 0.7547 0.7539 0.6638 -0.0067 -0.0285 0.0581  16 LYS B CD  
555 C CE  . LYS C 17 ? 0.8026 0.7951 0.6772 0.0012  -0.0210 0.0708  16 LYS B CE  
556 N NZ  . LYS C 17 ? 0.8623 0.8436 0.7176 0.0188  -0.0189 0.0921  16 LYS B NZ  
557 N N   . ALA C 18 ? 0.5675 0.6037 0.5481 -0.0206 -0.0356 0.0112  17 ALA B N   
558 C CA  . ALA C 18 ? 0.5701 0.6111 0.5612 -0.0135 -0.0334 0.0038  17 ALA B CA  
559 C C   . ALA C 18 ? 0.5682 0.6239 0.5702 -0.0076 -0.0340 0.0070  17 ALA B C   
560 O O   . ALA C 18 ? 0.5544 0.6122 0.5658 0.0022  -0.0328 0.0043  17 ALA B O   
561 C CB  . ALA C 18 ? 0.5565 0.6011 0.5407 -0.0133 -0.0293 -0.0043 17 ALA B CB  
562 N N   . ILE C 19 ? 0.5844 0.6513 0.5904 -0.0135 -0.0358 0.0104  18 ILE B N   
563 C CA  . ILE C 19 ? 0.6170 0.7025 0.6460 -0.0105 -0.0358 0.0126  18 ILE B CA  
564 C C   . ILE C 19 ? 0.6337 0.7230 0.6713 -0.0031 -0.0460 0.0156  18 ILE B C   
565 O O   . ILE C 19 ? 0.6528 0.7545 0.7099 0.0055  -0.0439 0.0162  18 ILE B O   
566 C CB  . ILE C 19 ? 0.6244 0.7205 0.6670 -0.0208 -0.0371 0.0117  18 ILE B CB  
567 C CG1 . ILE C 19 ? 0.6299 0.7208 0.6680 -0.0240 -0.0232 0.0130  18 ILE B CG1 
568 C CG2 . ILE C 19 ? 0.6257 0.7448 0.7055 -0.0198 -0.0394 0.0120  18 ILE B CG2 
569 C CD1 . ILE C 19 ? 0.6401 0.7312 0.6909 -0.0358 -0.0239 0.0109  18 ILE B CD1 
570 N N   . GLU C 20 ? 0.6653 0.7442 0.6864 -0.0035 -0.0553 0.0192  19 GLU B N   
571 C CA  . GLU C 20 ? 0.7006 0.7784 0.7223 0.0082  -0.0642 0.0263  19 GLU B CA  
572 C C   . GLU C 20 ? 0.7111 0.7758 0.7399 0.0175  -0.0572 0.0282  19 GLU B C   
573 O O   . GLU C 20 ? 0.7177 0.7902 0.7617 0.0293  -0.0614 0.0309  19 GLU B O   
574 C CB  . GLU C 20 ? 0.7329 0.7969 0.7260 0.0100  -0.0698 0.0342  19 GLU B CB  
575 C CG  . GLU C 20 ? 0.7567 0.8360 0.7413 0.0071  -0.0827 0.0281  19 GLU B CG  
576 C CD  . GLU C 20 ? 0.8083 0.8736 0.7551 0.0111  -0.0841 0.0348  19 GLU B CD  
577 O OE1 . GLU C 20 ? 0.8305 0.8736 0.7630 0.0103  -0.0699 0.0450  19 GLU B OE1 
578 O OE2 . GLU C 20 ? 0.8457 0.9235 0.7787 0.0162  -0.0991 0.0285  19 GLU B OE2 
579 N N   . LEU C 21 ? 0.7011 0.7478 0.7230 0.0132  -0.0482 0.0239  20 LEU B N   
580 C CA  . LEU C 21 ? 0.7097 0.7429 0.7425 0.0214  -0.0434 0.0186  20 LEU B CA  
581 C C   . LEU C 21 ? 0.7168 0.7674 0.7624 0.0304  -0.0399 0.0094  20 LEU B C   
582 O O   . LEU C 21 ? 0.7422 0.7891 0.8003 0.0430  -0.0394 0.0067  20 LEU B O   
583 C CB  . LEU C 21 ? 0.7118 0.7274 0.7412 0.0141  -0.0382 0.0097  20 LEU B CB  
584 C CG  . LEU C 21 ? 0.7289 0.7229 0.7551 0.0074  -0.0350 0.0198  20 LEU B CG  
585 C CD1 . LEU C 21 ? 0.7281 0.7147 0.7612 -0.0022 -0.0305 0.0074  20 LEU B CD1 
586 C CD2 . LEU C 21 ? 0.7568 0.7293 0.7958 0.0166  -0.0328 0.0298  20 LEU B CD2 
587 N N   . LEU C 22 ? 0.7063 0.7743 0.7491 0.0258  -0.0349 0.0064  21 LEU B N   
588 C CA  . LEU C 22 ? 0.7308 0.8165 0.7831 0.0361  -0.0256 0.0027  21 LEU B CA  
589 C C   . LEU C 22 ? 0.7522 0.8584 0.8314 0.0421  -0.0272 0.0093  21 LEU B C   
590 O O   . LEU C 22 ? 0.7592 0.8745 0.8509 0.0564  -0.0206 0.0064  21 LEU B O   
591 C CB  . LEU C 22 ? 0.7238 0.8200 0.7681 0.0301  -0.0161 0.0041  21 LEU B CB  
592 C CG  . LEU C 22 ? 0.7404 0.8537 0.7895 0.0427  0.0004  0.0056  21 LEU B CG  
593 C CD1 . LEU C 22 ? 0.7680 0.8734 0.7943 0.0604  0.0037  -0.0072 21 LEU B CD1 
594 C CD2 . LEU C 22 ? 0.7329 0.8538 0.7822 0.0346  0.0121  0.0148  21 LEU B CD2 
595 N N   . GLU C 23 ? 0.7772 0.8931 0.8660 0.0332  -0.0371 0.0157  22 GLU B N   
596 C CA  . GLU C 23 ? 0.8055 0.9462 0.9258 0.0390  -0.0441 0.0188  22 GLU B CA  
597 C C   . GLU C 23 ? 0.8561 0.9888 0.9791 0.0553  -0.0514 0.0213  22 GLU B C   
598 O O   . GLU C 23 ? 0.8669 1.0183 1.0167 0.0677  -0.0487 0.0206  22 GLU B O   
599 C CB  . GLU C 23 ? 0.7990 0.9513 0.9257 0.0282  -0.0588 0.0193  22 GLU B CB  
600 C CG  . GLU C 23 ? 0.7924 0.9557 0.9327 0.0132  -0.0503 0.0162  22 GLU B CG  
601 C CD  . GLU C 23 ? 0.7983 0.9653 0.9384 0.0016  -0.0660 0.0107  22 GLU B CD  
602 O OE1 . GLU C 23 ? 0.8157 0.9722 0.9292 0.0058  -0.0817 0.0109  22 GLU B OE1 
603 O OE2 . GLU C 23 ? 0.7985 0.9769 0.9648 -0.0104 -0.0610 0.0066  22 GLU B OE2 
604 N N   . LYS C 24 ? 0.9077 1.0119 1.0063 0.0563  -0.0577 0.0257  23 LYS B N   
605 C CA  . LYS C 24 ? 0.9570 1.0452 1.0580 0.0725  -0.0618 0.0316  23 LYS B CA  
606 C C   . LYS C 24 ? 0.9928 1.0703 1.1041 0.0836  -0.0511 0.0224  23 LYS B C   
607 O O   . LYS C 24 ? 1.0186 1.0947 1.1455 0.1004  -0.0532 0.0246  23 LYS B O   
608 C CB  . LYS C 24 ? 0.9801 1.0362 1.0556 0.0703  -0.0649 0.0425  23 LYS B CB  
609 C CG  . LYS C 24 ? 0.9922 1.0583 1.0502 0.0685  -0.0775 0.0519  23 LYS B CG  
610 C CD  . LYS C 24 ? 1.0324 1.0747 1.0700 0.0827  -0.0812 0.0705  23 LYS B CD  
611 C CE  . LYS C 24 ? 1.0429 1.0469 1.0666 0.0748  -0.0657 0.0778  23 LYS B CE  
612 N NZ  . LYS C 24 ? 1.0816 1.0619 1.0818 0.0884  -0.0638 0.1020  23 LYS B NZ  
613 N N   . TRP C 25 ? 1.0200 1.0910 1.1210 0.0774  -0.0412 0.0104  24 TRP B N   
614 C CA  . TRP C 25 ? 1.0593 1.1208 1.1636 0.0906  -0.0336 -0.0044 24 TRP B CA  
615 C C   . TRP C 25 ? 1.0698 1.1526 1.1666 0.0932  -0.0219 -0.0139 24 TRP B C   
616 O O   . TRP C 25 ? 1.0988 1.1707 1.1774 0.0953  -0.0189 -0.0281 24 TRP B O   
617 C CB  . TRP C 25 ? 1.0728 1.0979 1.1689 0.0863  -0.0357 -0.0132 24 TRP B CB  
618 C CG  . TRP C 25 ? 1.0857 1.0848 1.1872 0.0843  -0.0405 0.0019  24 TRP B CG  
619 C CD1 . TRP C 25 ? 1.0822 1.0674 1.1719 0.0704  -0.0416 0.0141  24 TRP B CD1 
620 C CD2 . TRP C 25 ? 1.1135 1.0966 1.2312 0.1003  -0.0421 0.0094  24 TRP B CD2 
621 N NE1 . TRP C 25 ? 1.1127 1.0735 1.2071 0.0773  -0.0417 0.0313  24 TRP B NE1 
622 C CE2 . TRP C 25 ? 1.1262 1.0839 1.2382 0.0957  -0.0428 0.0292  24 TRP B CE2 
623 C CE3 . TRP C 25 ? 1.1270 1.1141 1.2627 0.1203  -0.0412 0.0027  24 TRP B CE3 
624 C CZ2 . TRP C 25 ? 1.1586 1.0924 1.2808 0.1112  -0.0427 0.0450  24 TRP B CZ2 
625 C CZ3 . TRP C 25 ? 1.1529 1.1170 1.3023 0.1347  -0.0432 0.0154  24 TRP B CZ3 
626 C CH2 . TRP C 25 ? 1.1675 1.1040 1.3094 0.1303  -0.0439 0.0376  24 TRP B CH2 
627 N N   . GLY C 26 ? 1.0764 1.1906 1.1895 0.0949  -0.0149 -0.0057 25 GLY B N   
628 C CA  . GLY C 26 ? 1.0885 1.2227 1.1967 0.1000  0.0026  -0.0076 25 GLY B CA  
629 C C   . GLY C 26 ? 1.0850 1.2521 1.2239 0.0940  0.0120  0.0055  25 GLY B C   
630 O O   . GLY C 26 ? 1.0900 1.2685 1.2547 0.0847  0.0002  0.0119  25 GLY B O   
631 N N   . NH2 C 27 ? 1.0916 1.2755 1.2327 0.0995  0.0323  0.0095  26 NH2 B N   
632 C C   . ACE D 1  ? 0.9495 0.8640 0.8515 -0.0123 0.0323  -0.1030 0  ACE D C   
633 O O   . ACE D 1  ? 0.9187 0.8375 0.8475 -0.0175 0.0320  -0.0956 0  ACE D O   
634 C CH3 . ACE D 1  ? 0.9744 0.8957 0.8576 -0.0290 0.0169  -0.1132 0  ACE D CH3 
635 N N   . SER D 2  ? 0.9456 0.8599 0.8333 0.0069  0.0459  -0.1037 1  SER D N   
636 C CA  . SER D 2  ? 0.9111 0.8380 0.8189 0.0247  0.0604  -0.0981 1  SER D CA  
637 C C   . SER D 2  ? 0.8305 0.7917 0.7772 0.0169  0.0620  -0.0799 1  SER D C   
638 O O   . SER D 2  ? 0.7956 0.7609 0.7667 0.0207  0.0636  -0.0751 1  SER D O   
639 C CB  . SER D 2  ? 0.9401 0.8856 0.8282 0.0438  0.0760  -0.1052 1  SER D CB  
640 O OG  . SER D 2  ? 0.9489 0.9143 0.8526 0.0670  0.0871  -0.1079 1  SER D OG  
641 N N   . LYS D 3  ? 0.8039 0.7798 0.7463 0.0074  0.0596  -0.0701 2  LYS D N   
642 C CA  . LYS D 3  ? 0.7617 0.7506 0.7234 -0.0003 0.0585  -0.0542 2  LYS D CA  
643 C C   . LYS D 3  ? 0.7174 0.7035 0.7038 -0.0034 0.0456  -0.0524 2  LYS D C   
644 O O   . LYS D 3  ? 0.6791 0.6723 0.6867 -0.0051 0.0471  -0.0441 2  LYS D O   
645 C CB  . LYS D 3  ? 0.7998 0.7801 0.7292 -0.0068 0.0552  -0.0443 2  LYS D CB  
646 C CG  . LYS D 3  ? 0.8428 0.8341 0.7460 -0.0130 0.0724  -0.0416 2  LYS D CG  
647 N N   . LEU D 4  ? 0.7102 0.6928 0.6922 -0.0069 0.0337  -0.0618 3  LEU D N   
648 C CA  . LEU D 4  ? 0.6725 0.6704 0.6776 -0.0134 0.0237  -0.0627 3  LEU D CA  
649 C C   . LEU D 4  ? 0.6465 0.6339 0.6679 -0.0196 0.0300  -0.0627 3  LEU D C   
650 O O   . LEU D 4  ? 0.6090 0.6099 0.6523 -0.0215 0.0288  -0.0568 3  LEU D O   
651 C CB  . LEU D 4  ? 0.6927 0.7076 0.6893 -0.0227 0.0102  -0.0750 3  LEU D CB  
652 C CG  . LEU D 4  ? 0.6775 0.7339 0.6990 -0.0327 0.0005  -0.0798 3  LEU D CG  
653 C CD1 . LEU D 4  ? 0.6594 0.7369 0.6970 -0.0127 -0.0039 -0.0714 3  LEU D CD1 
654 C CD2 . LEU D 4  ? 0.7047 0.7960 0.7177 -0.0434 -0.0137 -0.0943 3  LEU D CD2 
655 N N   . LEU D 5  ? 0.6561 0.6125 0.6584 -0.0188 0.0355  -0.0698 4  LEU D N   
656 C CA  . LEU D 5  ? 0.6649 0.5947 0.6667 -0.0174 0.0390  -0.0684 4  LEU D CA  
657 C C   . LEU D 5  ? 0.6263 0.5758 0.6530 -0.0020 0.0462  -0.0580 4  LEU D C   
658 O O   . LEU D 5  ? 0.6124 0.5580 0.6501 -0.0039 0.0449  -0.0523 4  LEU D O   
659 C CB  . LEU D 5  ? 0.7255 0.6036 0.6864 -0.0081 0.0408  -0.0798 4  LEU D CB  
660 C CG  . LEU D 5  ? 0.7850 0.6273 0.7099 -0.0327 0.0320  -0.0920 4  LEU D CG  
661 C CD1 . LEU D 5  ? 0.8652 0.6464 0.7380 -0.0164 0.0331  -0.1059 4  LEU D CD1 
662 C CD2 . LEU D 5  ? 0.8105 0.6332 0.7297 -0.0632 0.0265  -0.0890 4  LEU D CD2 
663 N N   . GLU D 6  ? 0.6165 0.5899 0.6481 0.0084  0.0537  -0.0557 5  GLU D N   
664 C CA  . GLU D 6  ? 0.5898 0.5934 0.6445 0.0137  0.0600  -0.0473 5  GLU D CA  
665 C C   . GLU D 6  ? 0.5489 0.5608 0.6203 0.0003  0.0540  -0.0373 5  GLU D C   
666 O O   . GLU D 6  ? 0.5287 0.5500 0.6170 0.0007  0.0535  -0.0325 5  GLU D O   
667 C CB  . GLU D 6  ? 0.5936 0.6281 0.6445 0.0161  0.0714  -0.0476 5  GLU D CB  
668 C CG  . GLU D 6  ? 0.6316 0.6708 0.6683 0.0392  0.0793  -0.0606 5  GLU D CG  
669 N N   . LEU D 7  ? 0.5577 0.5643 0.6187 -0.0064 0.0474  -0.0362 6  LEU D N   
670 C CA  . LEU D 7  ? 0.5375 0.5451 0.6039 -0.0090 0.0389  -0.0310 6  LEU D CA  
671 C C   . LEU D 7  ? 0.5215 0.5364 0.6068 -0.0106 0.0355  -0.0332 6  LEU D C   
672 O O   . LEU D 7  ? 0.5061 0.5249 0.6017 -0.0104 0.0347  -0.0285 6  LEU D O   
673 C CB  . LEU D 7  ? 0.5637 0.5660 0.6096 -0.0042 0.0286  -0.0332 6  LEU D CB  
674 C CG  . LEU D 7  ? 0.5612 0.5654 0.6038 0.0068  0.0161  -0.0330 6  LEU D CG  
675 C CD1 . LEU D 7  ? 0.5793 0.5590 0.6120 0.0058  0.0170  -0.0239 6  LEU D CD1 
676 C CD2 . LEU D 7  ? 0.5924 0.5915 0.6068 0.0210  0.0034  -0.0359 6  LEU D CD2 
677 N N   . LEU D 8  ? 0.5346 0.5476 0.6171 -0.0172 0.0340  -0.0405 7  LEU D N   
678 C CA  . LEU D 8  ? 0.5421 0.5572 0.6315 -0.0282 0.0334  -0.0412 7  LEU D CA  
679 C C   . LEU D 8  ? 0.5266 0.5253 0.6187 -0.0231 0.0381  -0.0342 7  LEU D C   
680 O O   . LEU D 8  ? 0.4918 0.4993 0.5924 -0.0270 0.0373  -0.0303 7  LEU D O   
681 C CB  . LEU D 8  ? 0.5929 0.5927 0.6636 -0.0466 0.0320  -0.0493 7  LEU D CB  
682 C CG  . LEU D 8  ? 0.6320 0.6715 0.7079 -0.0649 0.0254  -0.0585 7  LEU D CG  
683 C CD1 . LEU D 8  ? 0.6075 0.6935 0.7065 -0.0682 0.0251  -0.0575 7  LEU D CD1 
684 C CD2 . LEU D 8  ? 0.6451 0.7062 0.7205 -0.0521 0.0181  -0.0643 7  LEU D CD2 
685 N N   . ARG D 9  ? 0.5452 0.5259 0.6278 -0.0108 0.0421  -0.0343 8  ARG D N   
686 C CA  . ARG D 9  ? 0.5686 0.5447 0.6538 0.0026  0.0433  -0.0297 8  ARG D CA  
687 C C   . ARG D 9  ? 0.5207 0.5305 0.6304 0.0022  0.0432  -0.0234 8  ARG D C   
688 O O   . ARG D 9  ? 0.5291 0.5396 0.6428 0.0032  0.0402  -0.0190 8  ARG D O   
689 C CB  . ARG D 9  ? 0.6133 0.5831 0.6867 0.0253  0.0470  -0.0352 8  ARG D CB  
690 C CG  . ARG D 9  ? 0.7051 0.6181 0.7377 0.0311  0.0445  -0.0428 8  ARG D CG  
691 C CD  . ARG D 9  ? 0.7700 0.6780 0.7863 0.0663  0.0471  -0.0515 8  ARG D CD  
692 N NE  . ARG D 9  ? 0.8526 0.7081 0.8259 0.0705  0.0462  -0.0632 8  ARG D NE  
693 C CZ  . ARG D 9  ? 0.9526 0.7266 0.8734 0.0651  0.0384  -0.0663 8  ARG D CZ  
694 N NH1 . ARG D 9  ? 0.9999 0.7351 0.9032 0.0543  0.0320  -0.0566 8  ARG D NH1 
695 N NH2 . ARG D 9  ? 1.0207 0.7440 0.8971 0.0664  0.0368  -0.0791 8  ARG D NH2 
696 N N   . LYS D 10 ? 0.5006 0.5293 0.6169 -0.0023 0.0455  -0.0229 9  LYS D N   
697 C CA  . LYS D 10 ? 0.4941 0.5383 0.6192 -0.0104 0.0438  -0.0176 9  LYS D CA  
698 C C   . LYS D 10 ? 0.4799 0.5135 0.6037 -0.0134 0.0371  -0.0167 9  LYS D C   
699 O O   . LYS D 10 ? 0.4877 0.5266 0.6163 -0.0155 0.0342  -0.0143 9  LYS D O   
700 C CB  . LYS D 10 ? 0.5028 0.5465 0.6152 -0.0214 0.0465  -0.0155 9  LYS D CB  
701 C CG  . LYS D 10 ? 0.5326 0.6035 0.6464 -0.0231 0.0568  -0.0171 9  LYS D CG  
702 C CD  . LYS D 10 ? 0.5273 0.6449 0.6638 -0.0193 0.0605  -0.0190 9  LYS D CD  
703 C CE  . LYS D 10 ? 0.5505 0.7158 0.6906 -0.0207 0.0727  -0.0235 9  LYS D CE  
704 N NZ  . LYS D 10 ? 0.5560 0.7790 0.7208 0.0015  0.0744  -0.0310 9  LYS D NZ  
705 N N   . LEU D 11 ? 0.4835 0.5107 0.6006 -0.0121 0.0341  -0.0207 10 LEU D N   
706 C CA  . LEU D 11 ? 0.4882 0.5234 0.6065 -0.0098 0.0292  -0.0238 10 LEU D CA  
707 C C   . LEU D 11 ? 0.4638 0.5055 0.5887 -0.0153 0.0319  -0.0220 10 LEU D C   
708 O O   . LEU D 11 ? 0.4469 0.4943 0.5717 -0.0133 0.0298  -0.0219 10 LEU D O   
709 C CB  . LEU D 11 ? 0.5065 0.5580 0.6227 -0.0062 0.0256  -0.0316 10 LEU D CB  
710 C CG  . LEU D 11 ? 0.5435 0.5858 0.6422 0.0092  0.0170  -0.0342 10 LEU D CG  
711 C CD1 . LEU D 11 ? 0.5464 0.6214 0.6480 0.0156  0.0114  -0.0439 10 LEU D CD1 
712 C CD2 . LEU D 11 ? 0.5809 0.6096 0.6649 0.0237  0.0101  -0.0355 10 LEU D CD2 
713 N N   . LEU D 12 ? 0.4838 0.5137 0.6036 -0.0216 0.0353  -0.0205 11 LEU D N   
714 C CA  . LEU D 12 ? 0.4904 0.5073 0.5994 -0.0281 0.0365  -0.0157 11 LEU D CA  
715 C C   . LEU D 12 ? 0.4888 0.5025 0.6001 -0.0164 0.0337  -0.0099 11 LEU D C   
716 O O   . LEU D 12 ? 0.4695 0.4812 0.5727 -0.0191 0.0322  -0.0057 11 LEU D O   
717 C CB  . LEU D 12 ? 0.5340 0.5135 0.6175 -0.0364 0.0380  -0.0152 11 LEU D CB  
718 C CG  . LEU D 12 ? 0.5430 0.5306 0.6192 -0.0607 0.0399  -0.0218 11 LEU D CG  
719 C CD1 . LEU D 12 ? 0.5963 0.5303 0.6369 -0.0697 0.0392  -0.0234 11 LEU D CD1 
720 C CD2 . LEU D 12 ? 0.5488 0.5612 0.6224 -0.0832 0.0435  -0.0208 11 LEU D CD2 
721 N N   . GLU D 13 ? 0.4918 0.5136 0.6130 -0.0056 0.0329  -0.0103 12 GLU D N   
722 C CA  . GLU D 13 ? 0.4914 0.5321 0.6215 0.0022  0.0288  -0.0077 12 GLU D CA  
723 C C   . GLU D 13 ? 0.4583 0.5103 0.5928 -0.0083 0.0255  -0.0082 12 GLU D C   
724 O O   . GLU D 13 ? 0.4535 0.5121 0.5860 -0.0071 0.0203  -0.0062 12 GLU D O   
725 C CB  . GLU D 13 ? 0.5050 0.5729 0.6479 0.0100  0.0313  -0.0107 12 GLU D CB  
726 C CG  . GLU D 13 ? 0.5443 0.5992 0.6751 0.0330  0.0319  -0.0133 12 GLU D CG  
727 C CD  . GLU D 13 ? 0.5733 0.6605 0.7145 0.0429  0.0384  -0.0201 12 GLU D CD  
728 O OE1 . GLU D 13 ? 0.5545 0.6806 0.7131 0.0262  0.0435  -0.0207 12 GLU D OE1 
729 O OE2 . GLU D 13 ? 0.6449 0.7132 0.7685 0.0670  0.0387  -0.0254 12 GLU D OE2 
730 N N   . ALA D 14 ? 0.4421 0.4879 0.5737 -0.0150 0.0263  -0.0116 13 ALA D N   
731 C CA  . ALA D 14 ? 0.4538 0.4909 0.5740 -0.0189 0.0210  -0.0146 13 ALA D CA  
732 C C   . ALA D 14 ? 0.4587 0.4991 0.5739 -0.0137 0.0204  -0.0170 13 ALA D C   
733 O O   . ALA D 14 ? 0.4641 0.5020 0.5697 -0.0143 0.0156  -0.0188 13 ALA D O   
734 C CB  . ALA D 14 ? 0.4594 0.4749 0.5632 -0.0174 0.0191  -0.0180 13 ALA D CB  
735 N N   . LEU D 15 ? 0.4648 0.5135 0.5827 -0.0131 0.0259  -0.0176 14 LEU D N   
736 C CA  . LEU D 15 ? 0.4819 0.5457 0.5936 -0.0161 0.0292  -0.0195 14 LEU D CA  
737 C C   . LEU D 15 ? 0.4963 0.5504 0.5974 -0.0203 0.0282  -0.0113 14 LEU D C   
738 O O   . LEU D 15 ? 0.4943 0.5565 0.5845 -0.0206 0.0280  -0.0129 14 LEU D O   
739 C CB  . LEU D 15 ? 0.4932 0.5729 0.6073 -0.0275 0.0362  -0.0212 14 LEU D CB  
740 C CG  . LEU D 15 ? 0.5145 0.6236 0.6209 -0.0419 0.0435  -0.0233 14 LEU D CG  
741 C CD1 . LEU D 15 ? 0.5174 0.6663 0.6293 -0.0249 0.0429  -0.0360 14 LEU D CD1 
742 C CD2 . LEU D 15 ? 0.5248 0.6502 0.6308 -0.0651 0.0495  -0.0251 14 LEU D CD2 
743 N N   . HIS D 16 ? 0.5123 0.5483 0.6115 -0.0187 0.0263  -0.0038 15 HIS D N   
744 C CA  . HIS D 16 ? 0.5568 0.5796 0.6396 -0.0131 0.0207  0.0041  15 HIS D CA  
745 C C   . HIS D 16 ? 0.5457 0.5876 0.6345 -0.0086 0.0126  0.0013  15 HIS D C   
746 O O   . HIS D 16 ? 0.5768 0.6162 0.6477 -0.0080 0.0087  0.0047  15 HIS D O   
747 C CB  . HIS D 16 ? 0.5893 0.5930 0.6668 0.0009  0.0169  0.0085  15 HIS D CB  
748 C CG  . HIS D 16 ? 0.6454 0.6293 0.6965 0.0167  0.0077  0.0163  15 HIS D CG  
749 N ND1 . HIS D 16 ? 0.6565 0.6557 0.7143 0.0431  -0.0019 0.0152  15 HIS D ND1 
750 C CD2 . HIS D 16 ? 0.6987 0.6526 0.7125 0.0120  0.0052  0.0251  15 HIS D CD2 
751 C CE1 . HIS D 16 ? 0.7097 0.6854 0.7346 0.0601  -0.0126 0.0227  15 HIS D CE1 
752 N NE2 . HIS D 16 ? 0.7350 0.6753 0.7285 0.0394  -0.0082 0.0302  15 HIS D NE2 
753 N N   . LYS D 17 ? 0.5291 0.5859 0.6358 -0.0103 0.0098  -0.0046 16 LYS D N   
754 C CA  . LYS D 17 ? 0.5467 0.6152 0.6516 -0.0164 0.0011  -0.0091 16 LYS D CA  
755 C C   . LYS D 17 ? 0.5694 0.6234 0.6536 -0.0182 0.0007  -0.0157 16 LYS D C   
756 O O   . LYS D 17 ? 0.5799 0.6361 0.6500 -0.0201 -0.0067 -0.0181 16 LYS D O   
757 C CB  . LYS D 17 ? 0.5423 0.6177 0.6571 -0.0291 -0.0002 -0.0133 16 LYS D CB  
758 C CG  . LYS D 17 ? 0.5495 0.6546 0.6867 -0.0274 0.0028  -0.0106 16 LYS D CG  
759 C CD  . LYS D 17 ? 0.5550 0.7015 0.7052 -0.0143 -0.0043 -0.0092 16 LYS D CD  
760 C CE  . LYS D 17 ? 0.5583 0.7416 0.7295 -0.0049 0.0005  -0.0108 16 LYS D CE  
761 N NZ  . LYS D 17 ? 0.5663 0.8104 0.7538 0.0147  -0.0083 -0.0140 16 LYS D NZ  
762 N N   . ALA D 18 ? 0.5691 0.6141 0.6498 -0.0140 0.0075  -0.0209 17 ALA D N   
763 C CA  . ALA D 18 ? 0.6009 0.6429 0.6618 -0.0056 0.0081  -0.0312 17 ALA D CA  
764 C C   . ALA D 18 ? 0.6264 0.6865 0.6775 -0.0065 0.0130  -0.0285 17 ALA D C   
765 O O   . ALA D 18 ? 0.6511 0.7110 0.6811 -0.0012 0.0105  -0.0363 17 ALA D O   
766 C CB  . ALA D 18 ? 0.5948 0.6418 0.6582 0.0067  0.0128  -0.0389 17 ALA D CB  
767 N N   . ILE D 19 ? 0.6537 0.7201 0.7103 -0.0147 0.0197  -0.0173 18 ILE D N   
768 C CA  . ILE D 19 ? 0.6949 0.7644 0.7286 -0.0227 0.0246  -0.0101 18 ILE D CA  
769 C C   . ILE D 19 ? 0.7294 0.7849 0.7456 -0.0186 0.0126  -0.0041 18 ILE D C   
770 O O   . ILE D 19 ? 0.7504 0.8086 0.7401 -0.0209 0.0134  -0.0035 18 ILE D O   
771 C CB  . ILE D 19 ? 0.7208 0.7773 0.7467 -0.0378 0.0326  0.0016  18 ILE D CB  
772 C CG1 . ILE D 19 ? 0.7094 0.7970 0.7518 -0.0474 0.0439  -0.0069 18 ILE D CG1 
773 C CG2 . ILE D 19 ? 0.7721 0.8114 0.7568 -0.0519 0.0363  0.0133  18 ILE D CG2 
774 C CD1 . ILE D 19 ? 0.7321 0.7992 0.7663 -0.0677 0.0491  0.0014  18 ILE D CD1 
775 N N   . GLU D 20 ? 0.7263 0.7769 0.7570 -0.0125 0.0014  -0.0009 19 GLU D N   
776 C CA  . GLU D 20 ? 0.7604 0.8166 0.7813 -0.0067 -0.0131 0.0013  19 GLU D CA  
777 C C   . GLU D 20 ? 0.7781 0.8414 0.7892 -0.0120 -0.0195 -0.0115 19 GLU D C   
778 O O   . GLU D 20 ? 0.8239 0.8906 0.8126 -0.0106 -0.0287 -0.0110 19 GLU D O   
779 C CB  . GLU D 20 ? 0.7588 0.8320 0.8042 0.0016  -0.0226 0.0034  19 GLU D CB  
780 C CG  . GLU D 20 ? 0.7823 0.8348 0.8188 0.0166  -0.0212 0.0146  19 GLU D CG  
781 C CD  . GLU D 20 ? 0.7838 0.8626 0.8473 0.0319  -0.0268 0.0124  19 GLU D CD  
782 O OE1 . GLU D 20 ? 0.7672 0.8802 0.8622 0.0206  -0.0252 0.0038  19 GLU D OE1 
783 O OE2 . GLU D 20 ? 0.8346 0.8957 0.8803 0.0563  -0.0328 0.0190  19 GLU D OE2 
784 N N   . LEU D 21 ? 0.7656 0.8215 0.7830 -0.0162 -0.0164 -0.0232 20 LEU D N   
785 C CA  . LEU D 21 ? 0.7978 0.8376 0.7886 -0.0182 -0.0230 -0.0377 20 LEU D CA  
786 C C   . LEU D 21 ? 0.8387 0.8806 0.8013 -0.0079 -0.0160 -0.0437 20 LEU D C   
787 O O   . LEU D 21 ? 0.8546 0.8872 0.7872 -0.0076 -0.0242 -0.0528 20 LEU D O   
788 C CB  . LEU D 21 ? 0.7915 0.8023 0.7781 -0.0188 -0.0230 -0.0480 20 LEU D CB  
789 C CG  . LEU D 21 ? 0.7836 0.7832 0.7763 -0.0402 -0.0324 -0.0474 20 LEU D CG  
790 C CD1 . LEU D 21 ? 0.8025 0.7574 0.7773 -0.0391 -0.0309 -0.0531 20 LEU D CD1 
791 C CD2 . LEU D 21 ? 0.8155 0.8093 0.7842 -0.0599 -0.0475 -0.0547 20 LEU D CD2 
792 N N   . LEU D 22 ? 0.8292 0.8884 0.7992 -0.0028 -0.0003 -0.0403 21 LEU D N   
793 C CA  . LEU D 22 ? 0.8722 0.9531 0.8190 0.0019  0.0110  -0.0459 21 LEU D CA  
794 C C   . LEU D 22 ? 0.9111 0.9902 0.8310 -0.0071 0.0076  -0.0345 21 LEU D C   
795 O O   . LEU D 22 ? 0.9416 1.0256 0.8301 -0.0026 0.0075  -0.0434 21 LEU D O   
796 C CB  . LEU D 22 ? 0.8511 0.9658 0.8146 -0.0024 0.0290  -0.0432 21 LEU D CB  
797 C CG  . LEU D 22 ? 0.8323 0.9601 0.8166 0.0138  0.0313  -0.0573 21 LEU D CG  
798 C CD1 . LEU D 22 ? 0.8115 0.9773 0.8202 0.0015  0.0450  -0.0520 21 LEU D CD1 
799 C CD2 . LEU D 22 ? 0.8581 1.0006 0.8199 0.0411  0.0319  -0.0802 21 LEU D CD2 
800 N N   . GLU D 23 ? 0.9293 0.9965 0.8546 -0.0149 0.0032  -0.0159 22 GLU D N   
801 C CA  . GLU D 23 ? 0.9947 1.0488 0.8858 -0.0166 -0.0051 -0.0027 22 GLU D CA  
802 C C   . GLU D 23 ? 1.0330 1.0892 0.9101 -0.0102 -0.0235 -0.0120 22 GLU D C   
803 O O   . GLU D 23 ? 1.0864 1.1404 0.9241 -0.0100 -0.0266 -0.0099 22 GLU D O   
804 C CB  . GLU D 23 ? 0.9967 1.0283 0.8912 -0.0137 -0.0122 0.0154  22 GLU D CB  
805 C CG  . GLU D 23 ? 1.0080 1.0191 0.8893 -0.0279 0.0040  0.0275  22 GLU D CG  
806 C CD  . GLU D 23 ? 1.0048 0.9865 0.8960 -0.0202 -0.0019 0.0375  22 GLU D CD  
807 O OE1 . GLU D 23 ? 0.9903 0.9748 0.8960 0.0010  -0.0187 0.0374  22 GLU D OE1 
808 O OE2 . GLU D 23 ? 1.0219 0.9830 0.9046 -0.0361 0.0104  0.0436  22 GLU D OE2 
809 N N   . LYS D 24 ? 1.0347 1.0947 0.9383 -0.0101 -0.0354 -0.0225 23 LYS D N   
810 C CA  . LYS D 24 ? 1.0734 1.1354 0.9611 -0.0142 -0.0537 -0.0349 23 LYS D CA  
811 C C   . LYS D 24 ? 1.1143 1.1589 0.9678 -0.0121 -0.0488 -0.0539 23 LYS D C   
812 O O   . LYS D 24 ? 1.1648 1.2087 0.9807 -0.0104 -0.0545 -0.0586 23 LYS D O   
813 C CB  . LYS D 24 ? 1.0658 1.1370 0.9847 -0.0262 -0.0657 -0.0408 23 LYS D CB  
814 C CG  . LYS D 24 ? 1.0596 1.1662 1.0085 -0.0216 -0.0754 -0.0281 23 LYS D CG  
815 C CD  . LYS D 24 ? 1.0488 1.1837 1.0298 -0.0399 -0.0839 -0.0357 23 LYS D CD  
816 C CE  . LYS D 24 ? 1.0400 1.2311 1.0524 -0.0272 -0.0942 -0.0277 23 LYS D CE  
817 N NZ  . LYS D 24 ? 1.0288 1.2675 1.0769 -0.0497 -0.0983 -0.0359 23 LYS D NZ  
818 N N   . TRP D 25 ? 1.1031 1.1317 0.9640 -0.0071 -0.0397 -0.0656 24 TRP D N   
819 C CA  . TRP D 25 ? 1.1443 1.1511 0.9676 0.0071  -0.0367 -0.0874 24 TRP D CA  
820 C C   . TRP D 25 ? 1.1395 1.1759 0.9691 0.0251  -0.0145 -0.0900 24 TRP D C   
821 O O   . TRP D 25 ? 1.1852 1.2288 0.9832 0.0439  -0.0078 -0.1074 24 TRP D O   
822 C CB  . TRP D 25 ? 1.1671 1.1242 0.9784 0.0050  -0.0479 -0.1017 24 TRP D CB  
# 
